data_3J04
#
_entry.id   3J04
#
_cell.length_a   1.000
_cell.length_b   1.000
_cell.length_c   1.000
_cell.angle_alpha   90.00
_cell.angle_beta   90.00
_cell.angle_gamma   90.00
#
_symmetry.space_group_name_H-M   'P 1'
#
loop_
_entity.id
_entity.type
_entity.pdbx_description
1 polymer Myosin-11
2 polymer 'Myosin regulatory light chain 2, smooth muscle major isoform'
3 polymer 'Myosin light polypeptide 6'
#
loop_
_entity_poly.entity_id
_entity_poly.type
_entity_poly.pdbx_seq_one_letter_code
_entity_poly.pdbx_strand_id
1 'polypeptide(L)'
;SQKPLSDDEKFLFVDKNFVNNPLAQADWSAKKLVWVPSEKHGFEAASIKEEKGDEVTVELQENGKKVTLSKDDIQKMNPP
KFSKVEDMAELTCLNEASVLHNLRERYFSGLIYTYSGLFCVVINPYKQLPIYSEKIIDMYKGKKRHEMPPHIYAIADTAY
RSMLQDREDQSILCTGESGAGKTENTKKVIQYLAVVASSHKGKKDTSITQGPSFSYGELEKQLLQANPILEAFGNAKTVK
NDNSSRFGKFIRINFDVTGYIVGANIETYLLEKSRAIRQAKDERTFHIFYYLIAGASEQMRNDLLLEGFNNYTFLSNGHV
PIPAQQDDEMFQETLEAMTIMGFTEEEQTSILRVVSSVLQLGNIVFKKERNTDQASMPDNTAAQKVCHLMGINVTDFTRS
ILTPRIKVGRDVVQKAQTKEQADFAIEALAKAKFERLFRWILTRVNKALDKTKRQGASFLGILDIAGFEIFEINSFEQLC
INYTNEKLQQLFNHTMFILEQEEYQREGIEWNFIDFGLDLQPCIELIERPTNPPGVLALLDEECWFPKATDTSFVEKLIQ
EQGNHAKFQKSKQLKDKTEFCILHYAGKVTYNASAWLTKNMDPLNDNVTSLLNQSSDKFVADLWKDVDRIVGLDQMAKMT
ESSLPSASKTKKGMFRTVGQLYKEQLTKLMTTLRNTNPNFVRCIIPNHEKRAGKLDAHLVLEQLRCNGVLEGIRICRQGF
PNRIVFQEFRQRYEILAANAIPKGFMDGKQACILMIKALELDPNLYRIGQSKIFFRTGVLAHLEEERDLKITDVIIAFQA
QCRGYLARKAFAKRQQQLTAMKVIQRNCAAYLKLRNWQWWRLFTKVKPLLQVTRQEEEMQAKDEELQRTKERQQKAEAEL
KELEQKHTQLCEEKNLLQEKLQAETELYA
;
A,D
2 'polypeptide(L)'
;FDQSQIQEFKEAFNMIDQNRDGFIDKEDLHDMLASMGKNPTDEYLEGMMSEAPGPINFTMFLTMFGEKLNGTDPEDVIRN
AFACFDEEASGFIHEDHLRELLTTMGDRFTDEEVDEMYREAPIDKKGNFNYVEFTRILKHGAK
;
B,E
3 'polypeptide(L)'
;FSEEQTAEFKEAFQLFDRTGDGKILYSQCGDVMRALGQNPTNAEVMKVLGNPKSDEMNLKTLKFEQFLPMMQTIAKNKDQ
GCFEDYVEGLRVFDKEGNGTVMGAEIRHVLVTLGEKMTEEEVEQLVAGHEDSNGCINYEELVRMVLSG
;
C,F
#
# COMPACT_ATOMS: atom_id res chain seq x y z
N SER A 1 -36.52 53.60 -64.19
CA SER A 1 -36.09 53.44 -65.45
C SER A 1 -35.45 52.17 -65.81
N GLN A 2 -34.73 52.01 -66.91
CA GLN A 2 -34.10 50.80 -67.37
C GLN A 2 -32.59 51.05 -67.56
N LYS A 3 -31.82 50.00 -67.90
CA LYS A 3 -30.40 50.06 -68.22
C LYS A 3 -30.08 51.09 -69.33
N PRO A 4 -29.04 51.92 -69.28
CA PRO A 4 -28.69 52.83 -70.38
C PRO A 4 -28.26 52.11 -71.66
N LEU A 5 -28.34 52.81 -72.81
CA LEU A 5 -28.09 52.22 -74.11
C LEU A 5 -26.86 52.85 -74.73
N SER A 6 -25.94 52.01 -75.27
CA SER A 6 -24.80 52.45 -76.09
C SER A 6 -25.28 53.06 -77.39
N ASP A 7 -24.43 53.84 -78.05
CA ASP A 7 -24.63 54.43 -79.35
C ASP A 7 -24.95 53.43 -80.49
N ASP A 8 -24.19 52.33 -80.60
CA ASP A 8 -24.47 51.23 -81.53
C ASP A 8 -25.81 50.54 -81.23
N GLU A 9 -26.07 50.29 -79.93
CA GLU A 9 -27.27 49.69 -79.37
C GLU A 9 -28.55 50.43 -79.68
N LYS A 10 -28.52 51.79 -79.74
CA LYS A 10 -29.66 52.63 -80.08
C LYS A 10 -30.20 52.42 -81.50
N PHE A 11 -29.50 51.66 -82.38
CA PHE A 11 -30.01 51.32 -83.68
C PHE A 11 -30.79 49.99 -83.66
N LEU A 12 -30.98 49.39 -82.45
CA LEU A 12 -31.93 48.30 -82.24
C LEU A 12 -32.86 48.59 -81.07
N PHE A 13 -32.38 49.27 -79.99
CA PHE A 13 -33.14 49.46 -78.77
C PHE A 13 -33.74 50.87 -78.67
N VAL A 14 -35.07 50.96 -78.46
CA VAL A 14 -35.75 52.22 -78.17
C VAL A 14 -35.34 52.94 -76.88
N ASP A 15 -35.09 54.27 -76.98
CA ASP A 15 -34.91 55.14 -75.82
C ASP A 15 -36.15 55.33 -74.95
N LYS A 16 -36.08 54.82 -73.70
CA LYS A 16 -37.19 54.85 -72.75
C LYS A 16 -36.80 55.48 -71.41
N ASN A 17 -35.54 55.96 -71.27
CA ASN A 17 -35.09 56.57 -70.02
C ASN A 17 -35.20 58.07 -70.12
N PHE A 18 -36.42 58.59 -70.04
CA PHE A 18 -36.72 60.01 -70.08
C PHE A 18 -37.68 60.28 -68.96
N VAL A 19 -37.84 61.55 -68.55
CA VAL A 19 -38.86 61.95 -67.60
C VAL A 19 -40.29 61.66 -68.10
N ASN A 20 -41.18 61.21 -67.19
CA ASN A 20 -42.59 60.99 -67.42
C ASN A 20 -43.35 62.30 -67.61
N ASN A 21 -43.17 62.95 -68.78
CA ASN A 21 -43.66 64.28 -69.07
C ASN A 21 -45.19 64.43 -68.92
N PRO A 22 -45.71 65.44 -68.23
CA PRO A 22 -47.15 65.68 -68.20
C PRO A 22 -47.67 66.24 -69.50
N LEU A 23 -46.80 66.69 -70.42
CA LEU A 23 -47.20 67.42 -71.62
C LEU A 23 -48.07 66.63 -72.58
N ALA A 24 -47.62 65.42 -73.02
CA ALA A 24 -48.40 64.60 -73.92
C ALA A 24 -49.52 63.87 -73.21
N GLN A 25 -49.40 63.71 -71.87
CA GLN A 25 -50.48 63.23 -71.04
C GLN A 25 -51.61 64.24 -70.89
N ALA A 26 -51.30 65.53 -70.68
CA ALA A 26 -52.27 66.63 -70.60
C ALA A 26 -52.96 66.91 -71.94
N ASP A 27 -52.19 66.88 -73.04
CA ASP A 27 -52.63 67.06 -74.42
C ASP A 27 -53.74 66.09 -74.81
N TRP A 28 -53.75 64.86 -74.22
CA TRP A 28 -54.80 63.86 -74.33
C TRP A 28 -56.24 64.34 -74.21
N SER A 29 -56.48 65.55 -73.67
CA SER A 29 -57.75 66.28 -73.62
C SER A 29 -58.31 66.56 -75.00
N ALA A 30 -57.42 66.77 -75.99
CA ALA A 30 -57.75 66.78 -77.39
C ALA A 30 -58.05 65.36 -77.89
N LYS A 31 -59.13 64.74 -77.38
CA LYS A 31 -59.59 63.39 -77.72
C LYS A 31 -60.40 63.43 -79.01
N LYS A 32 -60.19 64.52 -79.75
CA LYS A 32 -60.67 64.75 -81.08
C LYS A 32 -59.51 64.79 -82.06
N LEU A 33 -58.26 64.49 -81.60
CA LEU A 33 -57.12 64.17 -82.45
C LEU A 33 -57.37 62.96 -83.35
N VAL A 34 -56.98 63.09 -84.62
CA VAL A 34 -57.21 62.14 -85.69
C VAL A 34 -56.11 62.34 -86.71
N TRP A 35 -55.96 61.38 -87.63
CA TRP A 35 -55.11 61.54 -88.79
C TRP A 35 -55.98 61.93 -89.97
N VAL A 36 -55.53 62.93 -90.78
CA VAL A 36 -56.25 63.37 -91.97
C VAL A 36 -55.32 63.16 -93.17
N PRO A 37 -55.81 62.94 -94.40
CA PRO A 37 -54.95 62.64 -95.55
C PRO A 37 -54.10 63.83 -95.99
N SER A 38 -52.88 63.56 -96.45
CA SER A 38 -51.90 64.60 -96.78
C SER A 38 -51.15 64.21 -98.04
N GLU A 39 -51.04 65.13 -99.01
CA GLU A 39 -50.24 64.97 -100.21
C GLU A 39 -48.74 64.73 -99.94
N LYS A 40 -48.15 65.50 -99.02
CA LYS A 40 -46.74 65.41 -98.65
C LYS A 40 -46.47 64.23 -97.71
N HIS A 41 -46.99 64.33 -96.49
CA HIS A 41 -46.99 63.22 -95.55
C HIS A 41 -48.10 62.89 -96.53
N GLY A 42 -48.66 61.68 -96.51
CA GLY A 42 -49.57 60.54 -96.57
C GLY A 42 -50.74 60.79 -95.67
N PHE A 43 -50.44 60.95 -94.38
CA PHE A 43 -51.38 61.34 -93.36
C PHE A 43 -50.65 62.29 -92.41
N GLU A 44 -51.35 63.32 -91.93
CA GLU A 44 -50.82 64.32 -90.99
C GLU A 44 -51.82 64.43 -89.84
N ALA A 45 -51.38 64.99 -88.70
CA ALA A 45 -52.16 64.97 -87.47
C ALA A 45 -53.03 66.22 -87.34
N ALA A 46 -54.28 66.04 -86.89
CA ALA A 46 -55.24 67.12 -86.88
C ALA A 46 -56.31 66.84 -85.84
N SER A 47 -57.06 67.88 -85.42
CA SER A 47 -58.01 67.76 -84.32
C SER A 47 -59.39 68.21 -84.75
N ILE A 48 -60.42 67.36 -84.56
CA ILE A 48 -61.81 67.62 -84.88
C ILE A 48 -62.41 68.75 -84.06
N LYS A 49 -63.05 69.74 -84.73
CA LYS A 49 -63.56 70.93 -84.08
C LYS A 49 -65.07 71.04 -84.18
N GLU A 50 -65.72 70.21 -85.03
CA GLU A 50 -67.15 70.01 -84.99
C GLU A 50 -67.40 68.75 -85.81
N GLU A 51 -68.54 68.06 -85.63
CA GLU A 51 -68.95 66.97 -86.52
C GLU A 51 -70.33 67.34 -87.02
N LYS A 52 -70.55 67.29 -88.33
CA LYS A 52 -71.70 67.90 -89.00
C LYS A 52 -72.64 66.84 -89.53
N GLY A 53 -72.54 65.62 -88.95
CA GLY A 53 -73.15 64.41 -89.44
C GLY A 53 -72.13 63.70 -90.28
N ASP A 54 -72.39 63.65 -91.59
CA ASP A 54 -71.60 63.07 -92.66
C ASP A 54 -70.23 63.73 -92.82
N GLU A 55 -70.15 65.07 -92.78
CA GLU A 55 -68.88 65.79 -92.79
C GLU A 55 -68.40 66.16 -91.38
N VAL A 56 -67.10 66.49 -91.27
CA VAL A 56 -66.44 66.78 -90.02
C VAL A 56 -65.50 67.98 -90.24
N THR A 57 -65.60 69.04 -89.39
CA THR A 57 -64.65 70.15 -89.47
C THR A 57 -63.42 69.84 -88.62
N VAL A 58 -62.22 69.92 -89.22
CA VAL A 58 -60.99 69.48 -88.60
C VAL A 58 -60.00 70.64 -88.65
N GLU A 59 -59.08 70.77 -87.68
CA GLU A 59 -57.99 71.74 -87.73
C GLU A 59 -56.67 71.02 -87.65
N LEU A 60 -55.79 71.23 -88.66
CA LEU A 60 -54.42 70.70 -88.65
C LEU A 60 -53.66 71.22 -87.46
N GLN A 61 -53.07 70.34 -86.61
CA GLN A 61 -52.28 70.83 -85.48
C GLN A 61 -50.99 71.48 -85.94
N GLU A 62 -50.37 70.87 -86.97
CA GLU A 62 -49.11 71.21 -87.59
C GLU A 62 -49.03 72.62 -88.16
N ASN A 63 -50.16 73.09 -88.73
CA ASN A 63 -50.20 74.23 -89.62
C ASN A 63 -51.33 75.19 -89.24
N GLY A 64 -52.17 74.85 -88.24
CA GLY A 64 -53.22 75.74 -87.73
C GLY A 64 -54.44 75.89 -88.62
N LYS A 65 -54.50 75.12 -89.72
CA LYS A 65 -55.40 75.38 -90.82
C LYS A 65 -56.67 74.56 -90.69
N LYS A 66 -57.80 75.24 -90.43
CA LYS A 66 -59.14 74.67 -90.46
C LYS A 66 -59.51 74.14 -91.85
N VAL A 67 -60.12 72.95 -91.90
CA VAL A 67 -60.57 72.27 -93.11
C VAL A 67 -61.93 71.68 -92.74
N THR A 68 -62.72 71.28 -93.75
CA THR A 68 -63.88 70.39 -93.59
C THR A 68 -63.55 69.20 -94.44
N LEU A 69 -63.74 67.98 -93.92
CA LEU A 69 -63.40 66.72 -94.57
C LEU A 69 -64.51 65.74 -94.22
N SER A 70 -64.51 64.53 -94.79
CA SER A 70 -65.51 63.51 -94.46
C SER A 70 -65.32 62.91 -93.06
N LYS A 71 -66.39 62.28 -92.54
CA LYS A 71 -66.37 61.45 -91.35
C LYS A 71 -65.59 60.14 -91.56
N ASP A 72 -65.41 59.68 -92.82
CA ASP A 72 -64.60 58.53 -93.12
C ASP A 72 -63.15 58.85 -93.58
N ASP A 73 -62.82 60.13 -93.91
CA ASP A 73 -61.45 60.61 -94.12
C ASP A 73 -60.58 60.40 -92.87
N ILE A 74 -61.13 60.80 -91.71
CA ILE A 74 -60.46 60.82 -90.43
C ILE A 74 -60.11 59.45 -89.84
N GLN A 75 -58.81 59.13 -89.73
CA GLN A 75 -58.33 57.88 -89.16
C GLN A 75 -57.93 58.07 -87.70
N LYS A 76 -57.86 56.97 -86.91
CA LYS A 76 -57.98 57.08 -85.45
C LYS A 76 -56.60 57.06 -84.79
N MET A 77 -56.24 58.20 -84.14
CA MET A 77 -54.90 58.48 -83.66
C MET A 77 -54.60 57.80 -82.31
N ASN A 78 -53.56 56.94 -82.27
CA ASN A 78 -53.14 56.19 -81.11
C ASN A 78 -52.59 57.04 -79.95
N PRO A 79 -52.79 56.69 -78.67
CA PRO A 79 -52.08 57.28 -77.53
C PRO A 79 -50.55 57.37 -77.59
N PRO A 80 -49.86 58.33 -76.94
CA PRO A 80 -48.41 58.52 -77.07
C PRO A 80 -47.58 57.42 -76.43
N LYS A 81 -48.23 56.47 -75.72
CA LYS A 81 -47.69 55.22 -75.23
C LYS A 81 -47.09 54.36 -76.35
N PHE A 82 -47.73 54.39 -77.55
CA PHE A 82 -47.41 53.49 -78.64
C PHE A 82 -46.35 54.06 -79.57
N SER A 83 -45.66 55.14 -79.17
CA SER A 83 -44.59 55.76 -79.97
C SER A 83 -43.38 54.83 -80.16
N LYS A 84 -43.17 54.38 -81.42
CA LYS A 84 -42.06 53.53 -81.84
C LYS A 84 -42.17 52.10 -81.35
N VAL A 85 -43.41 51.56 -81.28
CA VAL A 85 -43.70 50.21 -80.84
C VAL A 85 -43.05 49.10 -81.69
N GLU A 86 -42.53 48.04 -81.02
CA GLU A 86 -41.79 46.92 -81.63
C GLU A 86 -42.59 46.09 -82.63
N ASP A 87 -43.88 45.85 -82.31
CA ASP A 87 -44.80 45.07 -83.10
C ASP A 87 -46.02 45.94 -83.41
N MET A 88 -46.52 45.84 -84.66
CA MET A 88 -47.76 46.47 -85.08
C MET A 88 -49.00 45.84 -84.49
N ALA A 89 -48.92 44.56 -84.03
CA ALA A 89 -50.07 43.86 -83.47
C ALA A 89 -50.47 44.38 -82.07
N GLU A 90 -49.60 45.19 -81.42
CA GLU A 90 -49.91 45.81 -80.13
C GLU A 90 -50.77 47.08 -80.26
N LEU A 91 -50.80 47.69 -81.47
CA LEU A 91 -51.55 48.91 -81.72
C LEU A 91 -53.06 48.75 -81.57
N THR A 92 -53.68 49.52 -80.63
CA THR A 92 -55.13 49.55 -80.44
C THR A 92 -55.90 50.08 -81.63
N CYS A 93 -55.36 51.11 -82.31
CA CYS A 93 -55.90 51.61 -83.56
C CYS A 93 -54.99 51.16 -84.69
N LEU A 94 -55.46 50.16 -85.49
CA LEU A 94 -54.73 49.57 -86.60
C LEU A 94 -55.07 50.27 -87.90
N ASN A 95 -54.81 51.59 -87.98
CA ASN A 95 -55.06 52.36 -89.18
C ASN A 95 -53.85 52.39 -90.09
N GLU A 96 -54.12 52.66 -91.39
CA GLU A 96 -53.16 52.82 -92.47
C GLU A 96 -52.17 53.93 -92.16
N ALA A 97 -52.69 55.08 -91.66
CA ALA A 97 -51.94 56.19 -91.14
C ALA A 97 -51.03 55.84 -89.95
N SER A 98 -51.54 55.06 -88.98
CA SER A 98 -50.80 54.64 -87.79
C SER A 98 -49.64 53.70 -88.07
N VAL A 99 -49.84 52.72 -88.98
CA VAL A 99 -48.78 51.82 -89.47
C VAL A 99 -47.71 52.60 -90.21
N LEU A 100 -48.11 53.57 -91.09
CA LEU A 100 -47.20 54.49 -91.74
C LEU A 100 -46.41 55.35 -90.75
N HIS A 101 -47.05 55.96 -89.76
CA HIS A 101 -46.43 56.72 -88.68
C HIS A 101 -45.45 55.89 -87.86
N ASN A 102 -45.79 54.68 -87.44
CA ASN A 102 -44.89 53.87 -86.63
C ASN A 102 -43.65 53.41 -87.41
N LEU A 103 -43.82 53.00 -88.69
CA LEU A 103 -42.67 52.72 -89.56
C LEU A 103 -41.81 53.95 -89.84
N ARG A 104 -42.42 55.12 -90.10
CA ARG A 104 -41.72 56.36 -90.37
C ARG A 104 -40.89 56.86 -89.20
N GLU A 105 -41.47 56.93 -87.98
CA GLU A 105 -40.75 57.47 -86.84
C GLU A 105 -39.72 56.45 -86.32
N ARG A 106 -39.95 55.14 -86.54
CA ARG A 106 -38.91 54.12 -86.37
C ARG A 106 -37.77 54.25 -87.37
N TYR A 107 -38.07 54.42 -88.68
CA TYR A 107 -37.08 54.54 -89.74
C TYR A 107 -36.15 55.73 -89.54
N PHE A 108 -36.71 56.92 -89.18
CA PHE A 108 -35.92 58.10 -88.91
C PHE A 108 -35.18 58.06 -87.57
N SER A 109 -35.57 57.13 -86.67
CA SER A 109 -34.81 56.84 -85.46
C SER A 109 -33.83 55.69 -85.72
N GLY A 110 -33.79 55.16 -86.96
CA GLY A 110 -32.87 54.13 -87.40
C GLY A 110 -33.24 52.68 -87.16
N LEU A 111 -34.44 52.41 -86.63
CA LEU A 111 -34.91 51.08 -86.27
C LEU A 111 -35.63 50.46 -87.47
N ILE A 112 -34.91 49.74 -88.35
CA ILE A 112 -35.43 49.37 -89.66
C ILE A 112 -36.18 48.05 -89.69
N TYR A 113 -36.16 47.29 -88.59
CA TYR A 113 -36.90 46.04 -88.43
C TYR A 113 -38.05 46.34 -87.49
N THR A 114 -39.28 46.00 -87.90
CA THR A 114 -40.46 46.13 -87.03
C THR A 114 -41.27 44.87 -87.23
N TYR A 115 -41.72 44.21 -86.16
CA TYR A 115 -42.63 43.07 -86.26
C TYR A 115 -44.02 43.54 -86.73
N SER A 116 -44.77 42.63 -87.35
CA SER A 116 -46.14 42.92 -87.73
C SER A 116 -46.93 41.64 -87.58
N GLY A 117 -47.08 41.21 -86.31
CA GLY A 117 -47.74 39.97 -85.94
C GLY A 117 -46.90 38.73 -86.08
N LEU A 118 -46.99 38.05 -87.24
CA LEU A 118 -46.31 36.77 -87.48
C LEU A 118 -45.28 36.90 -88.60
N PHE A 119 -45.10 38.11 -89.12
CA PHE A 119 -44.18 38.41 -90.20
C PHE A 119 -43.58 39.75 -89.80
N CYS A 120 -42.58 40.25 -90.54
CA CYS A 120 -41.97 41.53 -90.18
C CYS A 120 -41.95 42.45 -91.38
N VAL A 121 -41.79 43.75 -91.10
CA VAL A 121 -41.55 44.76 -92.10
C VAL A 121 -40.11 45.21 -91.92
N VAL A 122 -39.32 45.23 -93.02
CA VAL A 122 -37.93 45.68 -93.01
C VAL A 122 -37.79 46.78 -94.04
N ILE A 123 -37.43 48.02 -93.66
CA ILE A 123 -37.24 49.10 -94.61
C ILE A 123 -35.75 49.17 -94.94
N ASN A 124 -35.36 49.27 -96.24
CA ASN A 124 -33.95 49.43 -96.62
C ASN A 124 -33.34 50.74 -96.05
N PRO A 125 -32.21 50.76 -95.33
CA PRO A 125 -31.70 52.00 -94.74
C PRO A 125 -30.87 52.78 -95.75
N TYR A 126 -30.32 52.10 -96.78
CA TYR A 126 -29.31 52.61 -97.69
C TYR A 126 -28.04 53.14 -96.98
N LYS A 127 -27.76 52.64 -95.76
CA LYS A 127 -26.74 53.16 -94.89
C LYS A 127 -26.16 51.96 -94.17
N GLN A 128 -24.82 51.88 -94.03
CA GLN A 128 -24.18 50.91 -93.16
C GLN A 128 -24.60 51.16 -91.69
N LEU A 129 -25.20 50.14 -91.05
CA LEU A 129 -25.67 50.22 -89.69
C LEU A 129 -24.85 49.22 -88.89
N PRO A 130 -24.52 49.44 -87.62
CA PRO A 130 -23.59 48.60 -86.87
C PRO A 130 -24.23 47.29 -86.40
N ILE A 131 -25.53 47.09 -86.68
CA ILE A 131 -26.37 46.02 -86.16
C ILE A 131 -25.98 44.62 -86.64
N TYR A 132 -25.16 44.53 -87.69
CA TYR A 132 -24.61 43.28 -88.17
C TYR A 132 -23.16 43.12 -87.70
N SER A 133 -22.92 42.41 -86.58
CA SER A 133 -21.60 42.29 -85.97
C SER A 133 -21.60 41.10 -85.05
N GLU A 134 -20.41 40.51 -84.78
CA GLU A 134 -20.25 39.24 -84.06
C GLU A 134 -20.58 39.33 -82.56
N LYS A 135 -20.61 40.56 -81.99
CA LYS A 135 -21.23 40.90 -80.70
C LYS A 135 -22.73 40.62 -80.68
N ILE A 136 -23.44 40.97 -81.76
CA ILE A 136 -24.89 40.92 -81.88
C ILE A 136 -25.39 39.49 -82.02
N ILE A 137 -24.59 38.60 -82.65
CA ILE A 137 -24.93 37.20 -82.85
C ILE A 137 -25.16 36.45 -81.54
N ASP A 138 -24.22 36.54 -80.57
CA ASP A 138 -24.29 35.85 -79.31
C ASP A 138 -25.30 36.50 -78.35
N MET A 139 -25.71 37.77 -78.59
CA MET A 139 -26.87 38.36 -77.95
C MET A 139 -28.21 37.73 -78.37
N TYR A 140 -28.42 37.44 -79.67
CA TYR A 140 -29.66 36.85 -80.15
C TYR A 140 -29.70 35.31 -80.03
N LYS A 141 -28.53 34.65 -79.91
CA LYS A 141 -28.38 33.20 -79.87
C LYS A 141 -29.12 32.51 -78.71
N GLY A 142 -30.29 31.77 -78.97
CA GLY A 142 -31.08 31.14 -77.92
C GLY A 142 -31.99 32.08 -77.16
N LYS A 143 -32.16 33.33 -77.64
CA LYS A 143 -32.79 34.39 -76.89
C LYS A 143 -34.18 34.69 -77.47
N LYS A 144 -35.24 34.74 -76.62
CA LYS A 144 -36.62 34.78 -77.09
C LYS A 144 -37.04 36.07 -77.81
N ARG A 145 -38.14 35.96 -78.58
CA ARG A 145 -38.67 36.90 -79.55
C ARG A 145 -39.06 38.27 -78.99
N HIS A 146 -39.33 38.34 -77.67
CA HIS A 146 -39.72 39.52 -76.92
C HIS A 146 -38.65 39.88 -75.88
N GLU A 147 -37.49 39.20 -75.90
CA GLU A 147 -36.39 39.51 -74.99
C GLU A 147 -35.33 40.37 -75.66
N MET A 148 -35.47 40.58 -76.93
CA MET A 148 -34.58 41.39 -77.72
C MET A 148 -35.47 42.13 -78.70
N PRO A 149 -35.14 43.33 -79.18
CA PRO A 149 -35.90 44.02 -80.22
C PRO A 149 -35.85 43.24 -81.55
N PRO A 150 -36.81 43.42 -82.46
CA PRO A 150 -36.84 42.70 -83.73
C PRO A 150 -35.59 42.86 -84.61
N HIS A 151 -35.15 41.78 -85.24
CA HIS A 151 -33.93 41.81 -86.05
C HIS A 151 -33.90 40.57 -86.94
N ILE A 152 -33.19 40.57 -88.06
CA ILE A 152 -33.10 39.42 -88.97
C ILE A 152 -32.54 38.18 -88.29
N TYR A 153 -31.57 38.37 -87.38
CA TYR A 153 -31.01 37.35 -86.51
C TYR A 153 -32.07 36.70 -85.61
N ALA A 154 -33.05 37.49 -85.08
CA ALA A 154 -34.17 36.98 -84.30
C ALA A 154 -35.08 36.02 -85.04
N ILE A 155 -35.39 36.36 -86.32
CA ILE A 155 -36.16 35.53 -87.24
C ILE A 155 -35.39 34.25 -87.61
N ALA A 156 -34.08 34.38 -87.89
CA ALA A 156 -33.21 33.26 -88.17
C ALA A 156 -33.08 32.27 -87.01
N ASP A 157 -32.90 32.75 -85.75
CA ASP A 157 -32.94 31.89 -84.57
C ASP A 157 -34.32 31.27 -84.36
N THR A 158 -35.41 32.06 -84.53
CA THR A 158 -36.80 31.60 -84.40
C THR A 158 -37.16 30.45 -85.30
N ALA A 159 -36.79 30.50 -86.61
CA ALA A 159 -36.97 29.40 -87.53
C ALA A 159 -36.14 28.16 -87.15
N TYR A 160 -34.85 28.38 -86.82
CA TYR A 160 -33.93 27.32 -86.39
C TYR A 160 -34.37 26.62 -85.10
N ARG A 161 -34.84 27.39 -84.10
CA ARG A 161 -35.41 26.86 -82.88
C ARG A 161 -36.73 26.16 -83.07
N SER A 162 -37.68 26.69 -83.90
CA SER A 162 -38.99 26.05 -84.10
C SER A 162 -38.84 24.68 -84.73
N MET A 163 -37.99 24.58 -85.77
CA MET A 163 -37.66 23.36 -86.49
C MET A 163 -37.19 22.20 -85.59
N LEU A 164 -36.49 22.54 -84.50
CA LEU A 164 -36.00 21.57 -83.55
C LEU A 164 -36.92 21.44 -82.34
N GLN A 165 -38.15 22.00 -82.40
CA GLN A 165 -39.18 21.86 -81.39
C GLN A 165 -40.42 21.17 -81.92
N ASP A 166 -40.92 21.52 -83.13
CA ASP A 166 -42.02 20.83 -83.78
C ASP A 166 -41.53 19.61 -84.59
N ARG A 167 -40.50 19.85 -85.43
CA ARG A 167 -39.84 18.95 -86.36
C ARG A 167 -40.42 19.07 -87.76
N GLU A 168 -40.78 20.32 -88.17
CA GLU A 168 -41.18 20.65 -89.52
C GLU A 168 -40.11 21.49 -90.19
N ASP A 169 -39.78 21.15 -91.47
CA ASP A 169 -38.85 21.89 -92.30
C ASP A 169 -39.29 23.33 -92.55
N GLN A 170 -38.33 24.26 -92.59
CA GLN A 170 -38.64 25.69 -92.51
C GLN A 170 -38.20 26.38 -93.78
N SER A 171 -38.96 27.42 -94.22
CA SER A 171 -38.48 28.34 -95.24
C SER A 171 -38.52 29.76 -94.71
N ILE A 172 -37.47 30.56 -95.02
CA ILE A 172 -37.44 31.99 -94.77
C ILE A 172 -37.60 32.67 -96.12
N LEU A 173 -38.70 33.40 -96.29
CA LEU A 173 -39.14 33.91 -97.57
C LEU A 173 -39.00 35.42 -97.61
N CYS A 174 -38.03 35.93 -98.40
CA CYS A 174 -37.82 37.36 -98.52
C CYS A 174 -38.69 37.94 -99.65
N THR A 175 -39.63 38.86 -99.31
CA THR A 175 -40.54 39.50 -100.28
C THR A 175 -40.14 40.94 -100.50
N GLY A 176 -40.73 41.62 -101.51
CA GLY A 176 -40.48 43.03 -101.77
C GLY A 176 -40.12 43.26 -103.22
N GLU A 177 -40.34 44.51 -103.68
CA GLU A 177 -40.01 45.01 -105.01
C GLU A 177 -38.48 45.00 -105.33
N SER A 178 -38.05 45.46 -106.52
CA SER A 178 -36.67 45.31 -106.96
C SER A 178 -35.70 46.42 -106.50
N GLY A 179 -34.97 46.15 -105.40
CA GLY A 179 -34.08 47.11 -104.72
C GLY A 179 -34.37 47.13 -103.24
N ALA A 180 -35.39 46.36 -102.81
CA ALA A 180 -35.88 46.35 -101.44
C ALA A 180 -34.93 45.79 -100.37
N GLY A 181 -33.95 44.91 -100.72
CA GLY A 181 -32.93 44.46 -99.76
C GLY A 181 -33.02 43.02 -99.33
N LYS A 182 -33.74 42.19 -100.09
CA LYS A 182 -33.94 40.76 -99.88
C LYS A 182 -32.65 39.96 -99.90
N THR A 183 -31.74 40.26 -100.86
CA THR A 183 -30.44 39.60 -101.01
C THR A 183 -29.54 39.81 -99.80
N GLU A 184 -29.48 41.05 -99.26
CA GLU A 184 -28.74 41.35 -98.04
C GLU A 184 -29.28 40.65 -96.80
N ASN A 185 -30.62 40.60 -96.61
CA ASN A 185 -31.24 39.82 -95.56
C ASN A 185 -31.01 38.31 -95.71
N THR A 186 -31.03 37.79 -96.96
CA THR A 186 -30.68 36.39 -97.28
C THR A 186 -29.26 36.06 -96.85
N LYS A 187 -28.29 36.94 -97.16
CA LYS A 187 -26.92 36.84 -96.67
C LYS A 187 -26.78 36.96 -95.14
N LYS A 188 -27.58 37.83 -94.47
CA LYS A 188 -27.64 37.86 -93.01
C LYS A 188 -28.18 36.60 -92.34
N VAL A 189 -29.21 35.93 -92.91
CA VAL A 189 -29.68 34.63 -92.41
C VAL A 189 -28.62 33.53 -92.52
N ILE A 190 -27.92 33.44 -93.68
CA ILE A 190 -26.80 32.51 -93.85
C ILE A 190 -25.64 32.86 -92.91
N GLN A 191 -25.29 34.17 -92.73
CA GLN A 191 -24.26 34.56 -91.77
C GLN A 191 -24.57 34.11 -90.35
N TYR A 192 -25.83 34.29 -89.90
CA TYR A 192 -26.25 33.88 -88.58
C TYR A 192 -26.13 32.38 -88.35
N LEU A 193 -26.64 31.52 -89.27
CA LEU A 193 -26.57 30.09 -89.03
C LEU A 193 -25.18 29.50 -89.27
N ALA A 194 -24.30 30.20 -90.04
CA ALA A 194 -22.92 29.80 -90.26
C ALA A 194 -22.03 29.87 -89.02
N VAL A 195 -22.52 30.52 -87.93
CA VAL A 195 -21.82 30.57 -86.66
C VAL A 195 -22.69 30.08 -85.48
N VAL A 196 -24.04 30.01 -85.65
CA VAL A 196 -24.92 29.56 -84.56
C VAL A 196 -25.36 28.10 -84.70
N ALA A 197 -25.25 27.50 -85.90
CA ALA A 197 -25.58 26.11 -86.13
C ALA A 197 -24.35 25.34 -86.62
N SER A 198 -23.17 25.96 -86.52
CA SER A 198 -21.92 25.42 -87.02
C SER A 198 -21.19 24.56 -85.99
N SER A 199 -20.30 23.67 -86.49
CA SER A 199 -19.60 22.73 -85.64
C SER A 199 -18.17 23.24 -85.42
N HIS A 200 -17.80 23.46 -84.17
CA HIS A 200 -16.64 24.28 -83.82
C HIS A 200 -15.42 23.41 -83.53
N LYS A 201 -14.27 23.83 -84.03
CA LYS A 201 -13.01 23.11 -83.86
C LYS A 201 -11.95 23.86 -83.07
N GLY A 202 -12.17 25.17 -82.82
CA GLY A 202 -11.27 25.95 -81.98
C GLY A 202 -11.09 27.40 -82.41
N LYS A 203 -11.19 28.33 -81.45
CA LYS A 203 -10.88 29.74 -81.60
C LYS A 203 -9.43 30.11 -81.94
N LYS A 204 -9.26 31.21 -82.72
CA LYS A 204 -8.00 31.88 -83.13
C LYS A 204 -7.69 31.54 -84.62
N ASP A 205 -7.31 32.79 -84.36
CA ASP A 205 -6.75 33.83 -85.23
C ASP A 205 -7.74 34.85 -85.78
N THR A 206 -7.37 36.13 -85.77
CA THR A 206 -8.03 37.43 -85.53
C THR A 206 -7.50 38.51 -86.46
N SER A 207 -6.44 38.25 -87.25
CA SER A 207 -5.78 39.27 -88.10
C SER A 207 -5.48 40.64 -87.49
N ILE A 208 -5.58 41.71 -88.30
CA ILE A 208 -5.24 43.10 -87.93
C ILE A 208 -6.26 44.00 -88.66
N THR A 209 -7.39 43.38 -89.05
CA THR A 209 -8.41 43.91 -89.94
C THR A 209 -9.59 44.41 -89.10
N GLN A 210 -10.85 44.37 -89.62
CA GLN A 210 -12.04 44.59 -88.80
C GLN A 210 -12.42 43.31 -88.07
N GLY A 211 -13.44 43.36 -87.18
CA GLY A 211 -13.83 42.20 -86.35
C GLY A 211 -15.10 41.44 -86.68
N PRO A 212 -15.27 40.68 -87.77
CA PRO A 212 -16.11 39.50 -87.77
C PRO A 212 -15.34 38.35 -87.11
N SER A 213 -15.07 38.46 -85.79
CA SER A 213 -13.93 37.80 -85.15
C SER A 213 -14.10 36.33 -84.78
N PHE A 214 -14.57 35.49 -85.72
CA PHE A 214 -14.85 34.09 -85.43
C PHE A 214 -14.23 33.14 -86.43
N SER A 215 -13.55 32.07 -85.94
CA SER A 215 -13.03 31.01 -86.78
C SER A 215 -14.12 30.02 -87.22
N TYR A 216 -14.97 30.41 -88.21
CA TYR A 216 -16.04 29.59 -88.77
C TYR A 216 -15.53 28.22 -89.28
N GLY A 217 -16.34 27.15 -89.20
CA GLY A 217 -15.97 25.78 -89.60
C GLY A 217 -15.51 25.57 -91.04
N GLU A 218 -15.03 24.36 -91.38
CA GLU A 218 -14.53 24.07 -92.72
C GLU A 218 -15.59 24.15 -93.82
N LEU A 219 -16.78 23.57 -93.60
CA LEU A 219 -17.89 23.64 -94.55
C LEU A 219 -18.50 25.04 -94.57
N GLU A 220 -18.63 25.63 -93.37
CA GLU A 220 -19.20 26.91 -93.07
C GLU A 220 -18.45 28.09 -93.68
N LYS A 221 -17.09 28.02 -93.78
CA LYS A 221 -16.29 28.92 -94.61
C LYS A 221 -16.70 28.91 -96.07
N GLN A 222 -16.85 27.71 -96.66
CA GLN A 222 -17.25 27.53 -98.05
C GLN A 222 -18.67 28.04 -98.32
N LEU A 223 -19.61 27.74 -97.40
CA LEU A 223 -20.98 28.23 -97.44
C LEU A 223 -21.10 29.74 -97.33
N LEU A 224 -20.26 30.38 -96.48
CA LEU A 224 -20.16 31.82 -96.37
C LEU A 224 -19.72 32.47 -97.70
N GLN A 225 -18.73 31.85 -98.38
CA GLN A 225 -18.13 32.37 -99.59
C GLN A 225 -18.84 31.99 -100.89
N ALA A 226 -19.92 31.19 -100.82
CA ALA A 226 -20.73 30.82 -101.98
C ALA A 226 -21.42 31.98 -102.69
N ASN A 227 -21.98 32.93 -101.91
CA ASN A 227 -22.70 34.10 -102.42
C ASN A 227 -21.86 35.05 -103.25
N PRO A 228 -20.64 35.52 -102.92
CA PRO A 228 -19.90 36.47 -103.77
C PRO A 228 -19.54 35.90 -105.13
N ILE A 229 -19.27 34.58 -105.25
CA ILE A 229 -19.01 33.93 -106.55
C ILE A 229 -20.21 34.06 -107.49
N LEU A 230 -21.43 33.80 -106.98
CA LEU A 230 -22.65 33.97 -107.76
C LEU A 230 -23.03 35.43 -107.99
N GLU A 231 -22.69 36.34 -107.05
CA GLU A 231 -22.79 37.78 -107.29
C GLU A 231 -21.84 38.26 -108.40
N ALA A 232 -20.60 37.72 -108.48
CA ALA A 232 -19.71 37.96 -109.60
C ALA A 232 -20.19 37.47 -110.97
N PHE A 233 -20.68 36.24 -111.05
CA PHE A 233 -21.11 35.60 -112.31
C PHE A 233 -22.58 35.86 -112.58
N GLY A 234 -23.22 36.78 -111.83
CA GLY A 234 -24.67 36.89 -111.87
C GLY A 234 -25.31 38.20 -111.50
N ASN A 235 -24.66 39.07 -110.70
CA ASN A 235 -25.22 40.39 -110.41
C ASN A 235 -24.72 41.43 -111.41
N ALA A 236 -25.59 42.43 -111.67
CA ALA A 236 -25.28 43.51 -112.58
C ALA A 236 -26.01 44.75 -112.12
N LYS A 237 -25.38 45.94 -112.26
CA LYS A 237 -26.08 47.21 -112.07
C LYS A 237 -27.23 47.46 -113.06
N THR A 238 -28.39 47.86 -112.50
CA THR A 238 -29.52 48.38 -113.24
C THR A 238 -29.72 49.85 -112.85
N VAL A 239 -30.75 50.52 -113.39
CA VAL A 239 -31.17 51.83 -112.87
C VAL A 239 -31.63 51.77 -111.41
N LYS A 240 -32.47 50.76 -111.05
CA LYS A 240 -32.94 50.58 -109.68
C LYS A 240 -31.89 50.14 -108.68
N ASN A 241 -31.03 49.15 -108.99
CA ASN A 241 -30.12 48.61 -107.99
C ASN A 241 -28.75 48.39 -108.62
N ASP A 242 -27.68 48.84 -107.96
CA ASP A 242 -26.35 48.86 -108.51
C ASP A 242 -25.62 47.53 -108.34
N ASN A 243 -26.16 46.65 -107.48
CA ASN A 243 -25.79 45.26 -107.39
C ASN A 243 -27.11 44.51 -107.49
N SER A 244 -27.78 44.58 -108.66
CA SER A 244 -29.10 43.96 -108.83
C SER A 244 -28.98 42.48 -109.12
N SER A 245 -29.67 41.64 -108.31
CA SER A 245 -29.80 40.21 -108.55
C SER A 245 -30.43 39.88 -109.89
N ARG A 246 -29.64 39.33 -110.82
CA ARG A 246 -30.07 39.11 -112.20
C ARG A 246 -30.35 37.64 -112.45
N PHE A 247 -30.53 36.91 -111.34
CA PHE A 247 -30.94 35.54 -111.26
C PHE A 247 -31.65 35.40 -109.91
N GLY A 248 -32.58 34.44 -109.79
CA GLY A 248 -33.20 34.12 -108.50
C GLY A 248 -32.63 32.82 -107.98
N LYS A 249 -32.68 32.63 -106.65
CA LYS A 249 -31.96 31.54 -106.00
C LYS A 249 -32.71 31.06 -104.76
N PHE A 250 -32.73 29.72 -104.55
CA PHE A 250 -33.29 29.10 -103.37
C PHE A 250 -32.17 28.31 -102.72
N ILE A 251 -31.80 28.72 -101.49
CA ILE A 251 -30.70 28.11 -100.75
C ILE A 251 -31.33 27.17 -99.74
N ARG A 252 -31.09 25.85 -99.86
CA ARG A 252 -31.54 24.86 -98.90
C ARG A 252 -30.36 24.49 -98.02
N ILE A 253 -30.41 24.82 -96.70
CA ILE A 253 -29.39 24.40 -95.74
C ILE A 253 -29.89 23.15 -95.03
N ASN A 254 -29.09 22.06 -95.04
CA ASN A 254 -29.42 20.77 -94.45
C ASN A 254 -28.79 20.61 -93.07
N PHE A 255 -29.52 19.97 -92.12
CA PHE A 255 -29.08 19.77 -90.74
C PHE A 255 -28.97 18.31 -90.37
N ASP A 256 -28.27 17.97 -89.26
CA ASP A 256 -28.28 16.62 -88.71
C ASP A 256 -29.52 16.39 -87.80
N VAL A 257 -29.45 15.45 -86.85
CA VAL A 257 -30.54 15.16 -85.92
C VAL A 257 -30.29 15.88 -84.60
N THR A 258 -29.00 16.20 -84.30
CA THR A 258 -28.58 17.05 -83.20
C THR A 258 -28.96 18.49 -83.44
N GLY A 259 -28.84 18.93 -84.72
CA GLY A 259 -29.20 20.27 -85.20
C GLY A 259 -28.03 21.05 -85.73
N TYR A 260 -26.92 20.38 -86.08
CA TYR A 260 -25.75 20.98 -86.73
C TYR A 260 -25.90 21.03 -88.24
N ILE A 261 -25.26 22.02 -88.91
CA ILE A 261 -25.14 22.06 -90.37
C ILE A 261 -24.39 20.84 -90.93
N VAL A 262 -24.88 20.24 -92.04
CA VAL A 262 -24.23 19.07 -92.64
C VAL A 262 -24.14 19.17 -94.17
N GLY A 263 -24.98 20.00 -94.82
CA GLY A 263 -24.89 20.18 -96.26
C GLY A 263 -25.67 21.39 -96.68
N ALA A 264 -25.48 21.90 -97.92
CA ALA A 264 -26.34 22.93 -98.47
C ALA A 264 -26.43 22.91 -99.99
N ASN A 265 -27.67 23.13 -100.52
CA ASN A 265 -27.98 23.01 -101.95
C ASN A 265 -28.57 24.32 -102.46
N ILE A 266 -28.10 24.83 -103.62
CA ILE A 266 -28.61 26.06 -104.22
C ILE A 266 -29.24 25.76 -105.58
N GLU A 267 -30.60 25.92 -105.65
CA GLU A 267 -31.38 25.86 -106.87
C GLU A 267 -31.47 27.26 -107.48
N THR A 268 -31.56 27.37 -108.83
CA THR A 268 -31.56 28.69 -109.49
C THR A 268 -32.42 28.77 -110.74
N TYR A 269 -33.10 29.92 -110.85
CA TYR A 269 -34.22 30.17 -111.73
C TYR A 269 -33.82 31.01 -112.94
N LEU A 270 -34.54 32.11 -113.19
CA LEU A 270 -34.37 33.00 -114.32
C LEU A 270 -33.08 33.81 -114.34
N LEU A 271 -32.09 33.43 -115.18
CA LEU A 271 -30.92 34.24 -115.43
C LEU A 271 -31.19 35.17 -116.60
N GLU A 272 -31.01 36.51 -116.43
CA GLU A 272 -31.15 37.47 -117.52
C GLU A 272 -29.93 37.46 -118.46
N LYS A 273 -29.67 36.32 -119.14
CA LYS A 273 -28.49 36.10 -119.99
C LYS A 273 -28.49 36.99 -121.24
N SER A 274 -29.68 37.53 -121.58
CA SER A 274 -29.90 38.57 -122.58
C SER A 274 -29.10 39.84 -122.36
N ARG A 275 -28.75 40.23 -121.11
CA ARG A 275 -28.00 41.47 -120.93
C ARG A 275 -26.50 41.32 -121.08
N ALA A 276 -25.99 40.08 -121.31
CA ALA A 276 -24.58 39.82 -121.57
C ALA A 276 -24.07 40.49 -122.85
N ILE A 277 -24.90 40.44 -123.90
CA ILE A 277 -24.63 40.99 -125.22
C ILE A 277 -24.86 42.50 -125.34
N ARG A 278 -25.93 43.06 -124.71
CA ARG A 278 -26.30 44.45 -124.87
C ARG A 278 -26.97 44.86 -123.57
N GLN A 279 -26.76 46.10 -123.10
CA GLN A 279 -27.23 46.56 -121.81
C GLN A 279 -28.21 47.70 -122.07
N ALA A 280 -29.11 48.01 -121.10
CA ALA A 280 -29.98 49.16 -121.22
C ALA A 280 -29.23 50.45 -120.88
N LYS A 281 -29.83 51.62 -121.17
CA LYS A 281 -29.21 52.92 -120.97
C LYS A 281 -28.87 53.19 -119.48
N ASP A 282 -27.57 53.46 -119.19
CA ASP A 282 -26.99 53.73 -117.87
C ASP A 282 -26.81 52.49 -117.01
N GLU A 283 -26.86 51.28 -117.62
CA GLU A 283 -26.74 50.02 -116.90
C GLU A 283 -25.42 49.31 -117.17
N ARG A 284 -25.04 48.36 -116.28
CA ARG A 284 -23.84 47.55 -116.45
C ARG A 284 -24.23 46.13 -116.80
N THR A 285 -23.27 45.41 -117.38
CA THR A 285 -23.28 43.96 -117.60
C THR A 285 -23.00 43.23 -116.30
N PHE A 286 -23.11 41.87 -116.29
CA PHE A 286 -22.56 40.99 -115.27
C PHE A 286 -21.17 41.40 -114.75
N HIS A 287 -21.10 41.75 -113.47
CA HIS A 287 -19.91 42.29 -112.84
C HIS A 287 -18.56 41.68 -113.21
N ILE A 288 -18.42 40.36 -113.25
CA ILE A 288 -17.20 39.69 -113.70
C ILE A 288 -16.58 40.25 -114.98
N PHE A 289 -17.36 40.84 -115.91
CA PHE A 289 -16.83 41.52 -117.10
C PHE A 289 -15.98 42.73 -116.73
N TYR A 290 -16.45 43.57 -115.79
CA TYR A 290 -15.73 44.74 -115.30
C TYR A 290 -14.51 44.33 -114.48
N TYR A 291 -14.70 43.35 -113.57
CA TYR A 291 -13.64 42.83 -112.71
C TYR A 291 -12.47 42.27 -113.51
N LEU A 292 -12.77 41.42 -114.52
CA LEU A 292 -11.74 40.80 -115.35
C LEU A 292 -10.99 41.76 -116.27
N ILE A 293 -11.68 42.73 -116.92
CA ILE A 293 -11.01 43.72 -117.77
C ILE A 293 -10.12 44.66 -116.94
N ALA A 294 -10.59 45.14 -115.76
CA ALA A 294 -9.79 45.98 -114.90
C ALA A 294 -8.67 45.27 -114.13
N GLY A 295 -8.99 44.14 -113.44
CA GLY A 295 -8.11 43.57 -112.41
C GLY A 295 -7.15 42.49 -112.87
N ALA A 296 -7.22 42.03 -114.13
CA ALA A 296 -6.34 40.99 -114.64
C ALA A 296 -4.85 41.38 -114.70
N SER A 297 -3.96 40.53 -114.12
CA SER A 297 -2.52 40.78 -114.13
C SER A 297 -1.87 40.77 -115.52
N GLU A 298 -0.77 41.54 -115.74
CA GLU A 298 -0.26 41.76 -117.10
C GLU A 298 0.09 40.50 -117.90
N GLN A 299 0.63 39.44 -117.25
CA GLN A 299 0.84 38.17 -117.92
C GLN A 299 -0.44 37.48 -118.41
N MET A 300 -1.53 37.44 -117.61
CA MET A 300 -2.76 36.78 -118.03
C MET A 300 -3.56 37.65 -119.00
N ARG A 301 -3.32 38.97 -119.01
CA ARG A 301 -4.00 39.92 -119.88
C ARG A 301 -3.75 39.66 -121.36
N ASN A 302 -2.49 39.29 -121.74
CA ASN A 302 -2.19 38.77 -123.07
C ASN A 302 -2.61 37.31 -123.31
N ASP A 303 -2.45 36.38 -122.34
CA ASP A 303 -2.82 34.97 -122.43
C ASP A 303 -4.32 34.77 -122.77
N LEU A 304 -5.21 35.53 -122.09
CA LEU A 304 -6.64 35.39 -122.31
C LEU A 304 -7.18 36.35 -123.34
N LEU A 305 -6.27 37.13 -123.99
CA LEU A 305 -6.55 38.16 -125.01
C LEU A 305 -7.55 39.21 -124.56
N LEU A 306 -7.37 39.75 -123.34
CA LEU A 306 -8.24 40.77 -122.80
C LEU A 306 -7.85 42.14 -123.36
N GLU A 307 -8.79 42.73 -124.13
CA GLU A 307 -8.69 44.05 -124.70
C GLU A 307 -9.40 45.05 -123.77
N GLY A 308 -9.18 46.37 -123.94
CA GLY A 308 -9.62 47.36 -122.95
C GLY A 308 -11.09 47.71 -122.94
N PHE A 309 -11.49 48.58 -121.98
CA PHE A 309 -12.82 49.16 -121.99
C PHE A 309 -13.08 50.01 -123.24
N ASN A 310 -14.26 49.81 -123.85
CA ASN A 310 -14.69 50.39 -125.13
C ASN A 310 -14.01 49.71 -126.33
N ASN A 311 -13.34 48.55 -126.14
CA ASN A 311 -12.80 47.76 -127.24
C ASN A 311 -13.60 46.49 -127.41
N TYR A 312 -14.71 46.36 -126.66
CA TYR A 312 -15.63 45.23 -126.77
C TYR A 312 -17.02 45.76 -127.08
N THR A 313 -17.64 45.27 -128.18
CA THR A 313 -18.96 45.78 -128.63
C THR A 313 -20.10 45.32 -127.74
N PHE A 314 -19.86 44.31 -126.88
CA PHE A 314 -20.83 43.82 -125.91
C PHE A 314 -20.76 44.59 -124.60
N LEU A 315 -20.04 45.73 -124.56
CA LEU A 315 -20.16 46.70 -123.47
C LEU A 315 -20.72 47.99 -124.04
N SER A 316 -22.02 48.25 -123.75
CA SER A 316 -22.74 49.44 -124.14
C SER A 316 -22.79 50.38 -122.95
N ASN A 317 -22.85 51.71 -123.22
CA ASN A 317 -22.75 52.81 -122.25
C ASN A 317 -21.29 53.13 -121.88
N GLY A 318 -20.30 52.54 -122.60
CA GLY A 318 -18.88 52.65 -122.26
C GLY A 318 -18.52 52.07 -120.92
N HIS A 319 -17.87 52.85 -120.05
CA HIS A 319 -17.30 52.30 -118.82
C HIS A 319 -18.04 52.76 -117.58
N VAL A 320 -19.31 52.35 -117.44
CA VAL A 320 -20.17 52.82 -116.37
C VAL A 320 -19.56 52.38 -115.03
N PRO A 321 -19.12 53.27 -114.13
CA PRO A 321 -18.62 52.88 -112.82
C PRO A 321 -19.77 52.59 -111.86
N ILE A 322 -19.46 52.10 -110.66
CA ILE A 322 -20.43 51.68 -109.68
C ILE A 322 -20.19 52.44 -108.36
N PRO A 323 -21.18 52.94 -107.62
CA PRO A 323 -20.88 53.87 -106.51
C PRO A 323 -20.72 53.13 -105.20
N ALA A 324 -19.53 53.25 -104.57
CA ALA A 324 -19.11 52.65 -103.32
C ALA A 324 -18.51 51.24 -103.56
N GLN A 325 -17.99 51.02 -104.79
CA GLN A 325 -17.34 49.78 -105.17
C GLN A 325 -16.23 50.11 -106.15
N GLN A 326 -15.09 49.38 -106.06
CA GLN A 326 -13.97 49.52 -106.98
C GLN A 326 -13.78 48.15 -107.63
N ASP A 327 -13.93 48.07 -108.96
CA ASP A 327 -14.01 46.80 -109.68
C ASP A 327 -12.67 46.04 -109.72
N ASP A 328 -11.55 46.80 -109.61
CA ASP A 328 -10.17 46.36 -109.58
C ASP A 328 -9.85 45.42 -108.41
N GLU A 329 -10.26 45.79 -107.17
CA GLU A 329 -10.06 44.97 -105.99
C GLU A 329 -11.13 43.92 -105.81
N MET A 330 -12.32 44.10 -106.45
CA MET A 330 -13.37 43.10 -106.46
C MET A 330 -12.99 41.86 -107.30
N PHE A 331 -12.07 42.02 -108.29
CA PHE A 331 -11.44 40.89 -108.96
C PHE A 331 -10.62 40.04 -108.00
N GLN A 332 -9.80 40.67 -107.14
CA GLN A 332 -9.05 39.97 -106.10
C GLN A 332 -9.98 39.30 -105.08
N GLU A 333 -11.06 40.01 -104.65
CA GLU A 333 -12.06 39.46 -103.74
C GLU A 333 -12.71 38.19 -104.28
N THR A 334 -13.17 38.21 -105.55
CA THR A 334 -13.86 37.08 -106.16
C THR A 334 -12.93 35.93 -106.53
N LEU A 335 -11.65 36.20 -106.81
CA LEU A 335 -10.59 35.18 -106.87
C LEU A 335 -10.35 34.51 -105.52
N GLU A 336 -10.25 35.29 -104.41
CA GLU A 336 -10.14 34.78 -103.06
C GLU A 336 -11.39 34.00 -102.61
N ALA A 337 -12.59 34.40 -103.05
CA ALA A 337 -13.79 33.62 -102.89
C ALA A 337 -13.75 32.23 -103.56
N MET A 338 -13.26 32.13 -104.82
CA MET A 338 -13.09 30.87 -105.53
C MET A 338 -12.07 29.92 -104.92
N THR A 339 -10.90 30.43 -104.45
CA THR A 339 -9.90 29.62 -103.74
C THR A 339 -10.43 29.05 -102.43
N ILE A 340 -11.11 29.86 -101.60
CA ILE A 340 -11.74 29.45 -100.35
C ILE A 340 -12.85 28.42 -100.55
N MET A 341 -13.71 28.60 -101.58
CA MET A 341 -14.77 27.65 -101.88
C MET A 341 -14.28 26.29 -102.36
N GLY A 342 -13.25 26.26 -103.23
CA GLY A 342 -12.60 25.00 -103.60
C GLY A 342 -12.32 24.87 -105.07
N PHE A 343 -11.90 25.94 -105.75
CA PHE A 343 -11.57 25.89 -107.17
C PHE A 343 -10.04 25.87 -107.33
N THR A 344 -9.53 25.00 -108.23
CA THR A 344 -8.11 24.78 -108.54
C THR A 344 -7.46 25.98 -109.20
N GLU A 345 -6.12 26.18 -109.09
CA GLU A 345 -5.47 27.37 -109.66
C GLU A 345 -5.59 27.47 -111.20
N GLU A 346 -5.35 26.38 -111.96
CA GLU A 346 -5.59 26.34 -113.40
C GLU A 346 -7.06 26.43 -113.78
N GLU A 347 -7.93 25.77 -112.99
CA GLU A 347 -9.36 25.64 -113.17
C GLU A 347 -10.02 27.03 -113.22
N GLN A 348 -9.57 27.92 -112.31
CA GLN A 348 -9.95 29.33 -112.31
C GLN A 348 -9.57 30.11 -113.56
N THR A 349 -8.35 29.90 -114.13
CA THR A 349 -7.98 30.55 -115.40
C THR A 349 -8.85 30.10 -116.59
N SER A 350 -9.23 28.81 -116.60
CA SER A 350 -10.13 28.21 -117.58
C SER A 350 -11.49 28.89 -117.60
N ILE A 351 -12.05 29.21 -116.39
CA ILE A 351 -13.27 29.99 -116.23
C ILE A 351 -13.18 31.38 -116.86
N LEU A 352 -12.07 32.10 -116.62
CA LEU A 352 -11.85 33.44 -117.15
C LEU A 352 -11.68 33.53 -118.67
N ARG A 353 -11.05 32.55 -119.35
CA ARG A 353 -11.00 32.56 -120.82
C ARG A 353 -12.32 32.23 -121.51
N VAL A 354 -13.28 31.60 -120.78
CA VAL A 354 -14.68 31.58 -121.21
C VAL A 354 -15.32 32.97 -121.16
N VAL A 355 -15.07 33.76 -120.09
CA VAL A 355 -15.53 35.14 -119.99
C VAL A 355 -14.96 36.05 -121.07
N SER A 356 -13.63 36.00 -121.34
CA SER A 356 -13.01 36.77 -122.41
C SER A 356 -13.51 36.41 -123.81
N SER A 357 -13.66 35.10 -124.13
CA SER A 357 -14.27 34.68 -125.38
C SER A 357 -15.72 35.09 -125.57
N VAL A 358 -16.56 35.08 -124.51
CA VAL A 358 -17.92 35.63 -124.58
C VAL A 358 -17.93 37.12 -124.96
N LEU A 359 -17.02 37.94 -124.37
CA LEU A 359 -16.80 39.32 -124.80
C LEU A 359 -16.30 39.44 -126.25
N GLN A 360 -15.29 38.63 -126.63
CA GLN A 360 -14.61 38.64 -127.92
C GLN A 360 -15.48 38.31 -129.13
N LEU A 361 -16.51 37.45 -128.96
CA LEU A 361 -17.54 37.18 -129.98
C LEU A 361 -18.26 38.43 -130.44
N GLY A 362 -18.35 39.47 -129.59
CA GLY A 362 -18.99 40.74 -129.93
C GLY A 362 -18.17 41.62 -130.84
N ASN A 363 -16.90 41.25 -131.10
CA ASN A 363 -16.02 42.01 -131.96
C ASN A 363 -15.95 41.37 -133.35
N ILE A 364 -16.74 40.31 -133.60
CA ILE A 364 -16.82 39.66 -134.91
C ILE A 364 -17.84 40.42 -135.79
N VAL A 365 -17.39 40.97 -136.95
CA VAL A 365 -18.22 41.93 -137.68
C VAL A 365 -18.65 41.47 -139.06
N PHE A 366 -19.96 41.15 -139.22
CA PHE A 366 -20.53 40.81 -140.52
C PHE A 366 -20.95 42.05 -141.28
N LYS A 367 -20.51 42.14 -142.54
CA LYS A 367 -20.69 43.29 -143.41
C LYS A 367 -21.47 42.80 -144.61
N LYS A 368 -22.66 43.39 -144.91
CA LYS A 368 -23.49 42.91 -146.00
C LYS A 368 -22.81 43.10 -147.35
N GLU A 369 -22.66 42.00 -148.13
CA GLU A 369 -22.05 42.09 -149.44
C GLU A 369 -23.12 42.19 -150.51
N ARG A 370 -23.00 43.21 -151.38
CA ARG A 370 -23.95 43.60 -152.38
C ARG A 370 -24.14 42.56 -153.49
N ASN A 371 -23.06 41.86 -153.91
CA ASN A 371 -23.13 41.02 -155.11
C ASN A 371 -23.78 39.66 -154.92
N THR A 372 -23.89 39.15 -153.68
CA THR A 372 -24.61 37.89 -153.44
C THR A 372 -25.85 38.10 -152.56
N ASP A 373 -25.90 39.24 -151.84
CA ASP A 373 -26.81 39.58 -150.75
C ASP A 373 -26.56 38.77 -149.46
N GLN A 374 -25.42 38.05 -149.34
CA GLN A 374 -25.06 37.46 -148.06
C GLN A 374 -24.13 38.40 -147.29
N ALA A 375 -23.31 37.85 -146.40
CA ALA A 375 -22.28 38.58 -145.73
C ALA A 375 -21.07 37.69 -145.79
N SER A 376 -19.89 38.25 -145.52
CA SER A 376 -18.67 37.47 -145.44
C SER A 376 -17.94 38.04 -144.25
N MET A 377 -16.85 37.39 -143.83
CA MET A 377 -16.06 37.70 -142.66
C MET A 377 -14.88 38.59 -143.11
N PRO A 378 -14.79 39.91 -142.87
CA PRO A 378 -13.87 40.75 -143.67
C PRO A 378 -12.63 41.05 -142.86
N ASP A 379 -12.39 40.29 -141.79
CA ASP A 379 -11.23 40.35 -140.93
C ASP A 379 -10.96 38.88 -140.63
N ASN A 380 -9.76 38.55 -140.14
CA ASN A 380 -9.49 37.22 -139.60
C ASN A 380 -9.20 37.30 -138.12
N THR A 381 -8.80 38.48 -137.57
CA THR A 381 -8.33 38.60 -136.19
C THR A 381 -9.39 38.32 -135.16
N ALA A 382 -10.62 38.84 -135.35
CA ALA A 382 -11.73 38.65 -134.44
C ALA A 382 -12.13 37.19 -134.26
N ALA A 383 -12.25 36.44 -135.38
CA ALA A 383 -12.46 35.01 -135.40
C ALA A 383 -11.27 34.22 -134.85
N GLN A 384 -10.02 34.62 -135.21
CA GLN A 384 -8.78 34.00 -134.76
C GLN A 384 -8.60 34.01 -133.25
N LYS A 385 -8.86 35.17 -132.59
CA LYS A 385 -8.86 35.29 -131.14
C LYS A 385 -9.91 34.41 -130.47
N VAL A 386 -11.15 34.42 -131.01
CA VAL A 386 -12.26 33.60 -130.53
C VAL A 386 -12.00 32.11 -130.64
N CYS A 387 -11.50 31.63 -131.80
CA CYS A 387 -11.20 30.22 -132.02
C CYS A 387 -10.07 29.69 -131.15
N HIS A 388 -9.04 30.47 -130.89
CA HIS A 388 -7.93 30.12 -130.01
C HIS A 388 -8.46 29.95 -128.59
N LEU A 389 -9.34 30.81 -128.10
CA LEU A 389 -9.86 30.75 -126.73
C LEU A 389 -11.11 29.88 -126.61
N MET A 390 -11.55 29.24 -127.71
CA MET A 390 -12.56 28.20 -127.68
C MET A 390 -11.94 26.85 -128.03
N GLY A 391 -10.61 26.82 -128.35
CA GLY A 391 -9.91 25.59 -128.71
C GLY A 391 -10.36 24.89 -129.99
N ILE A 392 -10.80 25.66 -130.99
CA ILE A 392 -11.42 25.13 -132.21
C ILE A 392 -10.74 25.76 -133.43
N ASN A 393 -11.17 25.38 -134.64
CA ASN A 393 -10.55 25.79 -135.89
C ASN A 393 -11.23 26.98 -136.57
N VAL A 394 -10.42 27.95 -137.08
CA VAL A 394 -10.89 29.15 -137.77
C VAL A 394 -11.71 28.91 -139.04
N THR A 395 -11.26 28.04 -139.96
CA THR A 395 -11.97 27.75 -141.20
C THR A 395 -13.26 26.99 -141.02
N ASP A 396 -13.29 25.96 -140.16
CA ASP A 396 -14.52 25.24 -139.83
C ASP A 396 -15.54 26.13 -139.09
N PHE A 397 -15.08 27.00 -138.16
CA PHE A 397 -15.93 28.03 -137.56
C PHE A 397 -16.48 29.05 -138.56
N THR A 398 -15.61 29.59 -139.46
CA THR A 398 -16.00 30.57 -140.49
C THR A 398 -17.01 30.01 -141.47
N ARG A 399 -16.82 28.75 -141.93
CA ARG A 399 -17.82 28.05 -142.72
C ARG A 399 -19.12 27.83 -141.97
N SER A 400 -19.06 27.43 -140.68
CA SER A 400 -20.24 27.18 -139.87
C SER A 400 -21.11 28.40 -139.60
N ILE A 401 -20.47 29.56 -139.29
CA ILE A 401 -21.17 30.82 -139.04
C ILE A 401 -21.80 31.44 -140.30
N LEU A 402 -21.10 31.43 -141.45
CA LEU A 402 -21.60 32.01 -142.69
C LEU A 402 -22.46 31.07 -143.54
N THR A 403 -22.02 29.81 -143.69
CA THR A 403 -22.52 28.89 -144.71
C THR A 403 -22.74 27.50 -144.09
N PRO A 404 -23.68 27.29 -143.18
CA PRO A 404 -23.81 26.05 -142.45
C PRO A 404 -24.32 24.91 -143.32
N ARG A 405 -23.90 23.68 -142.99
CA ARG A 405 -24.21 22.46 -143.70
C ARG A 405 -25.20 21.65 -142.89
N ILE A 406 -26.43 22.18 -142.72
CA ILE A 406 -27.44 21.59 -141.86
C ILE A 406 -28.15 20.41 -142.54
N LYS A 407 -28.91 19.65 -141.75
CA LYS A 407 -29.72 18.55 -142.24
C LYS A 407 -31.15 18.76 -141.77
N VAL A 408 -32.13 18.87 -142.70
CA VAL A 408 -33.55 19.00 -142.36
C VAL A 408 -34.26 17.66 -142.52
N GLY A 409 -34.30 16.84 -141.44
CA GLY A 409 -34.99 15.54 -141.51
C GLY A 409 -34.25 14.50 -142.35
N ARG A 410 -34.45 14.55 -143.67
CA ARG A 410 -33.92 13.60 -144.63
C ARG A 410 -32.82 14.22 -145.48
N ASP A 411 -32.96 15.50 -145.86
CA ASP A 411 -32.10 16.19 -146.80
C ASP A 411 -30.82 16.71 -146.14
N VAL A 412 -29.91 17.29 -146.95
CA VAL A 412 -28.76 18.01 -146.44
C VAL A 412 -28.89 19.35 -147.12
N VAL A 413 -29.03 20.43 -146.33
CA VAL A 413 -29.23 21.76 -146.85
C VAL A 413 -27.96 22.53 -146.54
N GLN A 414 -27.17 22.84 -147.59
CA GLN A 414 -25.96 23.60 -147.48
C GLN A 414 -26.28 24.94 -148.11
N LYS A 415 -26.27 26.00 -147.30
CA LYS A 415 -26.84 27.28 -147.69
C LYS A 415 -25.88 28.37 -147.25
N ALA A 416 -26.20 29.64 -147.58
CA ALA A 416 -25.50 30.79 -147.08
C ALA A 416 -26.47 31.65 -146.27
N GLN A 417 -26.03 32.14 -145.09
CA GLN A 417 -26.84 32.99 -144.21
C GLN A 417 -26.55 34.45 -144.46
N THR A 418 -27.56 35.32 -144.23
CA THR A 418 -27.42 36.76 -144.44
C THR A 418 -26.74 37.44 -143.25
N LYS A 419 -26.42 38.74 -143.38
CA LYS A 419 -25.66 39.50 -142.39
C LYS A 419 -26.32 39.57 -141.02
N GLU A 420 -27.64 39.77 -141.05
CA GLU A 420 -28.57 39.83 -139.95
C GLU A 420 -28.64 38.50 -139.21
N GLN A 421 -28.66 37.38 -139.97
CA GLN A 421 -28.59 36.02 -139.46
C GLN A 421 -27.23 35.66 -138.85
N ALA A 422 -26.11 36.03 -139.50
CA ALA A 422 -24.76 35.81 -139.00
C ALA A 422 -24.50 36.58 -137.69
N ASP A 423 -24.95 37.85 -137.60
CA ASP A 423 -24.96 38.62 -136.36
C ASP A 423 -25.78 37.91 -135.26
N PHE A 424 -27.00 37.42 -135.59
CA PHE A 424 -27.85 36.70 -134.66
C PHE A 424 -27.22 35.40 -134.16
N ALA A 425 -26.58 34.62 -135.05
CA ALA A 425 -25.87 33.40 -134.70
C ALA A 425 -24.71 33.60 -133.74
N ILE A 426 -23.85 34.61 -133.97
CA ILE A 426 -22.75 34.96 -133.06
C ILE A 426 -23.26 35.52 -131.74
N GLU A 427 -24.34 36.36 -131.77
CA GLU A 427 -25.01 36.87 -130.60
C GLU A 427 -25.60 35.79 -129.70
N ALA A 428 -26.32 34.82 -130.28
CA ALA A 428 -26.89 33.68 -129.60
C ALA A 428 -25.84 32.77 -128.98
N LEU A 429 -24.73 32.50 -129.70
CA LEU A 429 -23.63 31.70 -129.21
C LEU A 429 -22.94 32.29 -127.97
N ALA A 430 -22.72 33.61 -127.94
CA ALA A 430 -22.14 34.33 -126.82
C ALA A 430 -22.97 34.28 -125.53
N LYS A 431 -24.28 34.57 -125.60
CA LYS A 431 -25.18 34.47 -124.45
C LYS A 431 -25.34 33.03 -123.96
N ALA A 432 -25.41 32.04 -124.88
CA ALA A 432 -25.50 30.63 -124.55
C ALA A 432 -24.28 30.11 -123.81
N LYS A 433 -23.06 30.45 -124.29
CA LYS A 433 -21.82 30.08 -123.60
C LYS A 433 -21.69 30.74 -122.23
N PHE A 434 -22.19 32.00 -122.06
CA PHE A 434 -22.29 32.65 -120.76
C PHE A 434 -23.23 31.91 -119.78
N GLU A 435 -24.43 31.51 -120.24
CA GLU A 435 -25.40 30.74 -119.47
C GLU A 435 -24.87 29.36 -119.06
N ARG A 436 -24.15 28.68 -119.98
CA ARG A 436 -23.43 27.44 -119.67
C ARG A 436 -22.38 27.60 -118.59
N LEU A 437 -21.59 28.70 -118.60
CA LEU A 437 -20.62 28.97 -117.55
C LEU A 437 -21.26 29.17 -116.18
N PHE A 438 -22.36 29.95 -116.08
CA PHE A 438 -23.09 30.13 -114.83
C PHE A 438 -23.66 28.83 -114.25
N ARG A 439 -24.27 27.98 -115.08
CA ARG A 439 -24.74 26.67 -114.66
C ARG A 439 -23.62 25.72 -114.22
N TRP A 440 -22.46 25.72 -114.93
CA TRP A 440 -21.27 24.99 -114.50
C TRP A 440 -20.74 25.44 -113.14
N ILE A 441 -20.59 26.78 -112.94
CA ILE A 441 -20.16 27.40 -111.69
C ILE A 441 -21.09 27.04 -110.54
N LEU A 442 -22.42 27.11 -110.76
CA LEU A 442 -23.41 26.71 -109.77
C LEU A 442 -23.29 25.23 -109.34
N THR A 443 -23.13 24.28 -110.30
CA THR A 443 -22.88 22.88 -109.93
C THR A 443 -21.54 22.67 -109.25
N ARG A 444 -20.48 23.40 -109.64
CA ARG A 444 -19.19 23.43 -108.97
C ARG A 444 -19.25 23.90 -107.53
N VAL A 445 -20.08 24.93 -107.22
CA VAL A 445 -20.38 25.39 -105.86
C VAL A 445 -21.13 24.33 -105.07
N ASN A 446 -22.23 23.76 -105.62
CA ASN A 446 -23.01 22.71 -104.96
C ASN A 446 -22.19 21.46 -104.64
N LYS A 447 -21.21 21.11 -105.51
CA LYS A 447 -20.29 19.99 -105.36
C LYS A 447 -19.51 19.97 -104.04
N ALA A 448 -19.18 21.15 -103.48
CA ALA A 448 -18.40 21.27 -102.26
C ALA A 448 -19.24 21.59 -101.03
N LEU A 449 -20.52 21.96 -101.20
CA LEU A 449 -21.35 22.38 -100.07
C LEU A 449 -22.30 21.29 -99.60
N ASP A 450 -22.39 20.08 -100.15
CA ASP A 450 -23.62 19.28 -100.15
CA ALA A 457 -32.38 15.23 -91.45
C ALA A 457 -33.57 16.18 -91.58
N SER A 458 -33.43 17.46 -91.22
CA SER A 458 -34.28 18.59 -91.57
C SER A 458 -33.56 19.65 -92.39
N PHE A 459 -34.32 20.65 -92.93
CA PHE A 459 -33.75 21.74 -93.68
C PHE A 459 -34.33 23.14 -93.40
N LEU A 460 -33.52 24.16 -93.71
CA LEU A 460 -33.92 25.56 -93.74
C LEU A 460 -33.78 26.05 -95.17
N GLY A 461 -34.91 26.38 -95.81
CA GLY A 461 -34.91 27.04 -97.11
C GLY A 461 -34.82 28.53 -96.99
N ILE A 462 -34.05 29.21 -97.86
CA ILE A 462 -33.98 30.66 -97.88
C ILE A 462 -34.16 31.12 -99.32
N LEU A 463 -35.13 31.99 -99.60
CA LEU A 463 -35.50 32.35 -100.97
C LEU A 463 -35.19 33.80 -101.29
N ASP A 464 -34.29 34.02 -102.28
CA ASP A 464 -34.02 35.33 -102.85
C ASP A 464 -34.50 35.31 -104.29
N ILE A 465 -35.60 36.04 -104.57
CA ILE A 465 -36.17 36.15 -105.89
C ILE A 465 -36.01 37.56 -106.38
N ALA A 466 -35.59 37.72 -107.66
CA ALA A 466 -35.69 38.96 -108.43
C ALA A 466 -37.00 39.70 -108.13
N GLY A 467 -36.94 40.99 -107.74
CA GLY A 467 -38.13 41.68 -107.25
C GLY A 467 -39.05 42.06 -108.36
N PHE A 468 -40.19 42.72 -108.03
CA PHE A 468 -41.02 43.34 -109.04
C PHE A 468 -40.25 44.47 -109.72
N GLU A 469 -40.07 44.42 -111.05
CA GLU A 469 -39.27 45.40 -111.74
C GLU A 469 -39.91 45.82 -113.05
N ILE A 470 -39.70 47.10 -113.38
CA ILE A 470 -40.32 47.75 -114.50
C ILE A 470 -39.31 48.78 -114.99
N PHE A 471 -39.21 48.90 -116.33
CA PHE A 471 -38.23 49.71 -117.02
C PHE A 471 -38.95 50.30 -118.22
N GLU A 472 -38.25 51.12 -119.05
CA GLU A 472 -38.79 51.54 -120.33
C GLU A 472 -39.04 50.38 -121.30
N ILE A 473 -38.13 49.40 -121.36
CA ILE A 473 -38.31 48.19 -122.15
C ILE A 473 -38.60 47.03 -121.21
N ASN A 474 -39.87 46.55 -121.18
CA ASN A 474 -40.23 45.39 -120.38
C ASN A 474 -40.40 44.21 -121.33
N SER A 475 -39.51 43.21 -121.17
CA SER A 475 -39.36 42.08 -122.09
C SER A 475 -39.88 40.82 -121.40
N PHE A 476 -39.81 39.65 -122.08
CA PHE A 476 -40.24 38.34 -121.63
C PHE A 476 -39.57 37.88 -120.32
N GLU A 477 -38.28 38.21 -120.15
CA GLU A 477 -37.51 37.98 -118.94
C GLU A 477 -38.13 38.71 -117.73
N GLN A 478 -38.48 40.01 -117.87
CA GLN A 478 -39.26 40.77 -116.89
C GLN A 478 -40.66 40.21 -116.69
N LEU A 479 -41.32 39.69 -117.75
CA LEU A 479 -42.62 39.03 -117.63
C LEU A 479 -42.58 37.83 -116.69
N CYS A 480 -41.57 36.95 -116.87
CA CYS A 480 -41.31 35.82 -116.02
C CYS A 480 -40.89 36.21 -114.59
N ILE A 481 -40.06 37.27 -114.43
CA ILE A 481 -39.70 37.81 -113.12
C ILE A 481 -40.91 38.33 -112.35
N ASN A 482 -41.76 39.18 -112.97
CA ASN A 482 -42.93 39.74 -112.33
C ASN A 482 -44.00 38.69 -111.99
N TYR A 483 -44.20 37.69 -112.88
CA TYR A 483 -45.02 36.49 -112.69
C TYR A 483 -44.67 35.71 -111.41
N THR A 484 -43.37 35.58 -111.13
CA THR A 484 -42.83 34.95 -109.91
C THR A 484 -43.17 35.74 -108.66
N ASN A 485 -43.14 37.10 -108.73
CA ASN A 485 -43.60 37.96 -107.63
C ASN A 485 -45.11 37.88 -107.39
N GLU A 486 -45.94 37.79 -108.45
CA GLU A 486 -47.38 37.55 -108.37
C GLU A 486 -47.69 36.27 -107.59
N LYS A 487 -46.94 35.18 -107.91
CA LYS A 487 -46.97 33.92 -107.18
C LYS A 487 -46.53 34.01 -105.71
N LEU A 488 -45.47 34.78 -105.40
CA LEU A 488 -44.99 34.94 -104.03
C LEU A 488 -45.99 35.68 -103.13
N GLN A 489 -46.61 36.78 -103.62
CA GLN A 489 -47.69 37.43 -102.89
C GLN A 489 -48.92 36.53 -102.72
N GLN A 490 -49.31 35.78 -103.77
CA GLN A 490 -50.36 34.78 -103.70
C GLN A 490 -50.10 33.66 -102.70
N LEU A 491 -48.83 33.22 -102.54
CA LEU A 491 -48.43 32.28 -101.51
C LEU A 491 -48.69 32.82 -100.10
N PHE A 492 -48.35 34.10 -99.83
CA PHE A 492 -48.71 34.79 -98.59
C PHE A 492 -50.22 34.89 -98.39
N ASN A 493 -50.99 35.25 -99.43
CA ASN A 493 -52.44 35.34 -99.36
C ASN A 493 -53.08 34.00 -98.98
N HIS A 494 -52.58 32.94 -99.60
CA HIS A 494 -53.07 31.58 -99.36
C HIS A 494 -52.67 31.07 -97.98
N THR A 495 -51.44 31.22 -97.50
CA THR A 495 -51.06 30.79 -96.15
C THR A 495 -51.69 31.62 -95.04
N MET A 496 -51.64 32.96 -95.14
CA MET A 496 -52.08 33.85 -94.07
C MET A 496 -53.59 33.88 -93.87
N PHE A 497 -54.39 33.86 -94.96
CA PHE A 497 -55.82 34.11 -94.82
C PHE A 497 -56.67 32.88 -95.11
N ILE A 498 -56.22 31.99 -96.02
CA ILE A 498 -57.05 30.88 -96.45
C ILE A 498 -56.76 29.66 -95.61
N LEU A 499 -55.47 29.15 -95.58
CA LEU A 499 -55.08 27.94 -94.86
C LEU A 499 -55.31 28.01 -93.36
N GLU A 500 -55.04 29.19 -92.77
CA GLU A 500 -55.33 29.53 -91.37
C GLU A 500 -56.80 29.32 -91.01
N GLN A 501 -57.75 29.84 -91.83
CA GLN A 501 -59.17 29.69 -91.58
C GLN A 501 -59.74 28.34 -91.97
N GLU A 502 -59.06 27.55 -92.90
CA GLU A 502 -59.40 26.15 -93.14
C GLU A 502 -59.15 25.29 -91.90
N GLU A 503 -58.02 25.51 -91.20
CA GLU A 503 -57.67 24.77 -89.99
C GLU A 503 -58.69 24.95 -88.88
N TYR A 504 -59.22 26.18 -88.73
CA TYR A 504 -60.31 26.47 -87.81
C TYR A 504 -61.59 25.70 -88.12
N GLN A 505 -61.95 25.62 -89.39
CA GLN A 505 -63.10 24.84 -89.88
C GLN A 505 -62.88 23.33 -89.71
N ARG A 506 -61.66 22.80 -89.98
CA ARG A 506 -61.31 21.41 -89.76
C ARG A 506 -61.38 20.97 -88.31
N GLU A 507 -60.83 21.76 -87.37
CA GLU A 507 -60.87 21.42 -85.95
C GLU A 507 -62.21 21.71 -85.30
N GLY A 508 -63.04 22.50 -85.99
CA GLY A 508 -64.41 22.79 -85.57
C GLY A 508 -64.51 23.72 -84.39
N ILE A 509 -63.62 24.74 -84.31
CA ILE A 509 -63.75 25.78 -83.31
C ILE A 509 -64.86 26.78 -83.64
N GLU A 510 -65.36 27.50 -82.61
CA GLU A 510 -66.20 28.68 -82.78
C GLU A 510 -65.48 29.78 -83.60
N TRP A 511 -65.93 30.03 -84.81
CA TRP A 511 -65.33 30.96 -85.76
C TRP A 511 -66.41 31.35 -86.77
N ASN A 512 -66.21 32.49 -87.46
CA ASN A 512 -67.00 32.87 -88.61
C ASN A 512 -66.04 33.44 -89.63
N PHE A 513 -66.10 33.00 -90.90
CA PHE A 513 -65.12 33.36 -91.92
C PHE A 513 -65.01 34.87 -92.19
N ILE A 514 -63.75 35.42 -92.24
CA ILE A 514 -63.46 36.79 -92.60
C ILE A 514 -62.84 36.75 -93.97
N ASP A 515 -63.55 37.30 -94.98
CA ASP A 515 -62.89 37.68 -96.22
C ASP A 515 -61.93 38.85 -95.92
N PHE A 516 -60.73 38.77 -96.48
CA PHE A 516 -59.72 39.80 -96.38
C PHE A 516 -59.56 40.42 -97.75
N GLY A 517 -60.20 39.88 -98.77
CA GLY A 517 -60.28 40.40 -100.12
C GLY A 517 -59.06 40.17 -100.99
N LEU A 518 -58.05 39.45 -100.48
CA LEU A 518 -56.78 39.31 -101.14
C LEU A 518 -56.61 37.95 -101.79
N ASP A 519 -56.91 37.87 -103.10
CA ASP A 519 -56.52 36.76 -103.95
C ASP A 519 -56.17 37.33 -105.33
N LEU A 520 -55.07 36.86 -105.93
CA LEU A 520 -54.49 37.38 -107.15
C LEU A 520 -54.73 36.40 -108.30
N GLN A 521 -55.49 35.30 -108.10
CA GLN A 521 -55.60 34.25 -109.10
C GLN A 521 -56.01 34.62 -110.52
N PRO A 522 -56.96 35.50 -110.88
CA PRO A 522 -57.25 35.83 -112.26
C PRO A 522 -56.07 36.47 -112.98
N CYS A 523 -55.15 37.18 -112.27
CA CYS A 523 -53.92 37.69 -112.85
C CYS A 523 -52.97 36.55 -113.21
N ILE A 524 -52.86 35.55 -112.33
CA ILE A 524 -52.07 34.35 -112.52
C ILE A 524 -52.59 33.46 -113.65
N GLU A 525 -53.92 33.21 -113.74
CA GLU A 525 -54.54 32.46 -114.83
C GLU A 525 -54.32 33.13 -116.18
N LEU A 526 -54.37 34.49 -116.22
CA LEU A 526 -54.10 35.29 -117.39
C LEU A 526 -52.76 34.98 -118.04
N ILE A 527 -51.68 34.78 -117.25
CA ILE A 527 -50.39 34.37 -117.78
C ILE A 527 -50.17 32.86 -117.86
N GLU A 528 -50.60 32.10 -116.83
CA GLU A 528 -50.23 30.71 -116.64
C GLU A 528 -51.00 29.67 -117.44
N ARG A 529 -52.32 29.88 -117.66
CA ARG A 529 -53.29 28.86 -118.08
C ARG A 529 -52.95 28.12 -119.39
N PRO A 530 -53.01 26.79 -119.49
CA PRO A 530 -52.51 26.12 -120.71
C PRO A 530 -53.64 25.64 -121.60
N THR A 531 -54.85 25.39 -121.06
CA THR A 531 -55.98 24.85 -121.83
C THR A 531 -57.23 25.40 -121.18
N ASN A 532 -58.37 25.39 -121.94
CA ASN A 532 -59.65 26.01 -121.59
C ASN A 532 -59.57 27.47 -122.08
N PRO A 533 -59.60 28.63 -121.39
CA PRO A 533 -59.25 29.89 -122.05
C PRO A 533 -57.73 30.13 -121.87
N PRO A 534 -56.82 30.11 -122.86
CA PRO A 534 -55.38 30.03 -122.59
C PRO A 534 -54.73 31.35 -122.14
N GLY A 535 -53.56 31.25 -121.47
CA GLY A 535 -52.79 32.41 -121.03
C GLY A 535 -51.67 32.88 -121.92
N VAL A 536 -51.01 33.97 -121.50
CA VAL A 536 -49.91 34.65 -122.21
C VAL A 536 -48.76 33.72 -122.58
N LEU A 537 -48.32 32.86 -121.64
CA LEU A 537 -47.29 31.86 -121.91
C LEU A 537 -47.74 30.80 -122.93
N ALA A 538 -48.99 30.31 -122.81
CA ALA A 538 -49.51 29.24 -123.66
C ALA A 538 -49.63 29.60 -125.14
N LEU A 539 -50.12 30.82 -125.43
CA LEU A 539 -50.17 31.36 -126.78
C LEU A 539 -48.80 31.61 -127.37
N LEU A 540 -47.85 32.12 -126.54
CA LEU A 540 -46.46 32.28 -126.93
C LEU A 540 -45.77 30.95 -127.23
N ASP A 541 -46.11 29.86 -126.50
CA ASP A 541 -45.66 28.50 -126.76
C ASP A 541 -46.09 27.92 -128.11
N GLU A 542 -47.35 28.13 -128.55
CA GLU A 542 -47.90 27.53 -129.78
C GLU A 542 -47.68 28.36 -131.06
N GLU A 543 -47.83 29.72 -131.01
CA GLU A 543 -47.55 30.63 -132.13
C GLU A 543 -46.11 30.44 -132.63
N CYS A 544 -45.21 30.13 -131.69
CA CYS A 544 -43.81 29.79 -131.88
C CYS A 544 -43.52 28.71 -132.92
N TRP A 545 -44.47 27.77 -133.15
CA TRP A 545 -44.28 26.67 -134.07
C TRP A 545 -45.06 26.81 -135.38
N PHE A 546 -45.47 28.04 -135.77
CA PHE A 546 -46.19 28.27 -137.01
C PHE A 546 -45.38 29.09 -138.02
N PRO A 547 -45.18 28.68 -139.29
CA PRO A 547 -44.28 29.39 -140.21
C PRO A 547 -44.80 30.72 -140.73
N LYS A 548 -46.07 31.13 -140.44
CA LYS A 548 -46.49 32.50 -140.74
C LYS A 548 -46.81 33.35 -139.52
N ALA A 549 -46.34 32.92 -138.32
CA ALA A 549 -46.42 33.73 -137.12
C ALA A 549 -45.24 34.71 -137.01
N THR A 550 -45.45 35.80 -136.25
CA THR A 550 -44.43 36.78 -135.90
C THR A 550 -44.75 37.20 -134.48
N ASP A 551 -43.88 37.98 -133.81
CA ASP A 551 -44.19 38.52 -132.49
C ASP A 551 -45.47 39.39 -132.49
N THR A 552 -45.75 40.07 -133.63
CA THR A 552 -46.96 40.84 -133.88
C THR A 552 -48.24 40.01 -133.93
N SER A 553 -48.22 38.82 -134.58
CA SER A 553 -49.39 37.93 -134.62
C SER A 553 -49.77 37.41 -133.25
N PHE A 554 -48.75 37.09 -132.42
CA PHE A 554 -48.89 36.69 -131.03
C PHE A 554 -49.71 37.71 -130.21
N VAL A 555 -49.42 39.03 -130.35
CA VAL A 555 -50.23 40.05 -129.68
C VAL A 555 -51.64 40.16 -130.22
N GLU A 556 -51.88 40.12 -131.57
CA GLU A 556 -53.23 40.15 -132.11
C GLU A 556 -54.08 38.92 -131.75
N LYS A 557 -53.46 37.71 -131.65
CA LYS A 557 -54.04 36.55 -131.02
C LYS A 557 -54.32 36.72 -129.51
N LEU A 558 -53.40 37.38 -128.76
CA LEU A 558 -53.57 37.68 -127.34
C LEU A 558 -54.78 38.57 -127.03
N ILE A 559 -55.12 39.55 -127.89
CA ILE A 559 -56.39 40.28 -127.82
C ILE A 559 -57.59 39.38 -128.02
N GLN A 560 -57.51 38.40 -128.97
CA GLN A 560 -58.58 37.46 -129.27
C GLN A 560 -58.96 36.56 -128.09
N GLU A 561 -57.97 35.94 -127.39
CA GLU A 561 -58.23 35.15 -126.20
C GLU A 561 -58.50 36.00 -124.95
N GLN A 562 -57.71 37.09 -124.72
CA GLN A 562 -57.68 37.77 -123.44
C GLN A 562 -58.51 39.04 -123.42
N GLY A 563 -58.15 40.04 -124.25
CA GLY A 563 -58.90 41.28 -124.59
C GLY A 563 -59.73 42.00 -123.56
N ASN A 564 -60.91 41.43 -123.23
CA ASN A 564 -61.88 41.94 -122.28
C ASN A 564 -61.49 41.58 -120.83
N HIS A 565 -60.66 40.56 -120.63
CA HIS A 565 -60.26 40.00 -119.34
C HIS A 565 -60.09 41.15 -118.34
N ALA A 566 -60.41 40.94 -117.07
CA ALA A 566 -60.41 41.97 -116.04
C ALA A 566 -59.09 42.17 -115.25
N LYS A 567 -57.95 41.89 -115.90
CA LYS A 567 -56.61 42.20 -115.44
C LYS A 567 -55.74 42.53 -116.66
N PHE A 568 -56.34 42.66 -117.87
CA PHE A 568 -55.66 42.88 -119.13
C PHE A 568 -56.00 44.29 -119.63
N GLN A 569 -55.07 44.95 -120.35
CA GLN A 569 -55.39 46.20 -121.00
C GLN A 569 -54.55 46.34 -122.28
N LYS A 570 -55.10 46.81 -123.42
CA LYS A 570 -54.24 47.11 -124.57
C LYS A 570 -53.46 48.42 -124.47
N SER A 571 -52.31 48.50 -125.19
CA SER A 571 -51.34 49.59 -125.20
C SER A 571 -51.87 50.99 -125.50
N LYS A 572 -50.98 51.99 -125.58
CA LYS A 572 -51.32 53.37 -125.93
C LYS A 572 -51.50 53.54 -127.45
N GLN A 573 -51.91 52.45 -128.14
CA GLN A 573 -52.10 52.31 -129.58
C GLN A 573 -50.82 51.95 -130.32
N LEU A 574 -49.88 51.27 -129.63
CA LEU A 574 -48.63 50.80 -130.21
C LEU A 574 -48.79 49.33 -130.57
N LYS A 575 -48.93 49.09 -131.88
CA LYS A 575 -49.24 47.84 -132.55
C LYS A 575 -48.23 47.62 -133.68
N ASP A 576 -47.18 48.43 -133.63
CA ASP A 576 -46.10 48.61 -134.60
C ASP A 576 -44.83 48.03 -133.97
N LYS A 577 -44.55 48.50 -132.75
CA LYS A 577 -43.67 47.93 -131.75
C LYS A 577 -44.24 46.62 -131.19
N THR A 578 -45.59 46.63 -131.08
CA THR A 578 -46.47 45.61 -130.52
C THR A 578 -46.28 45.44 -129.02
N GLU A 579 -47.23 45.98 -128.23
CA GLU A 579 -47.14 45.94 -126.79
C GLU A 579 -48.52 45.83 -126.19
N PHE A 580 -48.60 45.34 -124.94
CA PHE A 580 -49.84 45.14 -124.21
C PHE A 580 -49.58 45.50 -122.75
N CYS A 581 -50.64 45.63 -121.93
CA CYS A 581 -50.47 45.93 -120.51
C CYS A 581 -51.22 44.92 -119.67
N ILE A 582 -50.66 44.55 -118.50
CA ILE A 582 -51.35 43.69 -117.54
C ILE A 582 -51.32 44.36 -116.18
N LEU A 583 -52.40 44.17 -115.40
CA LEU A 583 -52.56 44.75 -114.09
C LEU A 583 -52.08 43.77 -113.02
N HIS A 584 -50.82 43.89 -112.59
CA HIS A 584 -50.23 43.09 -111.52
C HIS A 584 -50.45 43.67 -110.14
N TYR A 585 -50.34 42.86 -109.08
CA TYR A 585 -50.56 43.27 -107.70
C TYR A 585 -49.86 44.59 -107.33
N ALA A 586 -48.61 44.77 -107.82
CA ALA A 586 -47.79 45.94 -107.58
C ALA A 586 -47.80 46.92 -108.76
N GLY A 587 -48.81 46.84 -109.66
CA GLY A 587 -49.01 47.89 -110.68
C GLY A 587 -49.18 47.40 -112.10
N LYS A 588 -49.45 48.34 -113.01
CA LYS A 588 -49.73 48.04 -114.41
C LYS A 588 -48.46 48.13 -115.25
N VAL A 589 -47.95 46.98 -115.74
CA VAL A 589 -46.73 46.96 -116.54
C VAL A 589 -47.11 46.98 -118.02
N THR A 590 -46.39 47.78 -118.85
CA THR A 590 -46.51 47.70 -120.32
C THR A 590 -45.44 46.74 -120.80
N TYR A 591 -45.82 45.64 -121.45
CA TYR A 591 -44.91 44.66 -122.00
C TYR A 591 -44.83 44.78 -123.49
N ASN A 592 -43.60 44.76 -124.03
CA ASN A 592 -43.32 44.96 -125.44
C ASN A 592 -42.88 43.62 -125.98
N ALA A 593 -43.65 43.04 -126.93
CA ALA A 593 -43.57 41.63 -127.25
C ALA A 593 -42.62 41.34 -128.39
N SER A 594 -41.93 42.36 -128.95
CA SER A 594 -40.95 42.19 -130.04
C SER A 594 -39.76 41.29 -129.65
N ALA A 595 -39.49 40.25 -130.47
CA ALA A 595 -38.50 39.21 -130.24
C ALA A 595 -38.79 38.34 -129.02
N TRP A 596 -40.05 37.89 -128.85
CA TRP A 596 -40.43 37.01 -127.77
C TRP A 596 -40.60 35.59 -128.28
N LEU A 597 -41.00 35.37 -129.56
CA LEU A 597 -40.99 34.01 -130.13
C LEU A 597 -39.58 33.46 -130.21
N THR A 598 -38.60 34.31 -130.58
CA THR A 598 -37.18 33.97 -130.55
C THR A 598 -36.65 33.65 -129.16
N LYS A 599 -37.07 34.41 -128.13
CA LYS A 599 -36.68 34.15 -126.75
C LYS A 599 -37.32 32.91 -126.15
N ASN A 600 -38.63 32.65 -126.44
CA ASN A 600 -39.32 31.46 -126.00
C ASN A 600 -38.78 30.18 -126.66
N MET A 601 -38.41 30.26 -127.96
CA MET A 601 -37.74 29.18 -128.69
C MET A 601 -36.32 28.86 -128.23
N ASP A 602 -35.49 29.92 -128.02
CA ASP A 602 -34.04 29.88 -127.80
C ASP A 602 -33.22 29.08 -128.84
N PRO A 603 -33.25 29.42 -130.14
CA PRO A 603 -32.58 28.66 -131.19
C PRO A 603 -31.08 28.98 -131.24
N LEU A 604 -30.28 28.07 -131.83
CA LEU A 604 -28.85 28.29 -131.97
C LEU A 604 -28.40 27.59 -133.23
N ASN A 605 -27.30 28.05 -133.88
CA ASN A 605 -26.65 27.37 -134.99
C ASN A 605 -26.02 26.05 -134.49
N ASP A 606 -26.58 24.89 -134.89
CA ASP A 606 -26.12 23.58 -134.42
C ASP A 606 -24.78 23.16 -135.03
N ASN A 607 -24.46 23.64 -136.26
CA ASN A 607 -23.22 23.34 -136.95
C ASN A 607 -22.00 23.86 -136.19
N VAL A 608 -22.01 25.11 -135.69
CA VAL A 608 -20.94 25.64 -134.85
C VAL A 608 -20.91 24.99 -133.47
N THR A 609 -22.09 24.62 -132.93
CA THR A 609 -22.22 23.99 -131.61
C THR A 609 -21.54 22.64 -131.52
N SER A 610 -21.65 21.80 -132.56
CA SER A 610 -20.99 20.49 -132.64
C SER A 610 -19.48 20.57 -132.77
N LEU A 611 -18.95 21.72 -133.28
CA LEU A 611 -17.53 22.02 -133.29
C LEU A 611 -16.96 22.20 -131.87
N LEU A 612 -17.73 22.87 -130.97
CA LEU A 612 -17.40 23.02 -129.56
C LEU A 612 -17.39 21.72 -128.76
N ASN A 613 -18.33 20.80 -129.08
CA ASN A 613 -18.45 19.47 -128.48
C ASN A 613 -17.17 18.64 -128.56
N GLN A 614 -16.42 18.82 -129.65
CA GLN A 614 -15.23 18.06 -130.02
C GLN A 614 -13.98 18.93 -130.07
N SER A 615 -13.98 20.05 -129.30
CA SER A 615 -12.88 21.00 -129.23
C SER A 615 -11.60 20.50 -128.54
N SER A 616 -10.48 21.21 -128.72
CA SER A 616 -9.15 20.80 -128.17
C SER A 616 -8.90 21.44 -126.81
N ASP A 617 -9.87 22.22 -126.26
CA ASP A 617 -9.88 22.59 -124.86
C ASP A 617 -10.90 21.68 -124.18
N LYS A 618 -10.41 20.96 -123.16
CA LYS A 618 -11.10 20.10 -122.23
C LYS A 618 -12.24 20.81 -121.50
N PHE A 619 -12.02 22.09 -121.12
CA PHE A 619 -12.99 22.85 -120.38
C PHE A 619 -14.18 23.24 -121.27
N VAL A 620 -13.89 23.68 -122.51
CA VAL A 620 -14.91 23.97 -123.51
C VAL A 620 -15.69 22.73 -123.92
N ALA A 621 -15.00 21.58 -124.09
CA ALA A 621 -15.60 20.29 -124.35
C ALA A 621 -16.50 19.74 -123.24
N ASP A 622 -16.12 19.94 -121.95
CA ASP A 622 -17.00 19.67 -120.80
C ASP A 622 -18.22 20.61 -120.78
N LEU A 623 -18.02 21.92 -120.99
CA LEU A 623 -19.11 22.90 -121.05
C LEU A 623 -20.13 22.71 -122.17
N TRP A 624 -19.69 22.14 -123.30
CA TRP A 624 -20.51 21.83 -124.44
C TRP A 624 -20.69 20.33 -124.62
N LYS A 625 -20.60 19.55 -123.51
CA LYS A 625 -20.78 18.11 -123.57
C LYS A 625 -22.16 17.64 -123.99
N ASP A 626 -23.24 18.27 -123.47
CA ASP A 626 -24.59 18.02 -123.87
C ASP A 626 -24.99 18.89 -125.10
N VAL A 627 -24.95 18.31 -126.31
CA VAL A 627 -25.42 18.97 -127.53
C VAL A 627 -26.74 18.34 -128.00
N ASP A 628 -27.18 17.26 -127.33
CA ASP A 628 -28.32 16.44 -127.67
C ASP A 628 -29.70 17.13 -127.73
N ARG A 629 -29.81 18.37 -127.21
CA ARG A 629 -31.02 19.15 -127.11
C ARG A 629 -30.89 20.54 -127.73
N ILE A 630 -29.80 20.79 -128.50
CA ILE A 630 -29.66 22.00 -129.32
C ILE A 630 -30.68 21.95 -130.47
N VAL A 631 -31.47 23.02 -130.66
CA VAL A 631 -32.62 22.97 -131.55
C VAL A 631 -32.38 23.86 -132.78
N GLY A 632 -32.18 23.23 -133.94
CA GLY A 632 -32.08 23.94 -135.21
C GLY A 632 -33.42 24.31 -135.77
N LEU A 633 -33.58 25.55 -136.30
CA LEU A 633 -34.81 25.97 -136.96
C LEU A 633 -34.52 26.52 -138.33
N ASP A 634 -33.35 27.20 -138.52
CA ASP A 634 -33.02 27.92 -139.73
C ASP A 634 -34.04 29.05 -140.03
N GLN A 635 -34.26 29.91 -139.02
CA GLN A 635 -35.28 30.95 -139.07
C GLN A 635 -34.75 32.26 -139.65
N MET A 636 -35.48 32.83 -140.63
CA MET A 636 -35.08 34.06 -141.29
C MET A 636 -35.68 35.25 -140.56
N ALA A 637 -34.90 35.84 -139.63
CA ALA A 637 -35.17 37.14 -139.04
C ALA A 637 -35.08 38.23 -140.11
N LYS A 638 -36.25 38.78 -140.49
CA LYS A 638 -36.40 39.74 -141.55
C LYS A 638 -37.60 40.52 -141.07
N MET A 639 -37.47 41.84 -140.77
CA MET A 639 -38.57 42.59 -140.19
C MET A 639 -39.82 42.63 -141.09
N THR A 640 -41.01 42.69 -140.46
CA THR A 640 -42.33 42.56 -141.09
C THR A 640 -42.65 41.09 -141.35
N GLU A 641 -41.89 40.44 -142.24
CA GLU A 641 -42.06 39.04 -142.59
C GLU A 641 -40.99 38.15 -142.00
N SER A 642 -40.95 37.97 -140.67
CA SER A 642 -40.14 36.90 -140.06
C SER A 642 -40.62 35.56 -140.56
N SER A 643 -39.71 34.64 -140.95
CA SER A 643 -40.11 33.40 -141.59
C SER A 643 -39.52 32.26 -140.80
N LEU A 644 -40.38 31.34 -140.30
CA LEU A 644 -39.95 30.25 -139.43
C LEU A 644 -40.00 28.88 -140.11
N PRO A 645 -39.04 28.45 -140.96
CA PRO A 645 -38.76 27.04 -141.21
C PRO A 645 -38.51 26.18 -139.98
N SER A 646 -38.45 24.85 -140.17
CA SER A 646 -38.12 23.93 -139.09
C SER A 646 -37.05 22.95 -139.51
N ALA A 647 -35.93 22.91 -138.75
CA ALA A 647 -34.77 22.09 -139.03
C ALA A 647 -34.41 21.31 -137.79
N SER A 648 -35.43 20.85 -137.03
CA SER A 648 -35.29 20.23 -135.71
C SER A 648 -34.29 19.07 -135.64
N LYS A 649 -33.73 18.80 -134.43
CA LYS A 649 -32.56 17.93 -134.34
C LYS A 649 -32.39 17.22 -133.01
N THR A 650 -33.38 17.28 -132.11
CA THR A 650 -33.22 16.74 -130.77
C THR A 650 -33.39 15.24 -130.62
N LYS A 651 -32.64 14.60 -129.69
CA LYS A 651 -32.79 13.18 -129.39
C LYS A 651 -34.21 12.80 -129.00
N LYS A 652 -34.76 11.72 -129.61
CA LYS A 652 -36.11 11.20 -129.37
C LYS A 652 -37.29 12.18 -129.58
N GLY A 653 -37.06 13.38 -130.15
CA GLY A 653 -38.11 14.39 -130.33
C GLY A 653 -38.71 14.96 -129.05
N MET A 654 -37.91 15.19 -127.99
CA MET A 654 -38.43 15.58 -126.68
C MET A 654 -38.30 17.07 -126.33
N PHE A 655 -38.09 17.96 -127.32
CA PHE A 655 -37.90 19.39 -127.10
C PHE A 655 -39.01 20.13 -126.34
N ARG A 656 -38.65 21.22 -125.63
CA ARG A 656 -39.55 21.93 -124.74
C ARG A 656 -39.32 23.43 -124.92
N THR A 657 -40.42 24.19 -125.10
CA THR A 657 -40.46 25.67 -125.08
C THR A 657 -40.03 26.22 -123.71
N VAL A 658 -39.33 27.39 -123.70
CA VAL A 658 -38.72 27.98 -122.50
C VAL A 658 -39.73 28.39 -121.42
N GLY A 659 -40.86 29.01 -121.81
CA GLY A 659 -41.98 29.33 -120.94
C GLY A 659 -42.50 28.19 -120.11
N GLN A 660 -42.76 27.05 -120.76
CA GLN A 660 -43.10 25.80 -120.13
C GLN A 660 -41.98 25.24 -119.26
N LEU A 661 -40.72 25.28 -119.75
CA LEU A 661 -39.53 24.81 -119.04
C LEU A 661 -39.26 25.52 -117.72
N TYR A 662 -39.39 26.87 -117.66
CA TYR A 662 -39.35 27.61 -116.41
C TYR A 662 -40.52 27.27 -115.47
N LYS A 663 -41.74 27.18 -116.01
CA LYS A 663 -42.95 26.90 -115.24
C LYS A 663 -42.90 25.57 -114.48
N GLU A 664 -42.31 24.56 -115.15
CA GLU A 664 -42.03 23.21 -114.68
C GLU A 664 -41.11 23.17 -113.44
N GLN A 665 -40.05 24.03 -113.36
CA GLN A 665 -39.28 24.14 -112.12
C GLN A 665 -39.90 25.09 -111.08
N LEU A 666 -40.76 26.05 -111.50
CA LEU A 666 -41.47 26.94 -110.59
C LEU A 666 -42.51 26.23 -109.74
N THR A 667 -43.28 25.29 -110.33
CA THR A 667 -44.18 24.39 -109.60
C THR A 667 -43.42 23.45 -108.67
N LYS A 668 -42.22 22.97 -109.07
CA LYS A 668 -41.32 22.22 -108.20
C LYS A 668 -40.92 22.99 -106.94
N LEU A 669 -40.51 24.28 -107.08
CA LEU A 669 -40.23 25.16 -105.93
C LEU A 669 -41.47 25.39 -105.06
N MET A 670 -42.59 25.72 -105.68
CA MET A 670 -43.84 26.01 -105.00
C MET A 670 -44.39 24.82 -104.22
N THR A 671 -44.18 23.59 -104.74
CA THR A 671 -44.49 22.35 -104.03
C THR A 671 -43.70 22.21 -102.74
N THR A 672 -42.37 22.43 -102.78
CA THR A 672 -41.55 22.43 -101.55
C THR A 672 -41.94 23.53 -100.57
N LEU A 673 -42.23 24.76 -101.02
CA LEU A 673 -42.60 25.85 -100.12
C LEU A 673 -44.00 25.70 -99.49
N ARG A 674 -44.83 24.78 -100.03
CA ARG A 674 -46.12 24.45 -99.45
C ARG A 674 -46.03 23.21 -98.57
N ASN A 675 -44.82 22.64 -98.43
CA ASN A 675 -44.52 21.51 -97.57
C ASN A 675 -43.43 21.96 -96.61
N THR A 676 -43.35 23.28 -96.32
CA THR A 676 -42.41 23.85 -95.35
C THR A 676 -43.11 24.96 -94.61
N ASN A 677 -42.83 25.11 -93.31
CA ASN A 677 -43.26 26.24 -92.51
C ASN A 677 -42.70 27.57 -93.07
N PRO A 678 -43.34 28.74 -93.17
CA PRO A 678 -42.84 29.75 -94.10
C PRO A 678 -42.79 31.13 -93.43
N ASN A 679 -41.60 31.60 -93.07
CA ASN A 679 -41.39 32.83 -92.33
C ASN A 679 -41.19 34.00 -93.31
N PHE A 680 -42.13 34.95 -93.39
CA PHE A 680 -42.08 36.02 -94.37
C PHE A 680 -41.30 37.26 -93.88
N VAL A 681 -40.13 37.51 -94.50
CA VAL A 681 -39.32 38.70 -94.26
C VAL A 681 -39.69 39.70 -95.34
N ARG A 682 -40.48 40.75 -95.00
CA ARG A 682 -41.02 41.62 -96.02
C ARG A 682 -40.22 42.89 -96.14
N CYS A 683 -39.37 42.95 -97.20
CA CYS A 683 -38.46 44.06 -97.42
C CYS A 683 -39.16 45.16 -98.21
N ILE A 684 -39.05 46.41 -97.75
CA ILE A 684 -39.71 47.58 -98.31
C ILE A 684 -38.67 48.57 -98.82
N ILE A 685 -38.90 49.13 -100.02
CA ILE A 685 -38.04 50.11 -100.64
C ILE A 685 -38.47 51.52 -100.16
N PRO A 686 -37.61 52.45 -99.70
CA PRO A 686 -38.12 53.66 -99.04
C PRO A 686 -38.25 54.80 -100.03
N ASN A 687 -37.46 54.78 -101.11
CA ASN A 687 -37.45 55.82 -102.12
C ASN A 687 -36.73 55.30 -103.36
N HIS A 688 -37.09 55.78 -104.55
CA HIS A 688 -36.41 55.47 -105.80
C HIS A 688 -35.16 56.30 -106.13
N GLU A 689 -34.87 57.31 -105.32
CA GLU A 689 -33.88 58.34 -105.58
C GLU A 689 -32.54 57.89 -105.02
N LYS A 690 -32.57 56.77 -104.25
CA LYS A 690 -31.44 56.08 -103.66
C LYS A 690 -30.77 56.98 -102.62
N ARG A 691 -31.60 57.54 -101.73
CA ARG A 691 -31.17 58.41 -100.67
C ARG A 691 -31.23 57.66 -99.34
N ALA A 692 -30.09 57.56 -98.61
CA ALA A 692 -30.13 57.30 -97.19
C ALA A 692 -30.84 58.44 -96.44
N GLY A 693 -31.72 58.12 -95.48
CA GLY A 693 -32.41 59.15 -94.69
C GLY A 693 -33.62 59.78 -95.33
N LYS A 694 -34.08 59.30 -96.51
CA LYS A 694 -35.27 59.83 -97.15
C LYS A 694 -36.35 58.76 -97.18
N LEU A 695 -37.60 59.14 -96.85
CA LEU A 695 -38.71 58.22 -96.92
C LEU A 695 -39.85 58.86 -97.70
N ASP A 696 -40.31 58.22 -98.80
CA ASP A 696 -41.41 58.73 -99.57
C ASP A 696 -42.71 58.06 -99.09
N ALA A 697 -43.59 58.83 -98.40
CA ALA A 697 -44.71 58.32 -97.62
C ALA A 697 -45.71 57.48 -98.40
N HIS A 698 -46.21 57.97 -99.53
CA HIS A 698 -47.13 57.26 -100.42
C HIS A 698 -46.50 56.02 -101.05
N LEU A 699 -45.22 56.08 -101.43
CA LEU A 699 -44.50 54.97 -102.03
C LEU A 699 -44.37 53.76 -101.09
N VAL A 700 -44.08 53.99 -99.80
CA VAL A 700 -44.16 52.96 -98.76
C VAL A 700 -45.59 52.55 -98.45
N LEU A 701 -46.54 53.50 -98.39
CA LEU A 701 -47.95 53.24 -98.11
C LEU A 701 -48.63 52.31 -99.11
N GLU A 702 -48.33 52.49 -100.41
CA GLU A 702 -48.75 51.57 -101.45
C GLU A 702 -48.14 50.17 -101.26
N GLN A 703 -46.84 50.06 -100.93
CA GLN A 703 -46.23 48.79 -100.60
C GLN A 703 -46.88 48.06 -99.42
N LEU A 704 -47.32 48.80 -98.37
CA LEU A 704 -48.16 48.25 -97.32
C LEU A 704 -49.50 47.72 -97.83
N ARG A 705 -50.17 48.46 -98.74
CA ARG A 705 -51.39 48.03 -99.41
C ARG A 705 -51.23 46.79 -100.28
N CYS A 706 -50.28 46.77 -101.24
CA CYS A 706 -50.17 45.66 -102.19
C CYS A 706 -49.55 44.39 -101.61
N ASN A 707 -48.80 44.49 -100.49
CA ASN A 707 -48.32 43.32 -99.78
C ASN A 707 -49.36 42.81 -98.78
N GLY A 708 -50.43 43.58 -98.48
CA GLY A 708 -51.52 43.15 -97.60
C GLY A 708 -51.18 43.16 -96.13
N VAL A 709 -50.41 44.16 -95.68
CA VAL A 709 -49.89 44.24 -94.32
C VAL A 709 -50.97 44.47 -93.27
N LEU A 710 -51.95 45.38 -93.50
CA LEU A 710 -53.01 45.70 -92.55
C LEU A 710 -53.89 44.49 -92.27
N GLU A 711 -54.30 43.79 -93.35
CA GLU A 711 -55.02 42.53 -93.38
C GLU A 711 -54.26 41.42 -92.67
N GLY A 712 -52.93 41.30 -92.88
CA GLY A 712 -52.09 40.35 -92.16
C GLY A 712 -51.99 40.60 -90.65
N ILE A 713 -52.02 41.86 -90.21
CA ILE A 713 -52.02 42.21 -88.80
C ILE A 713 -53.41 42.07 -88.17
N ARG A 714 -54.51 42.17 -88.97
CA ARG A 714 -55.85 41.75 -88.55
C ARG A 714 -55.84 40.24 -88.19
N ILE A 715 -54.98 39.45 -88.82
CA ILE A 715 -54.53 38.10 -88.51
C ILE A 715 -53.86 38.05 -87.15
N CYS A 716 -52.85 38.86 -86.89
CA CYS A 716 -52.18 39.08 -85.62
C CYS A 716 -53.05 39.48 -84.43
N ARG A 717 -53.97 40.42 -84.61
CA ARG A 717 -54.90 41.07 -83.69
C ARG A 717 -56.02 40.10 -83.30
N GLN A 718 -57.13 39.84 -83.98
CA GLN A 718 -57.79 38.54 -83.92
C GLN A 718 -57.86 37.13 -84.52
N GLY A 719 -56.76 36.54 -84.98
CA GLY A 719 -56.63 35.09 -85.22
C GLY A 719 -56.31 34.27 -84.00
N PHE A 720 -55.98 32.99 -84.24
CA PHE A 720 -55.72 31.97 -83.24
C PHE A 720 -54.52 31.05 -83.59
N PRO A 721 -53.40 31.42 -84.20
CA PRO A 721 -52.45 30.52 -84.89
C PRO A 721 -51.64 29.58 -84.00
N ASN A 722 -51.86 29.58 -82.68
CA ASN A 722 -51.05 28.82 -81.77
C ASN A 722 -51.92 28.19 -80.70
N ARG A 723 -51.33 27.27 -79.93
CA ARG A 723 -52.10 26.43 -79.03
C ARG A 723 -51.81 24.94 -79.18
N ILE A 724 -52.52 24.06 -78.49
CA ILE A 724 -52.04 22.70 -78.45
C ILE A 724 -53.07 21.68 -78.03
N VAL A 725 -52.79 20.41 -78.34
CA VAL A 725 -53.58 19.23 -78.02
C VAL A 725 -53.85 19.10 -76.52
N PHE A 726 -54.99 18.50 -76.13
CA PHE A 726 -55.40 18.40 -74.73
C PHE A 726 -54.37 17.72 -73.84
N GLN A 727 -53.64 16.59 -74.26
CA GLN A 727 -52.64 15.85 -73.52
C GLN A 727 -51.39 16.67 -73.16
N GLU A 728 -50.75 17.34 -74.12
CA GLU A 728 -49.62 18.23 -73.89
C GLU A 728 -49.92 19.44 -73.02
N PHE A 729 -51.12 20.05 -73.18
CA PHE A 729 -51.60 21.09 -72.29
C PHE A 729 -51.78 20.57 -70.85
N ARG A 730 -52.31 19.26 -70.68
CA ARG A 730 -52.46 18.67 -69.37
C ARG A 730 -51.10 18.40 -68.71
N GLN A 731 -50.19 17.75 -69.44
CA GLN A 731 -48.89 17.34 -68.93
C GLN A 731 -47.97 18.49 -68.54
N ARG A 732 -47.86 19.55 -69.36
CA ARG A 732 -46.92 20.62 -69.06
C ARG A 732 -47.44 21.66 -68.07
N TYR A 733 -48.79 21.81 -67.90
CA TYR A 733 -49.37 22.92 -67.14
C TYR A 733 -50.15 22.49 -65.91
N GLU A 734 -50.19 21.17 -65.56
CA GLU A 734 -50.81 20.65 -64.33
C GLU A 734 -50.28 21.31 -63.07
N ILE A 735 -48.94 21.53 -63.02
CA ILE A 735 -48.23 22.23 -61.96
C ILE A 735 -48.70 23.68 -61.70
N LEU A 736 -49.50 24.23 -62.54
CA LEU A 736 -50.09 25.53 -62.23
C LEU A 736 -51.50 25.43 -61.62
N ALA A 737 -52.11 24.24 -61.61
CA ALA A 737 -53.52 24.09 -61.35
C ALA A 737 -53.78 22.76 -60.65
N ALA A 738 -52.85 22.33 -59.79
CA ALA A 738 -52.72 20.99 -59.27
C ALA A 738 -53.93 20.39 -58.53
N ASN A 739 -54.84 21.15 -57.95
CA ASN A 739 -56.05 20.65 -57.30
C ASN A 739 -57.28 20.74 -58.21
N ALA A 740 -57.11 21.17 -59.48
CA ALA A 740 -58.23 21.32 -60.39
C ALA A 740 -58.70 20.03 -61.03
N ILE A 741 -57.84 18.99 -61.10
CA ILE A 741 -58.21 17.70 -61.66
C ILE A 741 -58.21 16.71 -60.49
N PRO A 742 -59.30 16.03 -60.13
CA PRO A 742 -59.32 15.04 -59.06
C PRO A 742 -58.38 13.83 -59.18
N LYS A 743 -58.13 13.13 -58.05
CA LYS A 743 -57.25 11.97 -57.98
C LYS A 743 -57.97 10.67 -58.36
N GLY A 744 -58.69 10.71 -59.50
CA GLY A 744 -59.37 9.61 -60.18
C GLY A 744 -59.25 9.95 -61.65
N PHE A 745 -59.21 8.96 -62.56
CA PHE A 745 -59.09 9.22 -64.00
C PHE A 745 -60.23 10.03 -64.61
N MET A 746 -59.93 10.85 -65.64
CA MET A 746 -60.91 11.78 -66.17
C MET A 746 -60.62 12.03 -67.64
N ASP A 747 -61.64 12.46 -68.42
CA ASP A 747 -61.52 12.83 -69.82
C ASP A 747 -60.49 13.96 -70.03
N GLY A 748 -59.82 13.95 -71.22
CA GLY A 748 -58.77 14.89 -71.57
C GLY A 748 -59.31 16.27 -71.87
N LYS A 749 -60.48 16.36 -72.52
CA LYS A 749 -61.13 17.61 -72.83
C LYS A 749 -61.74 18.25 -71.59
N GLN A 750 -62.44 17.47 -70.76
CA GLN A 750 -62.95 17.90 -69.47
C GLN A 750 -61.85 18.34 -68.50
N ALA A 751 -60.76 17.56 -68.37
CA ALA A 751 -59.62 17.90 -67.54
C ALA A 751 -58.92 19.19 -67.94
N CYS A 752 -58.73 19.42 -69.26
CA CYS A 752 -58.20 20.69 -69.74
C CYS A 752 -59.08 21.89 -69.41
N ILE A 753 -60.42 21.77 -69.57
CA ILE A 753 -61.39 22.82 -69.19
C ILE A 753 -61.33 23.16 -67.70
N LEU A 754 -61.24 22.16 -66.84
CA LEU A 754 -61.10 22.37 -65.40
C LEU A 754 -59.84 23.15 -65.01
N MET A 755 -58.66 22.85 -65.57
CA MET A 755 -57.49 23.68 -65.32
C MET A 755 -57.53 25.08 -65.95
N ILE A 756 -58.19 25.26 -67.12
CA ILE A 756 -58.47 26.59 -67.70
C ILE A 756 -59.33 27.44 -66.76
N LYS A 757 -60.38 26.88 -66.12
CA LYS A 757 -61.20 27.59 -65.15
C LYS A 757 -60.59 27.69 -63.75
N ALA A 758 -59.61 26.83 -63.40
CA ALA A 758 -58.77 27.06 -62.24
C ALA A 758 -57.82 28.24 -62.34
N LEU A 759 -57.30 28.51 -63.55
CA LEU A 759 -56.37 29.61 -63.81
C LEU A 759 -57.09 30.86 -64.23
N GLU A 760 -58.40 30.82 -64.07
CA GLU A 760 -59.32 31.88 -64.48
C GLU A 760 -59.02 32.54 -65.81
N LEU A 761 -58.77 31.72 -66.85
CA LEU A 761 -58.56 32.24 -68.19
C LEU A 761 -59.83 32.89 -68.72
N ASP A 762 -59.70 34.12 -69.29
CA ASP A 762 -60.74 34.81 -70.02
C ASP A 762 -61.18 33.97 -71.26
N PRO A 763 -62.46 33.88 -71.56
CA PRO A 763 -62.92 33.10 -72.71
C PRO A 763 -62.61 33.75 -74.05
N ASN A 764 -62.13 35.00 -74.12
CA ASN A 764 -61.71 35.59 -75.39
C ASN A 764 -60.26 35.18 -75.73
N LEU A 765 -59.45 34.79 -74.72
CA LEU A 765 -58.09 34.34 -74.92
C LEU A 765 -57.94 32.90 -75.45
N TYR A 766 -58.98 32.04 -75.30
CA TYR A 766 -58.90 30.67 -75.78
C TYR A 766 -60.10 30.33 -76.67
N ARG A 767 -60.01 29.19 -77.38
CA ARG A 767 -61.20 28.57 -77.92
C ARG A 767 -60.96 27.06 -77.90
N ILE A 768 -62.04 26.27 -77.71
CA ILE A 768 -61.92 24.83 -77.52
C ILE A 768 -62.33 24.16 -78.81
N GLY A 769 -61.41 23.34 -79.41
CA GLY A 769 -61.71 22.56 -80.61
C GLY A 769 -62.17 21.16 -80.29
N GLN A 770 -61.85 20.21 -81.16
CA GLN A 770 -62.17 18.81 -80.97
C GLN A 770 -61.05 18.04 -80.31
N SER A 771 -59.78 18.28 -80.71
CA SER A 771 -58.62 17.66 -80.06
C SER A 771 -57.70 18.70 -79.43
N LYS A 772 -57.84 19.96 -79.85
CA LYS A 772 -56.88 20.95 -79.40
C LYS A 772 -57.53 22.22 -78.85
N ILE A 773 -56.78 22.95 -78.01
CA ILE A 773 -57.22 24.25 -77.50
C ILE A 773 -56.46 25.35 -78.17
N PHE A 774 -57.19 26.14 -78.98
CA PHE A 774 -56.69 27.30 -79.68
C PHE A 774 -56.45 28.43 -78.69
N PHE A 775 -55.40 29.22 -78.91
CA PHE A 775 -54.98 30.21 -77.93
C PHE A 775 -54.56 31.46 -78.66
N ARG A 776 -54.97 32.62 -78.11
CA ARG A 776 -54.58 33.90 -78.65
C ARG A 776 -53.08 34.15 -78.49
N THR A 777 -52.47 34.86 -79.47
CA THR A 777 -51.11 35.41 -79.44
C THR A 777 -50.61 35.89 -78.08
N GLY A 778 -49.49 35.36 -77.64
CA GLY A 778 -48.94 35.73 -76.33
C GLY A 778 -49.36 34.80 -75.21
N VAL A 779 -50.62 34.32 -75.20
CA VAL A 779 -51.20 33.67 -74.02
C VAL A 779 -50.54 32.34 -73.64
N LEU A 780 -50.12 31.53 -74.63
CA LEU A 780 -49.32 30.32 -74.42
C LEU A 780 -47.97 30.63 -73.79
N ALA A 781 -47.36 31.74 -74.20
CA ALA A 781 -46.03 32.13 -73.78
C ALA A 781 -46.07 32.86 -72.43
N HIS A 782 -46.70 33.74 -71.65
CA HIS A 782 -47.59 33.48 -70.52
C HIS A 782 -48.58 32.36 -70.78
N LEU A 783 -48.34 31.14 -70.30
CA LEU A 783 -48.50 29.93 -69.50
C LEU A 783 -47.12 29.26 -69.51
N GLU A 784 -46.14 29.05 -70.37
CA GLU A 784 -44.93 29.77 -70.81
C GLU A 784 -44.65 31.10 -70.13
N GLU A 785 -43.61 31.23 -69.31
CA GLU A 785 -42.55 32.08 -68.81
C GLU A 785 -41.83 31.68 -67.50
N GLU A 786 -42.98 31.00 -67.46
CA GLU A 786 -43.55 30.08 -66.49
C GLU A 786 -42.92 28.71 -66.28
N ARG A 787 -42.48 28.12 -67.39
CA ARG A 787 -41.73 27.11 -68.12
C ARG A 787 -40.28 27.41 -67.77
N ASP A 788 -39.73 28.55 -68.18
CA ASP A 788 -38.38 28.84 -67.78
C ASP A 788 -38.39 29.12 -66.27
N LEU A 789 -39.17 30.08 -65.80
CA LEU A 789 -39.33 30.65 -64.46
C LEU A 789 -39.66 29.60 -63.41
N LYS A 790 -40.78 28.93 -63.59
CA LYS A 790 -41.34 27.82 -62.83
C LYS A 790 -40.54 26.59 -62.41
N ILE A 791 -39.64 26.21 -63.32
CA ILE A 791 -38.70 25.10 -63.45
C ILE A 791 -37.31 25.46 -62.92
N THR A 792 -36.76 26.63 -63.24
CA THR A 792 -35.41 27.05 -62.89
C THR A 792 -35.44 27.35 -61.40
N ASP A 793 -36.39 28.08 -60.82
CA ASP A 793 -36.65 27.92 -59.41
C ASP A 793 -37.87 26.99 -59.32
N VAL A 794 -38.70 25.96 -59.17
CA VAL A 794 -38.78 25.12 -57.97
C VAL A 794 -37.74 24.02 -57.81
N ILE A 795 -36.80 23.91 -58.75
CA ILE A 795 -35.40 23.52 -58.72
C ILE A 795 -34.76 24.84 -58.32
N ILE A 796 -33.54 25.12 -58.79
CA ILE A 796 -33.12 25.91 -57.64
C ILE A 796 -33.16 25.40 -56.21
N ALA A 797 -34.25 24.80 -55.72
CA ALA A 797 -34.31 24.01 -54.49
C ALA A 797 -33.57 22.67 -54.38
N PHE A 798 -33.78 21.91 -53.32
CA PHE A 798 -32.90 20.83 -52.88
C PHE A 798 -31.82 21.88 -52.63
N GLN A 799 -31.92 22.44 -51.44
CA GLN A 799 -30.98 23.55 -51.70
C GLN A 799 -29.79 23.66 -50.75
N ALA A 800 -29.78 22.62 -49.92
CA ALA A 800 -29.64 22.76 -48.49
C ALA A 800 -30.73 22.01 -47.78
N GLN A 801 -31.70 21.38 -48.50
CA GLN A 801 -32.40 20.27 -47.87
C GLN A 801 -31.53 19.01 -47.94
N CYS A 802 -30.95 18.73 -49.11
CA CYS A 802 -29.95 17.68 -49.23
C CYS A 802 -28.63 18.03 -48.59
N ARG A 803 -28.08 19.25 -48.84
CA ARG A 803 -26.87 19.72 -48.16
C ARG A 803 -27.07 19.84 -46.64
N GLY A 804 -28.27 20.31 -46.21
CA GLY A 804 -28.63 20.44 -44.82
C GLY A 804 -28.74 19.12 -44.12
N TYR A 805 -29.23 18.07 -44.81
CA TYR A 805 -29.21 16.69 -44.36
C TYR A 805 -27.79 16.12 -44.25
N LEU A 806 -26.97 16.27 -45.31
CA LEU A 806 -25.62 15.73 -45.40
C LEU A 806 -24.69 16.33 -44.36
N ALA A 807 -24.73 17.67 -44.17
CA ALA A 807 -23.91 18.35 -43.20
C ALA A 807 -24.14 17.90 -41.75
N ARG A 808 -25.36 17.82 -41.26
CA ARG A 808 -25.69 17.31 -39.93
C ARG A 808 -25.42 15.82 -39.73
N LYS A 809 -25.57 14.98 -40.77
CA LYS A 809 -25.11 13.60 -40.74
C LYS A 809 -23.59 13.46 -40.63
N ALA A 810 -22.83 14.25 -41.40
CA ALA A 810 -21.37 14.30 -41.35
C ALA A 810 -20.86 14.81 -40.00
N PHE A 811 -21.36 15.82 -39.35
CA PHE A 811 -21.23 16.34 -38.01
C PHE A 811 -21.49 15.26 -36.95
N ALA A 812 -22.52 14.42 -37.15
CA ALA A 812 -22.85 13.30 -36.29
C ALA A 812 -22.10 12.02 -36.66
N LYS A 813 -21.04 12.11 -37.48
CA LYS A 813 -19.98 11.11 -37.54
C LYS A 813 -19.00 11.44 -36.40
N ARG A 814 -19.14 12.54 -35.72
CA ARG A 814 -18.45 12.80 -34.46
C ARG A 814 -19.35 13.56 -33.44
N GLN A 815 -20.69 13.51 -33.55
CA GLN A 815 -21.62 14.05 -32.55
C GLN A 815 -22.31 12.83 -31.98
N GLN A 816 -21.30 12.00 -31.70
CA GLN A 816 -21.48 10.98 -30.66
C GLN A 816 -20.29 10.61 -29.80
N GLN A 817 -19.15 11.23 -30.14
CA GLN A 817 -17.73 11.54 -29.94
C GLN A 817 -17.60 12.88 -29.23
N LEU A 818 -18.84 13.18 -28.88
CA LEU A 818 -18.53 14.55 -28.49
C LEU A 818 -17.75 14.50 -27.17
N THR A 819 -18.31 13.96 -26.09
CA THR A 819 -17.69 14.04 -24.75
C THR A 819 -16.97 12.77 -24.37
N ALA A 820 -17.02 11.76 -25.25
CA ALA A 820 -16.29 10.52 -25.08
C ALA A 820 -14.89 10.62 -25.69
N MET A 821 -14.63 11.91 -25.56
CA MET A 821 -13.62 11.77 -26.59
C MET A 821 -12.60 12.39 -25.64
N LYS A 822 -12.16 13.47 -26.29
CA LYS A 822 -11.71 14.06 -25.02
C LYS A 822 -11.67 13.35 -23.68
N VAL A 823 -12.19 12.22 -24.16
CA VAL A 823 -11.96 11.78 -22.79
C VAL A 823 -10.55 11.24 -22.55
N ILE A 824 -9.94 10.63 -23.56
CA ILE A 824 -8.53 10.19 -23.72
C ILE A 824 -7.49 11.21 -23.29
N GLN A 825 -7.44 12.35 -24.00
CA GLN A 825 -6.63 13.50 -23.67
C GLN A 825 -6.63 14.00 -22.22
N ARG A 826 -7.84 14.17 -21.54
CA ARG A 826 -7.79 14.61 -20.15
C ARG A 826 -7.31 13.56 -19.17
N ASN A 827 -7.42 12.26 -19.54
CA ASN A 827 -6.81 11.15 -18.82
C ASN A 827 -5.30 11.09 -19.04
N CYS A 828 -4.83 11.30 -20.29
CA CYS A 828 -3.41 11.41 -20.62
C CYS A 828 -2.75 12.60 -19.91
N ALA A 829 -3.47 13.79 -19.92
CA ALA A 829 -3.06 14.95 -19.16
C ALA A 829 -3.03 14.72 -17.64
N ALA A 830 -4.06 14.05 -17.07
CA ALA A 830 -4.08 13.63 -15.69
C ALA A 830 -2.95 12.66 -15.36
N TYR A 831 -2.66 11.68 -16.23
CA TYR A 831 -1.60 10.70 -16.03
C TYR A 831 -0.24 11.30 -15.79
N LEU A 832 0.23 12.19 -16.73
CA LEU A 832 1.53 12.82 -16.60
C LEU A 832 1.65 13.70 -15.36
N LYS A 833 0.63 14.53 -15.09
CA LYS A 833 0.64 15.42 -13.95
C LYS A 833 0.33 14.73 -12.62
N LEU A 834 -0.46 13.64 -12.59
CA LEU A 834 -0.59 12.77 -11.43
C LEU A 834 0.72 12.05 -11.10
N ARG A 835 1.36 11.51 -12.18
CA ARG A 835 2.60 10.78 -12.09
C ARG A 835 3.77 11.61 -11.59
N ASN A 836 3.88 12.86 -12.06
CA ASN A 836 5.05 13.67 -11.81
C ASN A 836 4.87 14.68 -10.68
N TRP A 837 3.74 14.62 -9.95
CA TRP A 837 3.61 15.28 -8.67
C TRP A 837 3.99 14.34 -7.53
N GLN A 838 4.47 15.00 -6.42
CA GLN A 838 5.26 14.30 -5.44
C GLN A 838 4.58 13.19 -4.64
N TRP A 839 3.36 13.40 -4.11
CA TRP A 839 2.74 12.44 -3.22
C TRP A 839 2.44 11.07 -3.86
N TRP A 840 2.03 11.06 -5.14
CA TRP A 840 1.76 9.84 -5.88
C TRP A 840 3.02 9.05 -6.29
N ARG A 841 4.21 9.71 -6.41
CA ARG A 841 5.49 9.06 -6.68
C ARG A 841 5.86 8.03 -5.62
N LEU A 842 5.53 8.29 -4.33
CA LEU A 842 5.65 7.32 -3.26
C LEU A 842 4.74 6.10 -3.42
N PHE A 843 3.44 6.31 -3.74
CA PHE A 843 2.46 5.25 -3.92
C PHE A 843 2.84 4.29 -5.05
N THR A 844 3.38 4.86 -6.18
CA THR A 844 3.84 4.17 -7.37
C THR A 844 4.86 3.07 -7.09
N LYS A 845 5.79 3.26 -6.13
CA LYS A 845 6.69 2.18 -5.76
C LYS A 845 6.21 1.35 -4.56
N VAL A 846 5.44 1.92 -3.59
CA VAL A 846 5.03 1.14 -2.42
C VAL A 846 4.05 -0.01 -2.70
N LYS A 847 3.02 0.19 -3.66
CA LYS A 847 2.10 -0.90 -3.99
C LYS A 847 2.77 -2.14 -4.63
N PRO A 848 3.75 -2.05 -5.52
CA PRO A 848 4.62 -3.18 -5.88
C PRO A 848 5.39 -3.85 -4.75
N LEU A 849 5.71 -3.17 -3.63
CA LEU A 849 6.31 -3.81 -2.47
C LEU A 849 5.28 -4.64 -1.72
N LEU A 850 4.03 -4.17 -1.67
CA LEU A 850 2.90 -4.92 -1.14
C LEU A 850 2.48 -6.05 -2.08
N GLN A 851 3.40 -7.04 -2.25
CA GLN A 851 3.41 -8.25 -3.07
C GLN A 851 4.83 -8.40 -3.63
N VAL A 852 5.42 -8.36 -2.44
CA VAL A 852 6.18 -9.19 -1.50
C VAL A 852 5.36 -9.31 -0.23
N THR A 853 4.79 -8.26 0.36
CA THR A 853 4.02 -8.40 1.61
C THR A 853 2.53 -8.73 1.44
N ARG A 854 1.94 -8.54 0.24
CA ARG A 854 0.59 -9.05 0.05
C ARG A 854 0.57 -10.47 -0.51
N GLN A 855 1.75 -11.03 -0.83
CA GLN A 855 1.91 -12.46 -1.03
C GLN A 855 2.18 -13.13 0.33
N GLU A 856 2.77 -12.34 1.35
CA GLU A 856 2.91 -12.67 2.75
C GLU A 856 1.53 -12.86 3.43
N GLU A 857 0.54 -11.99 3.08
CA GLU A 857 -0.88 -12.16 3.37
C GLU A 857 -1.44 -13.47 2.80
N GLU A 858 -1.10 -13.76 1.52
CA GLU A 858 -1.46 -14.96 0.80
C GLU A 858 -0.87 -16.25 1.41
N MET A 859 0.43 -16.19 1.97
CA MET A 859 1.01 -17.30 2.73
C MET A 859 0.22 -17.69 3.96
N GLN A 860 -0.22 -16.70 4.77
CA GLN A 860 -1.08 -16.94 5.92
C GLN A 860 -2.44 -17.55 5.54
N ALA A 861 -3.08 -17.01 4.49
CA ALA A 861 -4.33 -17.52 3.97
C ALA A 861 -4.23 -18.94 3.41
N LYS A 862 -3.11 -19.22 2.63
CA LYS A 862 -2.89 -20.52 2.02
C LYS A 862 -2.71 -21.66 3.00
N ASP A 863 -1.81 -21.53 4.00
CA ASP A 863 -1.52 -22.64 4.90
C ASP A 863 -2.65 -22.83 5.92
N GLU A 864 -3.48 -21.78 6.16
CA GLU A 864 -4.77 -21.91 6.85
C GLU A 864 -5.80 -22.71 6.05
N GLU A 865 -5.91 -22.41 4.72
CA GLU A 865 -6.71 -23.15 3.75
C GLU A 865 -6.28 -24.62 3.65
N LEU A 866 -4.97 -24.95 3.70
CA LEU A 866 -4.50 -26.33 3.71
C LEU A 866 -5.08 -27.18 4.85
N GLN A 867 -5.32 -26.59 6.03
CA GLN A 867 -6.05 -27.25 7.09
C GLN A 867 -7.50 -27.57 6.71
N ARG A 868 -8.23 -26.62 6.10
CA ARG A 868 -9.57 -26.84 5.58
C ARG A 868 -9.61 -27.82 4.42
N THR A 869 -8.58 -27.80 3.54
CA THR A 869 -8.42 -28.66 2.38
C THR A 869 -8.34 -30.15 2.71
N LYS A 870 -7.61 -30.57 3.78
CA LYS A 870 -7.61 -31.98 4.17
C LYS A 870 -8.90 -32.41 4.86
N GLU A 871 -9.59 -31.44 5.53
CA GLU A 871 -10.91 -31.63 6.12
C GLU A 871 -11.99 -31.89 5.10
N ARG A 872 -11.90 -31.27 3.89
CA ARG A 872 -12.73 -31.63 2.75
C ARG A 872 -12.52 -33.06 2.28
N GLN A 873 -11.26 -33.55 2.20
CA GLN A 873 -10.96 -34.95 1.89
C GLN A 873 -11.53 -35.93 2.95
N GLN A 874 -11.42 -35.58 4.21
CA GLN A 874 -12.03 -36.30 5.33
C GLN A 874 -13.55 -36.28 5.29
N LYS A 875 -14.17 -35.12 4.99
CA LYS A 875 -15.61 -35.03 4.77
C LYS A 875 -16.07 -35.86 3.60
N ALA A 876 -15.42 -35.73 2.43
CA ALA A 876 -15.86 -36.34 1.19
C ALA A 876 -15.91 -37.86 1.22
N GLU A 877 -14.86 -38.56 1.70
CA GLU A 877 -14.92 -40.01 1.81
C GLU A 877 -16.03 -40.50 2.74
N ALA A 878 -16.17 -39.87 3.92
CA ALA A 878 -17.21 -40.19 4.87
C ALA A 878 -18.62 -39.93 4.33
N GLU A 879 -18.81 -38.77 3.68
CA GLU A 879 -20.03 -38.35 3.01
C GLU A 879 -20.43 -39.27 1.85
N LEU A 880 -19.45 -39.66 1.03
CA LEU A 880 -19.71 -40.66 0.00
C LEU A 880 -20.19 -41.99 0.57
N LYS A 881 -19.56 -42.52 1.65
CA LYS A 881 -20.02 -43.74 2.32
C LYS A 881 -21.42 -43.58 2.93
N GLU A 882 -21.72 -42.42 3.53
CA GLU A 882 -23.04 -42.08 4.08
C GLU A 882 -24.13 -42.10 3.00
N LEU A 883 -23.85 -41.49 1.82
CA LEU A 883 -24.69 -41.57 0.62
C LEU A 883 -24.82 -42.97 0.01
N GLU A 884 -23.73 -43.76 -0.06
CA GLU A 884 -23.69 -45.13 -0.55
C GLU A 884 -24.58 -46.07 0.27
N GLN A 885 -24.51 -45.96 1.61
CA GLN A 885 -25.39 -46.58 2.57
C GLN A 885 -26.85 -46.21 2.32
N LYS A 886 -27.20 -44.86 2.18
CA LYS A 886 -28.56 -44.38 2.00
C LYS A 886 -29.12 -44.57 0.60
N HIS A 887 -28.33 -44.70 -0.45
CA HIS A 887 -28.84 -45.21 -1.73
C HIS A 887 -29.21 -46.68 -1.59
N THR A 888 -28.45 -47.49 -0.87
CA THR A 888 -28.87 -48.88 -0.64
C THR A 888 -30.28 -48.90 -0.08
N GLN A 889 -30.58 -48.11 1.00
CA GLN A 889 -31.89 -47.86 1.61
C GLN A 889 -32.91 -47.28 0.63
N LEU A 890 -32.51 -46.28 -0.17
CA LEU A 890 -33.36 -45.68 -1.18
C LEU A 890 -33.58 -46.59 -2.39
N CYS A 891 -32.83 -47.70 -2.54
CA CYS A 891 -33.23 -48.76 -3.46
C CYS A 891 -34.48 -49.49 -2.97
N GLU A 892 -34.52 -49.84 -1.65
CA GLU A 892 -35.63 -50.44 -0.92
C GLU A 892 -36.85 -49.53 -0.84
N GLU A 893 -36.66 -48.22 -0.53
CA GLU A 893 -37.73 -47.24 -0.45
C GLU A 893 -38.53 -47.13 -1.74
N LYS A 894 -37.86 -47.09 -2.92
CA LYS A 894 -38.54 -46.96 -4.20
C LYS A 894 -39.49 -48.08 -4.52
N ASN A 895 -39.18 -49.31 -4.28
CA ASN A 895 -40.06 -50.43 -4.60
C ASN A 895 -41.21 -50.55 -3.60
N LEU A 896 -40.91 -50.51 -2.29
CA LEU A 896 -41.91 -50.70 -1.24
C LEU A 896 -42.98 -49.61 -1.22
N LEU A 897 -42.60 -48.33 -1.44
CA LEU A 897 -43.56 -47.25 -1.61
C LEU A 897 -44.42 -47.37 -2.85
N GLN A 898 -43.88 -47.84 -3.94
CA GLN A 898 -44.64 -48.15 -5.14
C GLN A 898 -45.67 -49.27 -4.93
N GLU A 899 -45.27 -50.37 -4.26
CA GLU A 899 -46.16 -51.47 -3.87
C GLU A 899 -47.30 -51.03 -2.96
N LYS A 900 -46.99 -50.19 -1.94
CA LYS A 900 -47.97 -49.58 -1.07
C LYS A 900 -48.96 -48.70 -1.80
N LEU A 901 -48.50 -47.86 -2.70
CA LEU A 901 -49.30 -46.93 -3.48
C LEU A 901 -50.32 -47.61 -4.38
N GLN A 902 -49.96 -48.71 -5.10
CA GLN A 902 -50.92 -49.42 -5.92
C GLN A 902 -52.04 -50.07 -5.12
N ALA A 903 -51.67 -50.82 -4.05
CA ALA A 903 -52.61 -51.56 -3.21
C ALA A 903 -53.63 -50.67 -2.49
N GLU A 904 -53.21 -49.48 -2.05
CA GLU A 904 -54.05 -48.46 -1.47
C GLU A 904 -55.15 -47.96 -2.42
N THR A 905 -54.83 -47.76 -3.72
CA THR A 905 -55.83 -47.47 -4.75
C THR A 905 -56.83 -48.59 -5.00
N GLU A 906 -56.38 -49.86 -4.99
CA GLU A 906 -57.23 -51.05 -5.11
C GLU A 906 -58.23 -51.17 -3.96
N LEU A 907 -57.82 -50.89 -2.73
CA LEU A 907 -58.68 -50.82 -1.56
C LEU A 907 -59.73 -49.70 -1.63
N TYR A 908 -59.36 -48.52 -2.16
CA TYR A 908 -60.27 -47.41 -2.41
C TYR A 908 -61.43 -47.76 -3.36
N ALA A 909 -61.18 -48.58 -4.41
CA ALA A 909 -62.21 -49.00 -5.34
C ALA A 909 -63.36 -49.80 -4.70
N PHE B 1 -12.68 6.06 -3.42
CA PHE B 1 -11.98 4.91 -3.84
C PHE B 1 -12.69 3.67 -3.40
N ASP B 2 -12.26 2.46 -3.77
CA ASP B 2 -12.92 1.21 -3.47
C ASP B 2 -12.43 0.63 -2.14
N GLN B 3 -13.09 -0.44 -1.66
CA GLN B 3 -12.72 -1.15 -0.45
C GLN B 3 -11.35 -1.83 -0.56
N SER B 4 -11.03 -2.45 -1.71
CA SER B 4 -9.74 -3.08 -2.01
C SER B 4 -8.61 -2.07 -1.99
N GLN B 5 -8.84 -0.89 -2.61
CA GLN B 5 -7.96 0.26 -2.54
C GLN B 5 -7.71 0.75 -1.12
N ILE B 6 -8.75 0.79 -0.25
CA ILE B 6 -8.59 1.11 1.16
C ILE B 6 -7.67 0.13 1.89
N GLN B 7 -7.81 -1.21 1.67
CA GLN B 7 -6.92 -2.19 2.30
C GLN B 7 -5.46 -2.05 1.92
N GLU B 8 -5.16 -1.89 0.61
CA GLU B 8 -3.83 -1.61 0.10
C GLU B 8 -3.25 -0.30 0.63
N PHE B 9 -4.08 0.76 0.67
CA PHE B 9 -3.75 2.07 1.21
C PHE B 9 -3.46 2.06 2.70
N LYS B 10 -4.27 1.34 3.51
CA LYS B 10 -4.04 1.14 4.93
C LYS B 10 -2.73 0.42 5.19
N GLU B 11 -2.40 -0.64 4.42
CA GLU B 11 -1.08 -1.26 4.52
C GLU B 11 0.07 -0.40 4.04
N ALA B 12 -0.11 0.41 2.98
CA ALA B 12 0.87 1.41 2.58
C ALA B 12 1.11 2.48 3.65
N PHE B 13 0.05 3.03 4.31
CA PHE B 13 0.14 3.97 5.42
C PHE B 13 0.98 3.39 6.58
N ASN B 14 0.71 2.11 6.90
CA ASN B 14 1.37 1.33 7.93
C ASN B 14 2.82 0.96 7.61
N MET B 15 3.29 1.23 6.38
CA MET B 15 4.66 1.05 5.94
C MET B 15 5.21 2.39 5.40
N ILE B 16 4.58 3.51 5.77
CA ILE B 16 5.05 4.86 5.42
C ILE B 16 5.08 5.69 6.70
N ASP B 17 4.22 5.40 7.72
CA ASP B 17 4.60 5.61 9.11
C ASP B 17 5.81 4.71 9.36
N GLN B 18 6.85 5.19 10.06
CA GLN B 18 8.02 4.38 10.27
C GLN B 18 8.27 4.22 11.76
N ASN B 19 7.88 5.20 12.60
CA ASN B 19 7.94 5.08 14.06
C ASN B 19 6.58 4.93 14.74
N ARG B 20 5.48 4.77 13.98
CA ARG B 20 4.11 4.77 14.47
C ARG B 20 3.61 5.89 15.40
N ASP B 21 2.99 5.53 16.56
CA ASP B 21 1.95 6.30 17.24
C ASP B 21 0.66 6.28 16.41
N GLY B 22 0.61 7.13 15.36
CA GLY B 22 -0.57 7.23 14.50
C GLY B 22 -0.61 8.46 13.66
N PHE B 23 0.57 9.02 13.37
CA PHE B 23 0.77 10.17 12.52
C PHE B 23 1.99 9.86 11.68
N ILE B 24 2.31 10.74 10.71
CA ILE B 24 3.48 10.62 9.88
C ILE B 24 4.15 11.97 9.98
N ASP B 25 5.47 12.04 10.28
CA ASP B 25 6.21 13.29 10.27
C ASP B 25 7.32 13.27 9.22
N LYS B 26 8.25 14.26 9.22
CA LYS B 26 9.31 14.37 8.22
C LYS B 26 10.25 13.17 8.22
N GLU B 27 10.66 12.77 9.43
CA GLU B 27 11.62 11.73 9.70
C GLU B 27 11.14 10.37 9.21
N ASP B 28 9.82 10.08 9.36
CA ASP B 28 9.18 8.88 8.83
C ASP B 28 9.36 8.73 7.32
N LEU B 29 9.08 9.82 6.57
CA LEU B 29 9.34 9.86 5.14
C LEU B 29 10.82 9.82 4.82
N HIS B 30 11.66 10.59 5.53
CA HIS B 30 13.08 10.67 5.20
C HIS B 30 13.81 9.34 5.41
N ASP B 31 13.54 8.61 6.53
CA ASP B 31 14.11 7.29 6.70
C ASP B 31 13.57 6.27 5.68
N MET B 32 12.23 6.18 5.50
CA MET B 32 11.63 5.19 4.63
C MET B 32 12.00 5.37 3.15
N LEU B 33 12.02 6.62 2.65
CA LEU B 33 12.41 6.97 1.29
C LEU B 33 13.88 6.65 1.00
N ALA B 34 14.73 6.84 2.01
CA ALA B 34 16.10 6.36 1.92
C ALA B 34 16.21 4.84 1.86
N SER B 35 15.45 4.12 2.71
CA SER B 35 15.35 2.66 2.74
C SER B 35 14.83 2.05 1.45
N MET B 36 13.80 2.64 0.81
CA MET B 36 13.29 2.12 -0.45
C MET B 36 14.03 2.66 -1.67
N GLY B 37 15.09 3.49 -1.48
CA GLY B 37 15.93 3.81 -2.63
C GLY B 37 16.88 4.97 -2.56
N LYS B 38 16.50 6.07 -3.25
CA LYS B 38 17.21 7.33 -3.25
C LYS B 38 16.11 8.29 -2.88
N ASN B 39 16.23 8.92 -1.70
CA ASN B 39 15.38 9.98 -1.19
C ASN B 39 15.30 11.20 -2.13
N PRO B 40 14.24 12.01 -2.24
CA PRO B 40 14.37 13.32 -2.84
C PRO B 40 15.06 14.28 -1.87
N THR B 41 15.30 15.53 -2.29
CA THR B 41 15.75 16.63 -1.44
C THR B 41 14.69 17.10 -0.45
N ASP B 42 15.15 17.71 0.63
CA ASP B 42 14.47 18.15 1.84
C ASP B 42 13.34 19.13 1.60
N GLU B 43 13.56 20.05 0.64
CA GLU B 43 12.59 20.79 -0.16
C GLU B 43 11.32 20.03 -0.55
N TYR B 44 11.45 18.78 -1.03
CA TYR B 44 10.33 17.94 -1.40
C TYR B 44 9.86 17.06 -0.26
N LEU B 45 10.59 16.99 0.87
CA LEU B 45 10.05 16.47 2.12
C LEU B 45 9.10 17.52 2.71
N GLU B 46 9.55 18.79 2.76
CA GLU B 46 8.73 19.90 3.24
C GLU B 46 7.53 20.20 2.33
N GLY B 47 7.74 20.20 1.00
CA GLY B 47 6.70 20.47 0.01
C GLY B 47 5.72 19.35 -0.22
N MET B 48 5.90 18.20 0.44
CA MET B 48 4.95 17.10 0.41
C MET B 48 3.98 17.17 1.59
N MET B 49 4.27 17.99 2.64
CA MET B 49 3.34 18.11 3.77
C MET B 49 2.46 19.33 3.66
N SER B 50 2.81 20.30 2.78
CA SER B 50 2.08 21.56 2.67
C SER B 50 1.00 21.48 1.59
N GLU B 51 0.87 20.30 0.92
CA GLU B 51 -0.34 19.88 0.22
C GLU B 51 -1.51 19.68 1.19
N ALA B 52 -1.24 19.09 2.39
CA ALA B 52 -2.22 18.71 3.40
C ALA B 52 -2.60 19.89 4.29
N PRO B 53 -3.85 20.33 4.41
CA PRO B 53 -4.19 21.48 5.26
C PRO B 53 -4.15 21.18 6.76
N GLY B 54 -3.94 19.91 7.18
CA GLY B 54 -3.82 19.55 8.58
C GLY B 54 -2.83 18.42 8.71
N PRO B 55 -2.53 17.98 9.93
CA PRO B 55 -1.65 16.85 10.22
C PRO B 55 -1.86 15.58 9.41
N ILE B 56 -0.78 14.92 8.95
CA ILE B 56 -0.86 13.86 7.95
C ILE B 56 -1.17 12.47 8.51
N ASN B 57 -2.28 12.38 9.26
CA ASN B 57 -2.86 11.12 9.71
C ASN B 57 -3.50 10.35 8.56
N PHE B 58 -3.95 9.08 8.83
CA PHE B 58 -4.57 8.17 7.88
C PHE B 58 -5.73 8.80 7.09
N THR B 59 -6.64 9.51 7.78
CA THR B 59 -7.74 10.24 7.17
C THR B 59 -7.32 11.37 6.26
N MET B 60 -6.35 12.20 6.68
CA MET B 60 -5.84 13.29 5.87
C MET B 60 -5.12 12.81 4.62
N PHE B 61 -4.27 11.77 4.75
CA PHE B 61 -3.61 11.11 3.62
C PHE B 61 -4.65 10.47 2.69
N LEU B 62 -5.69 9.81 3.23
CA LEU B 62 -6.78 9.26 2.44
C LEU B 62 -7.57 10.31 1.67
N THR B 63 -7.93 11.46 2.31
CA THR B 63 -8.55 12.59 1.61
C THR B 63 -7.65 13.14 0.53
N MET B 64 -6.33 13.36 0.85
CA MET B 64 -5.36 13.90 -0.10
C MET B 64 -5.16 12.99 -1.33
N PHE B 65 -5.08 11.68 -1.09
CA PHE B 65 -5.04 10.66 -2.12
C PHE B 65 -6.32 10.56 -2.96
N GLY B 66 -7.48 10.55 -2.28
CA GLY B 66 -8.80 10.37 -2.87
C GLY B 66 -9.26 11.55 -3.68
N GLU B 67 -8.97 12.80 -3.16
CA GLU B 67 -9.29 14.05 -3.83
C GLU B 67 -8.57 14.22 -5.15
N LYS B 68 -7.29 13.85 -5.17
CA LYS B 68 -6.38 13.93 -6.30
C LYS B 68 -6.41 12.63 -7.13
N LEU B 69 -7.41 11.75 -6.92
CA LEU B 69 -7.78 10.73 -7.90
C LEU B 69 -9.22 10.95 -8.33
N ASN B 70 -9.93 12.01 -7.67
CA ASN B 70 -11.32 12.29 -7.97
C ASN B 70 -11.52 12.88 -9.37
N GLY B 71 -10.65 13.83 -9.78
CA GLY B 71 -10.75 14.49 -11.07
C GLY B 71 -10.18 13.69 -12.22
N THR B 72 -10.89 12.63 -12.63
CA THR B 72 -10.48 11.72 -13.69
C THR B 72 -11.73 11.03 -14.20
N ASP B 73 -11.63 10.22 -15.14
CA ASP B 73 -12.76 9.63 -15.80
C ASP B 73 -12.71 8.10 -15.62
N PRO B 74 -13.82 7.39 -15.37
CA PRO B 74 -13.91 5.92 -15.43
C PRO B 74 -13.30 5.27 -16.67
N GLU B 75 -12.73 4.04 -16.55
CA GLU B 75 -12.07 3.41 -17.68
C GLU B 75 -12.96 3.11 -18.88
N ASP B 76 -14.25 2.82 -18.65
CA ASP B 76 -15.27 2.55 -19.65
C ASP B 76 -15.53 3.73 -20.59
N VAL B 77 -15.44 4.96 -20.07
CA VAL B 77 -15.45 6.19 -20.86
C VAL B 77 -14.26 6.28 -21.81
N ILE B 78 -13.05 5.90 -21.35
CA ILE B 78 -11.84 5.81 -22.17
C ILE B 78 -11.94 4.69 -23.21
N ARG B 79 -12.47 3.54 -22.82
CA ARG B 79 -12.69 2.40 -23.70
C ARG B 79 -13.62 2.74 -24.87
N ASN B 80 -14.75 3.44 -24.61
CA ASN B 80 -15.65 3.93 -25.64
C ASN B 80 -15.31 5.37 -26.06
N ALA B 81 -14.04 5.79 -25.88
CA ALA B 81 -13.46 6.93 -26.54
C ALA B 81 -12.39 6.49 -27.52
N PHE B 82 -11.62 5.46 -27.19
CA PHE B 82 -10.80 4.74 -28.15
C PHE B 82 -11.65 4.08 -29.22
N ALA B 83 -12.67 3.29 -28.78
CA ALA B 83 -13.68 2.71 -29.64
C ALA B 83 -14.74 3.74 -30.02
N CYS B 84 -14.26 4.77 -30.71
CA CYS B 84 -15.00 5.77 -31.45
C CYS B 84 -14.09 6.24 -32.57
N PHE B 85 -12.96 5.59 -32.76
CA PHE B 85 -12.04 5.92 -33.84
C PHE B 85 -11.87 4.75 -34.80
N ASP B 86 -12.27 3.53 -34.41
CA ASP B 86 -12.35 2.35 -35.25
C ASP B 86 -13.76 2.15 -35.80
N GLU B 87 -13.85 1.74 -37.09
CA GLU B 87 -15.09 1.55 -37.81
C GLU B 87 -15.42 0.07 -37.98
N GLU B 88 -14.27 -0.78 -37.70
CA GLU B 88 -14.19 -2.21 -37.92
C GLU B 88 -13.71 -2.68 -36.56
N ALA B 89 -14.06 -3.90 -36.11
CA ALA B 89 -14.09 -4.24 -34.70
C ALA B 89 -12.72 -4.72 -34.20
N SER B 90 -11.70 -4.64 -35.07
CA SER B 90 -10.29 -4.83 -34.73
C SER B 90 -9.69 -3.61 -34.08
N GLY B 91 -10.17 -3.32 -32.83
CA GLY B 91 -9.99 -2.08 -32.11
C GLY B 91 -8.62 -1.57 -31.73
N PHE B 92 -7.56 -1.88 -32.48
CA PHE B 92 -6.24 -1.36 -32.27
C PHE B 92 -6.07 -0.03 -33.00
N ILE B 93 -6.10 1.10 -32.28
CA ILE B 93 -5.95 2.41 -32.90
C ILE B 93 -4.48 2.65 -33.24
N HIS B 94 -4.11 2.40 -34.51
CA HIS B 94 -2.75 2.40 -34.99
C HIS B 94 -2.03 3.74 -34.82
N GLU B 95 -0.73 3.67 -34.44
CA GLU B 95 0.15 4.82 -34.44
C GLU B 95 0.33 5.47 -35.81
N ASP B 96 0.83 6.71 -35.81
CA ASP B 96 0.85 7.62 -36.96
C ASP B 96 -0.54 8.10 -37.42
N HIS B 97 -1.65 7.36 -37.09
CA HIS B 97 -2.97 7.95 -36.92
C HIS B 97 -3.18 8.45 -35.49
N LEU B 98 -2.94 7.59 -34.48
CA LEU B 98 -3.06 7.93 -33.06
C LEU B 98 -2.06 9.01 -32.64
N ARG B 99 -0.90 9.06 -33.33
CA ARG B 99 0.09 10.11 -33.16
C ARG B 99 -0.49 11.50 -33.42
N GLU B 100 -1.13 11.69 -34.61
CA GLU B 100 -1.77 12.93 -35.03
C GLU B 100 -2.87 13.38 -34.04
N LEU B 101 -3.68 12.41 -33.56
CA LEU B 101 -4.71 12.67 -32.55
C LEU B 101 -4.18 13.30 -31.26
N LEU B 102 -2.97 12.90 -30.81
CA LEU B 102 -2.30 13.52 -29.69
C LEU B 102 -1.46 14.75 -30.07
N THR B 103 -0.72 14.75 -31.22
CA THR B 103 0.31 15.73 -31.50
C THR B 103 -0.12 16.93 -32.34
N THR B 104 -1.28 16.90 -33.00
CA THR B 104 -1.66 17.99 -33.91
C THR B 104 -3.16 18.26 -33.96
N MET B 105 -4.02 17.25 -33.67
CA MET B 105 -5.45 17.36 -33.91
C MET B 105 -6.30 17.42 -32.65
N GLY B 106 -5.65 17.44 -31.44
CA GLY B 106 -6.33 17.61 -30.16
C GLY B 106 -5.72 18.80 -29.46
N ASP B 107 -5.93 18.90 -28.13
CA ASP B 107 -5.12 19.69 -27.21
C ASP B 107 -3.69 19.13 -27.28
N ARG B 108 -2.78 19.80 -28.02
CA ARG B 108 -1.70 19.07 -28.68
C ARG B 108 -0.42 18.97 -27.87
N PHE B 109 -0.21 17.81 -27.35
CA PHE B 109 0.90 17.51 -26.46
C PHE B 109 2.26 17.86 -27.05
N THR B 110 3.16 18.41 -26.22
CA THR B 110 4.53 18.76 -26.67
C THR B 110 5.39 17.51 -26.62
N ASP B 111 6.59 17.58 -27.22
CA ASP B 111 7.51 16.50 -27.50
C ASP B 111 7.94 15.70 -26.27
N GLU B 112 8.14 16.39 -25.13
CA GLU B 112 8.40 15.78 -23.83
C GLU B 112 7.28 14.85 -23.32
N GLU B 113 6.03 15.35 -23.42
CA GLU B 113 4.81 14.70 -22.95
C GLU B 113 4.49 13.45 -23.73
N VAL B 114 4.63 13.50 -25.08
CA VAL B 114 4.47 12.33 -25.92
C VAL B 114 5.56 11.28 -25.72
N ASP B 115 6.82 11.68 -25.50
CA ASP B 115 7.88 10.73 -25.19
C ASP B 115 7.64 9.95 -23.89
N GLU B 116 7.20 10.61 -22.79
CA GLU B 116 6.76 9.93 -21.57
C GLU B 116 5.57 9.00 -21.79
N MET B 117 4.54 9.45 -22.53
CA MET B 117 3.35 8.68 -22.86
C MET B 117 3.66 7.39 -23.63
N TYR B 118 4.55 7.46 -24.65
CA TYR B 118 4.89 6.30 -25.43
C TYR B 118 6.08 5.54 -24.86
N ARG B 119 6.75 6.05 -23.80
CA ARG B 119 7.71 5.27 -23.03
C ARG B 119 7.04 4.37 -22.02
N GLU B 120 6.02 4.89 -21.29
CA GLU B 120 5.34 4.09 -20.29
C GLU B 120 4.11 3.37 -20.82
N ALA B 121 3.80 3.52 -22.14
CA ALA B 121 2.92 2.64 -22.88
C ALA B 121 3.66 1.98 -24.04
N PRO B 122 3.96 0.67 -24.04
CA PRO B 122 4.81 0.06 -25.06
C PRO B 122 4.38 0.14 -26.51
N ILE B 123 4.82 1.20 -27.22
CA ILE B 123 5.10 1.16 -28.65
C ILE B 123 6.50 0.56 -28.76
N ASP B 124 6.57 -0.68 -29.28
CA ASP B 124 7.58 -1.65 -28.90
C ASP B 124 9.07 -1.39 -29.15
N LYS B 125 9.36 -0.44 -30.03
CA LYS B 125 9.02 -0.17 -31.42
C LYS B 125 8.52 -0.98 -32.62
N LYS B 126 8.72 -2.29 -32.63
CA LYS B 126 8.27 -3.17 -33.72
C LYS B 126 6.79 -3.56 -33.65
N GLY B 127 6.24 -3.82 -32.47
CA GLY B 127 4.81 -4.03 -32.23
C GLY B 127 4.01 -2.74 -32.19
N ASN B 128 2.86 -2.75 -32.88
CA ASN B 128 1.97 -1.63 -33.05
C ASN B 128 1.07 -1.30 -31.85
N PHE B 129 0.70 -0.01 -31.72
CA PHE B 129 -0.35 0.44 -30.83
C PHE B 129 -1.74 -0.01 -31.33
N ASN B 130 -2.11 0.01 -30.05
CA ASN B 130 -3.06 -0.68 -29.18
C ASN B 130 -4.03 0.19 -28.39
N TYR B 131 -4.80 -0.41 -27.49
CA TYR B 131 -6.09 0.03 -26.97
C TYR B 131 -6.21 -0.07 -25.45
N VAL B 132 -7.10 -0.96 -24.95
CA VAL B 132 -7.60 -1.00 -23.60
C VAL B 132 -6.59 -1.30 -22.51
N GLU B 133 -5.41 -1.97 -22.77
CA GLU B 133 -4.39 -2.12 -21.73
C GLU B 133 -3.63 -0.83 -21.44
N PHE B 134 -3.73 0.14 -22.38
CA PHE B 134 -3.32 1.53 -22.17
C PHE B 134 -4.50 2.41 -21.80
N THR B 135 -5.58 1.77 -21.32
CA THR B 135 -6.61 2.41 -20.51
C THR B 135 -6.45 1.93 -19.06
N ARG B 136 -6.11 0.62 -18.86
CA ARG B 136 -5.84 0.06 -17.55
C ARG B 136 -4.58 0.62 -16.87
N ILE B 137 -3.46 0.78 -17.63
CA ILE B 137 -2.26 1.49 -17.23
C ILE B 137 -2.54 2.95 -16.88
N LEU B 138 -3.36 3.62 -17.70
CA LEU B 138 -3.77 5.01 -17.50
C LEU B 138 -4.55 5.18 -16.19
N LYS B 139 -5.43 4.22 -15.82
CA LYS B 139 -6.22 4.33 -14.60
C LYS B 139 -5.66 3.79 -13.29
N HIS B 140 -5.24 2.52 -13.29
CA HIS B 140 -4.88 1.67 -12.16
C HIS B 140 -5.47 0.28 -12.35
N GLY B 141 -4.64 -0.74 -12.07
CA GLY B 141 -4.87 -2.15 -12.40
C GLY B 141 -3.65 -2.71 -13.10
N ALA B 142 -2.71 -1.82 -13.30
CA ALA B 142 -1.41 -2.12 -13.83
C ALA B 142 -0.57 -0.92 -13.40
N LYS B 143 0.27 0.07 -13.66
CA LYS B 143 1.65 0.13 -13.19
C LYS B 143 2.22 1.26 -12.33
N PHE C 1 -33.64 33.72 -29.29
CA PHE C 1 -33.93 32.46 -28.75
C PHE C 1 -33.60 32.42 -27.28
N SER C 2 -34.13 31.49 -26.50
CA SER C 2 -33.93 31.43 -25.06
C SER C 2 -32.47 31.14 -24.73
N GLU C 3 -31.99 31.48 -23.51
CA GLU C 3 -30.63 31.17 -23.08
C GLU C 3 -30.33 29.68 -23.00
N GLU C 4 -31.29 28.88 -22.52
CA GLU C 4 -31.41 27.43 -22.62
C GLU C 4 -30.82 26.80 -23.88
N GLN C 5 -31.41 27.07 -25.07
CA GLN C 5 -30.87 26.59 -26.34
C GLN C 5 -29.67 27.39 -26.84
N THR C 6 -29.53 28.68 -26.46
CA THR C 6 -28.36 29.48 -26.81
C THR C 6 -27.08 28.92 -26.19
N ALA C 7 -27.18 28.39 -24.97
CA ALA C 7 -26.14 27.63 -24.29
C ALA C 7 -25.74 26.35 -25.02
N GLU C 8 -26.71 25.60 -25.61
CA GLU C 8 -26.41 24.48 -26.49
C GLU C 8 -25.64 24.90 -27.74
N PHE C 9 -26.07 26.02 -28.36
CA PHE C 9 -25.43 26.61 -29.52
C PHE C 9 -23.96 26.99 -29.27
N LYS C 10 -23.63 27.45 -28.05
CA LYS C 10 -22.26 27.63 -27.60
C LYS C 10 -21.43 26.35 -27.61
N GLU C 11 -21.99 25.21 -27.13
CA GLU C 11 -21.30 23.92 -27.16
C GLU C 11 -21.01 23.46 -28.59
N ALA C 12 -22.05 23.51 -29.44
CA ALA C 12 -21.97 23.18 -30.85
C ALA C 12 -20.99 24.04 -31.63
N PHE C 13 -20.97 25.39 -31.39
CA PHE C 13 -20.00 26.33 -31.94
C PHE C 13 -18.56 25.98 -31.56
N GLN C 14 -18.31 25.59 -30.29
CA GLN C 14 -16.98 25.20 -29.85
C GLN C 14 -16.52 23.88 -30.47
N LEU C 15 -17.48 23.09 -30.99
CA LEU C 15 -17.20 21.80 -31.58
C LEU C 15 -16.98 21.84 -33.10
N PHE C 16 -16.82 23.07 -33.66
CA PHE C 16 -16.39 23.24 -35.04
C PHE C 16 -15.04 23.93 -35.19
N ASP C 17 -14.39 24.42 -34.11
CA ASP C 17 -12.98 24.78 -34.16
C ASP C 17 -12.17 23.48 -34.41
N ARG C 18 -11.05 23.58 -35.14
CA ARG C 18 -10.18 22.45 -35.38
C ARG C 18 -8.79 22.79 -34.83
N THR C 19 -8.74 23.98 -34.15
CA THR C 19 -7.47 24.52 -33.69
C THR C 19 -7.53 24.81 -32.22
N GLY C 20 -8.09 25.97 -31.81
CA GLY C 20 -8.20 26.26 -30.38
C GLY C 20 -8.22 27.73 -30.07
N ASP C 21 -8.61 28.61 -31.03
CA ASP C 21 -8.63 30.04 -30.78
C ASP C 21 -10.07 30.58 -30.78
N GLY C 22 -11.04 29.55 -30.95
CA GLY C 22 -12.45 29.80 -30.73
C GLY C 22 -13.13 30.44 -31.92
N LYS C 23 -12.58 30.22 -33.13
CA LYS C 23 -13.09 30.84 -34.33
C LYS C 23 -13.54 29.85 -35.39
N ILE C 24 -14.70 30.14 -35.98
CA ILE C 24 -15.28 29.37 -37.07
C ILE C 24 -15.04 30.18 -38.34
N LEU C 25 -14.49 29.53 -39.38
CA LEU C 25 -14.30 30.19 -40.66
C LEU C 25 -15.60 30.53 -41.37
N TYR C 26 -15.58 31.56 -42.24
CA TYR C 26 -16.70 31.94 -43.08
C TYR C 26 -17.15 30.82 -44.02
N SER C 27 -16.18 30.03 -44.53
CA SER C 27 -16.40 28.77 -45.25
C SER C 27 -17.17 27.72 -44.45
N GLN C 28 -16.90 27.58 -43.14
CA GLN C 28 -17.58 26.61 -42.29
C GLN C 28 -18.98 27.06 -41.85
N CYS C 29 -19.30 28.36 -41.94
CA CYS C 29 -20.43 28.98 -41.25
C CYS C 29 -21.78 28.33 -41.56
N GLY C 30 -22.05 27.99 -42.83
CA GLY C 30 -23.33 27.38 -43.22
C GLY C 30 -23.57 26.03 -42.60
N ASP C 31 -22.51 25.24 -42.38
CA ASP C 31 -22.60 23.87 -41.94
C ASP C 31 -22.55 23.78 -40.42
N VAL C 32 -22.14 24.86 -39.72
CA VAL C 32 -22.46 25.09 -38.31
C VAL C 32 -23.94 25.37 -38.09
N MET C 33 -24.55 26.24 -38.91
CA MET C 33 -25.98 26.54 -38.86
C MET C 33 -26.84 25.32 -39.18
N ARG C 34 -26.41 24.47 -40.18
CA ARG C 34 -27.02 23.20 -40.50
C ARG C 34 -26.90 22.13 -39.41
N ALA C 35 -25.80 22.13 -38.63
CA ALA C 35 -25.66 21.29 -37.45
C ALA C 35 -26.72 21.57 -36.40
N LEU C 36 -27.01 22.87 -36.17
CA LEU C 36 -28.07 23.36 -35.29
C LEU C 36 -29.45 23.33 -35.97
N GLY C 37 -29.65 22.39 -36.85
CA GLY C 37 -30.96 22.04 -37.39
C GLY C 37 -31.51 22.89 -38.50
N GLN C 38 -30.81 23.94 -38.92
CA GLN C 38 -31.30 24.85 -39.93
C GLN C 38 -31.03 24.34 -41.35
N ASN C 39 -31.85 24.73 -42.36
CA ASN C 39 -31.65 24.23 -43.71
C ASN C 39 -31.43 25.35 -44.76
N PRO C 40 -30.51 26.30 -44.58
CA PRO C 40 -30.44 27.47 -45.43
C PRO C 40 -29.72 27.27 -46.74
N THR C 41 -30.26 27.87 -47.82
CA THR C 41 -29.59 28.02 -49.12
C THR C 41 -28.19 28.62 -48.97
N ASN C 42 -27.30 28.40 -49.93
CA ASN C 42 -25.96 28.97 -49.87
C ASN C 42 -26.00 30.49 -49.97
N ALA C 43 -26.95 31.03 -50.83
CA ALA C 43 -27.23 32.44 -50.97
C ALA C 43 -27.90 33.10 -49.75
N GLU C 44 -28.60 32.35 -48.88
CA GLU C 44 -29.05 32.85 -47.59
C GLU C 44 -27.93 33.01 -46.58
N VAL C 45 -26.98 32.07 -46.47
CA VAL C 45 -25.79 32.21 -45.63
C VAL C 45 -24.88 33.34 -46.11
N MET C 46 -24.63 33.42 -47.46
CA MET C 46 -23.68 34.33 -48.07
C MET C 46 -23.96 35.81 -47.84
N LYS C 47 -25.27 36.13 -47.89
CA LYS C 47 -25.88 37.42 -47.66
C LYS C 47 -25.64 37.98 -46.26
N VAL C 48 -25.69 37.12 -45.22
CA VAL C 48 -25.47 37.53 -43.83
C VAL C 48 -23.97 37.63 -43.52
N LEU C 49 -23.13 37.01 -44.37
CA LEU C 49 -21.68 37.14 -44.29
C LEU C 49 -21.19 38.32 -45.13
N GLY C 50 -22.12 39.07 -45.76
CA GLY C 50 -21.81 40.29 -46.51
C GLY C 50 -21.37 40.11 -47.93
N ASN C 51 -21.59 38.92 -48.51
CA ASN C 51 -21.12 38.52 -49.84
C ASN C 51 -19.60 38.48 -50.04
N PRO C 52 -18.80 37.79 -49.23
CA PRO C 52 -17.37 37.63 -49.48
C PRO C 52 -17.04 36.80 -50.72
N LYS C 53 -15.82 36.92 -51.25
CA LYS C 53 -15.29 36.08 -52.28
C LYS C 53 -14.70 34.77 -51.75
N SER C 54 -14.44 33.78 -52.63
CA SER C 54 -13.96 32.45 -52.27
C SER C 54 -12.63 32.40 -51.52
N ASP C 55 -11.69 33.29 -51.85
CA ASP C 55 -10.39 33.42 -51.21
C ASP C 55 -10.49 33.86 -49.73
N GLU C 56 -11.23 34.94 -49.45
CA GLU C 56 -11.43 35.51 -48.13
C GLU C 56 -12.40 34.69 -47.27
N MET C 57 -13.23 33.80 -47.86
CA MET C 57 -14.04 32.84 -47.12
C MET C 57 -13.22 31.87 -46.27
N ASN C 58 -12.03 31.50 -46.74
CA ASN C 58 -11.13 30.62 -46.00
C ASN C 58 -10.32 31.37 -44.92
N LEU C 59 -10.23 32.72 -45.02
CA LEU C 59 -9.38 33.51 -44.15
C LEU C 59 -10.18 34.34 -43.15
N LYS C 60 -11.47 34.58 -43.38
CA LYS C 60 -12.30 35.37 -42.47
C LYS C 60 -12.94 34.50 -41.40
N THR C 61 -12.94 35.02 -40.16
CA THR C 61 -13.27 34.29 -38.94
C THR C 61 -14.47 34.88 -38.23
N LEU C 62 -15.36 34.02 -37.70
CA LEU C 62 -16.45 34.39 -36.81
C LEU C 62 -16.17 33.89 -35.40
N LYS C 63 -16.48 34.73 -34.40
CA LYS C 63 -16.72 34.29 -33.03
C LYS C 63 -18.21 34.05 -32.78
N PHE C 64 -18.58 33.46 -31.60
CA PHE C 64 -19.95 33.13 -31.24
C PHE C 64 -20.89 34.33 -31.20
N GLU C 65 -20.45 35.45 -30.60
CA GLU C 65 -21.22 36.67 -30.41
C GLU C 65 -21.72 37.26 -31.73
N GLN C 66 -20.87 37.20 -32.77
CA GLN C 66 -21.19 37.68 -34.11
C GLN C 66 -21.82 36.61 -35.00
N PHE C 67 -21.58 35.27 -34.73
CA PHE C 67 -22.32 34.18 -35.34
C PHE C 67 -23.78 34.14 -34.89
N LEU C 68 -24.05 34.38 -33.59
CA LEU C 68 -25.39 34.31 -33.01
C LEU C 68 -26.46 35.22 -33.64
N PRO C 69 -26.30 36.50 -34.00
CA PRO C 69 -27.30 37.24 -34.75
C PRO C 69 -27.55 36.68 -36.14
N MET C 70 -26.55 36.00 -36.78
CA MET C 70 -26.74 35.33 -38.05
C MET C 70 -27.72 34.17 -37.94
N MET C 71 -27.58 33.38 -36.85
CA MET C 71 -28.54 32.34 -36.49
C MET C 71 -29.94 32.93 -36.27
N GLN C 72 -30.05 34.05 -35.54
CA GLN C 72 -31.31 34.75 -35.36
C GLN C 72 -31.93 35.32 -36.63
N THR C 73 -31.10 35.87 -37.59
CA THR C 73 -31.64 36.26 -38.90
C THR C 73 -32.15 35.12 -39.74
N ILE C 74 -31.43 33.98 -39.83
CA ILE C 74 -31.83 32.88 -40.71
C ILE C 74 -32.89 31.98 -40.06
N ALA C 75 -33.04 32.02 -38.72
CA ALA C 75 -34.07 31.29 -38.01
C ALA C 75 -35.50 31.65 -38.39
N LYS C 76 -35.82 33.02 -38.50
CA LYS C 76 -37.09 33.44 -39.09
C LYS C 76 -36.91 33.88 -40.52
N ASN C 77 -37.13 32.91 -41.44
CA ASN C 77 -37.26 33.12 -42.86
C ASN C 77 -38.73 33.40 -43.18
N LYS C 78 -39.03 33.70 -44.45
CA LYS C 78 -40.34 34.13 -44.92
C LYS C 78 -41.13 33.01 -45.61
N ASP C 79 -40.54 31.86 -45.51
CA ASP C 79 -41.02 30.70 -46.23
C ASP C 79 -40.33 29.52 -45.54
N GLN C 80 -40.68 28.28 -45.91
CA GLN C 80 -39.86 27.10 -45.67
C GLN C 80 -40.45 26.07 -46.61
N GLY C 81 -39.75 24.95 -46.91
CA GLY C 81 -40.29 23.89 -47.76
C GLY C 81 -41.21 22.90 -47.10
N CYS C 82 -41.82 22.16 -47.85
CA CYS C 82 -42.76 21.18 -47.36
C CYS C 82 -42.58 19.82 -48.04
N PHE C 83 -43.66 19.06 -48.24
CA PHE C 83 -43.60 17.78 -48.93
C PHE C 83 -44.31 17.97 -50.26
N GLU C 84 -45.38 18.76 -50.22
CA GLU C 84 -46.35 19.08 -51.24
C GLU C 84 -45.73 19.75 -52.46
N ASP C 85 -44.81 20.74 -52.28
CA ASP C 85 -44.05 21.37 -53.33
C ASP C 85 -42.93 20.48 -53.89
N TYR C 86 -42.16 19.87 -52.98
CA TYR C 86 -40.98 19.09 -53.25
C TYR C 86 -41.19 17.82 -54.06
N VAL C 87 -42.29 17.06 -53.82
CA VAL C 87 -42.65 15.98 -54.74
C VAL C 87 -43.09 16.45 -56.11
N GLU C 88 -43.75 17.66 -56.19
CA GLU C 88 -44.23 18.19 -57.45
C GLU C 88 -43.10 18.44 -58.44
N GLY C 89 -41.97 19.02 -57.97
CA GLY C 89 -40.79 19.18 -58.82
C GLY C 89 -40.05 17.92 -59.23
N LEU C 90 -40.05 16.86 -58.40
CA LEU C 90 -39.43 15.60 -58.76
C LEU C 90 -40.29 14.72 -59.64
N ARG C 91 -41.69 14.94 -59.62
CA ARG C 91 -42.66 14.22 -60.42
C ARG C 91 -42.59 14.58 -61.91
N VAL C 92 -42.04 15.76 -62.25
CA VAL C 92 -41.75 16.15 -63.64
C VAL C 92 -40.81 15.15 -64.34
N PHE C 93 -39.91 14.50 -63.58
CA PHE C 93 -38.96 13.53 -64.09
C PHE C 93 -39.47 12.09 -63.95
N ASP C 94 -40.68 11.92 -63.45
CA ASP C 94 -41.32 10.61 -63.37
C ASP C 94 -41.90 10.25 -64.74
N LYS C 95 -41.05 9.62 -65.58
CA LYS C 95 -41.21 9.35 -67.00
C LYS C 95 -42.60 8.99 -67.52
N GLU C 96 -43.28 8.01 -66.91
CA GLU C 96 -44.64 7.62 -67.28
C GLU C 96 -45.66 7.90 -66.18
N GLY C 97 -45.23 8.45 -65.01
CA GLY C 97 -46.11 8.56 -63.83
C GLY C 97 -46.12 7.32 -62.98
N ASN C 98 -44.95 6.69 -62.84
CA ASN C 98 -44.68 5.47 -62.11
C ASN C 98 -44.78 5.67 -60.61
N GLY C 99 -44.36 6.85 -60.12
CA GLY C 99 -44.04 7.06 -58.70
C GLY C 99 -42.56 6.95 -58.46
N THR C 100 -41.73 6.84 -59.49
CA THR C 100 -40.30 6.58 -59.40
C THR C 100 -39.53 7.32 -60.47
N VAL C 101 -38.37 7.91 -60.09
CA VAL C 101 -37.46 8.59 -61.00
C VAL C 101 -36.24 7.69 -61.17
N MET C 102 -35.63 7.60 -62.37
CA MET C 102 -34.42 6.81 -62.53
C MET C 102 -33.23 7.43 -61.79
N GLY C 103 -32.37 6.60 -61.07
CA GLY C 103 -31.29 7.09 -60.20
C GLY C 103 -30.24 7.92 -60.89
N ALA C 104 -30.03 7.69 -62.20
CA ALA C 104 -29.20 8.51 -63.06
C ALA C 104 -29.73 9.92 -63.29
N GLU C 105 -31.05 10.08 -63.54
CA GLU C 105 -31.72 11.36 -63.73
C GLU C 105 -31.69 12.19 -62.47
N ILE C 106 -31.97 11.53 -61.31
CA ILE C 106 -31.94 12.21 -60.01
C ILE C 106 -30.53 12.69 -59.62
N ARG C 107 -29.47 11.86 -59.88
CA ARG C 107 -28.08 12.29 -59.74
C ARG C 107 -27.77 13.48 -60.65
N HIS C 108 -28.23 13.45 -61.90
CA HIS C 108 -27.98 14.48 -62.90
C HIS C 108 -28.67 15.83 -62.65
N VAL C 109 -29.90 15.85 -62.16
CA VAL C 109 -30.63 17.10 -61.92
C VAL C 109 -30.07 17.92 -60.76
N LEU C 110 -29.75 17.27 -59.63
CA LEU C 110 -29.18 17.91 -58.46
C LEU C 110 -27.78 18.52 -58.69
N VAL C 111 -26.93 17.84 -59.49
CA VAL C 111 -25.66 18.39 -59.94
C VAL C 111 -25.80 19.53 -60.94
N THR C 112 -26.68 19.37 -61.98
CA THR C 112 -26.82 20.35 -63.05
C THR C 112 -27.56 21.64 -62.68
N LEU C 113 -28.67 21.58 -61.92
CA LEU C 113 -29.50 22.74 -61.62
C LEU C 113 -29.08 23.46 -60.35
N GLY C 114 -29.64 24.68 -60.14
CA GLY C 114 -29.58 25.45 -58.88
C GLY C 114 -28.30 25.56 -58.12
N GLU C 115 -28.36 25.14 -56.85
CA GLU C 115 -27.27 25.15 -55.89
C GLU C 115 -26.34 23.95 -56.04
N LYS C 116 -26.24 23.41 -57.28
CA LYS C 116 -25.28 22.46 -57.83
C LYS C 116 -24.39 21.66 -56.89
N MET C 117 -24.83 20.45 -56.52
CA MET C 117 -24.08 19.54 -55.69
C MET C 117 -22.91 18.88 -56.42
N THR C 118 -21.95 18.39 -55.67
CA THR C 118 -20.91 17.52 -56.23
C THR C 118 -21.48 16.14 -56.54
N GLU C 119 -20.75 15.34 -57.32
CA GLU C 119 -21.05 13.96 -57.60
C GLU C 119 -21.08 13.09 -56.34
N GLU C 120 -20.16 13.35 -55.40
CA GLU C 120 -20.07 12.77 -54.07
C GLU C 120 -21.33 13.04 -53.21
N GLU C 121 -21.80 14.30 -53.17
CA GLU C 121 -22.97 14.69 -52.41
C GLU C 121 -24.25 13.97 -52.85
N VAL C 122 -24.46 13.84 -54.17
CA VAL C 122 -25.58 13.08 -54.70
C VAL C 122 -25.46 11.59 -54.48
N GLU C 123 -24.26 11.00 -54.64
CA GLU C 123 -24.05 9.57 -54.41
C GLU C 123 -24.33 9.15 -52.96
N GLN C 124 -23.81 9.94 -51.97
CA GLN C 124 -24.12 9.75 -50.56
C GLN C 124 -25.59 9.92 -50.21
N LEU C 125 -26.30 10.86 -50.86
CA LEU C 125 -27.72 11.06 -50.70
C LEU C 125 -28.59 9.90 -51.19
N VAL C 126 -28.34 9.36 -52.40
CA VAL C 126 -29.32 8.50 -53.06
C VAL C 126 -29.06 7.02 -52.82
N ALA C 127 -27.84 6.62 -52.51
CA ALA C 127 -27.46 5.23 -52.39
C ALA C 127 -28.28 4.41 -51.38
N GLY C 128 -28.71 3.19 -51.77
CA GLY C 128 -29.57 2.33 -50.96
C GLY C 128 -31.05 2.66 -51.01
N HIS C 129 -31.45 3.72 -51.71
CA HIS C 129 -32.85 4.03 -51.99
C HIS C 129 -33.28 3.73 -53.41
N GLU C 130 -32.35 3.32 -54.28
CA GLU C 130 -32.58 2.96 -55.66
C GLU C 130 -32.64 1.44 -55.70
N ASP C 131 -33.64 0.87 -56.43
CA ASP C 131 -33.94 -0.54 -56.33
C ASP C 131 -32.99 -1.42 -57.18
N SER C 132 -33.51 -2.58 -57.62
CA SER C 132 -32.90 -3.48 -58.61
C SER C 132 -32.91 -2.93 -60.03
N ASN C 133 -33.83 -2.00 -60.35
CA ASN C 133 -33.92 -1.37 -61.66
C ASN C 133 -33.24 -0.01 -61.61
N GLY C 134 -32.67 0.37 -60.44
CA GLY C 134 -32.07 1.68 -60.22
C GLY C 134 -33.06 2.80 -60.15
N CYS C 135 -34.27 2.53 -59.63
CA CYS C 135 -35.37 3.47 -59.60
C CYS C 135 -35.70 3.91 -58.19
N ILE C 136 -35.85 5.21 -58.01
CA ILE C 136 -35.99 5.82 -56.68
C ILE C 136 -37.38 6.38 -56.54
N ASN C 137 -38.13 5.94 -55.52
CA ASN C 137 -39.37 6.56 -55.10
C ASN C 137 -39.12 7.95 -54.52
N TYR C 138 -39.58 9.01 -55.20
CA TYR C 138 -39.40 10.38 -54.77
C TYR C 138 -40.14 10.73 -53.48
N GLU C 139 -41.27 10.09 -53.21
CA GLU C 139 -42.00 10.23 -51.95
C GLU C 139 -41.14 9.98 -50.71
N GLU C 140 -40.56 8.77 -50.56
CA GLU C 140 -39.72 8.46 -49.42
C GLU C 140 -38.39 9.19 -49.42
N LEU C 141 -37.82 9.53 -50.60
CA LEU C 141 -36.61 10.34 -50.69
C LEU C 141 -36.80 11.75 -50.10
N VAL C 142 -37.93 12.39 -50.33
CA VAL C 142 -38.29 13.65 -49.68
C VAL C 142 -38.48 13.49 -48.17
N ARG C 143 -39.18 12.43 -47.70
CA ARG C 143 -39.35 12.14 -46.28
C ARG C 143 -38.03 11.91 -45.55
N MET C 144 -37.07 11.23 -46.20
CA MET C 144 -35.71 11.01 -45.72
C MET C 144 -34.92 12.29 -45.45
N VAL C 145 -34.88 13.27 -46.36
CA VAL C 145 -34.22 14.54 -46.11
C VAL C 145 -34.96 15.43 -45.12
N LEU C 146 -36.31 15.55 -45.26
CA LEU C 146 -37.12 16.45 -44.48
C LEU C 146 -37.19 16.08 -43.01
N SER C 147 -37.43 14.79 -42.72
CA SER C 147 -37.78 14.31 -41.40
C SER C 147 -36.62 13.65 -40.67
N GLY C 148 -35.59 12.83 -40.51
CA GLY C 148 -34.19 13.27 -40.48
C GLY C 148 -33.59 12.31 -39.44
N SER D 1 26.32 1.75 77.37
CA SER D 1 26.70 0.99 78.45
C SER D 1 27.30 -0.24 78.09
N GLN D 2 26.74 -1.45 78.16
CA GLN D 2 27.29 -2.75 77.86
C GLN D 2 26.35 -3.45 76.87
N LYS D 3 26.75 -4.66 76.41
CA LYS D 3 25.91 -5.57 75.65
C LYS D 3 24.54 -5.85 76.32
N PRO D 4 23.40 -5.92 75.62
CA PRO D 4 22.13 -6.33 76.23
C PRO D 4 22.09 -7.80 76.66
N LEU D 5 21.19 -8.15 77.60
CA LEU D 5 21.13 -9.48 78.18
C LEU D 5 19.83 -10.17 77.81
N SER D 6 19.90 -11.43 77.33
CA SER D 6 18.75 -12.30 77.13
C SER D 6 18.05 -12.59 78.45
N ASP D 7 16.76 -12.94 78.39
CA ASP D 7 15.95 -13.48 79.47
C ASP D 7 16.58 -14.60 80.32
N ASP D 8 17.09 -15.67 79.69
CA ASP D 8 17.80 -16.76 80.33
C ASP D 8 19.08 -16.27 81.03
N GLU D 9 19.84 -15.40 80.31
CA GLU D 9 21.08 -14.80 80.73
C GLU D 9 20.96 -13.94 81.98
N LYS D 10 19.81 -13.26 82.19
CA LYS D 10 19.54 -12.46 83.38
C LYS D 10 19.50 -13.25 84.69
N PHE D 11 19.50 -14.60 84.63
CA PHE D 11 19.59 -15.42 85.83
C PHE D 11 21.06 -15.74 86.18
N LEU D 12 22.03 -15.17 85.43
CA LEU D 12 23.42 -15.15 85.82
C LEU D 12 24.02 -13.74 85.75
N PHE D 13 23.60 -12.90 84.80
CA PHE D 13 24.21 -11.60 84.56
C PHE D 13 23.36 -10.46 85.13
N VAL D 14 23.96 -9.59 85.98
CA VAL D 14 23.34 -8.38 86.48
C VAL D 14 23.00 -7.32 85.43
N ASP D 15 21.75 -6.77 85.50
CA ASP D 15 21.34 -5.63 84.73
C ASP D 15 22.04 -4.32 85.09
N LYS D 16 22.84 -3.79 84.14
CA LYS D 16 23.65 -2.59 84.32
C LYS D 16 23.41 -1.55 83.24
N ASN D 17 22.46 -1.80 82.29
CA ASN D 17 22.16 -0.85 81.22
C ASN D 17 20.94 -0.05 81.61
N PHE D 18 21.12 0.91 82.52
CA PHE D 18 20.08 1.80 82.98
C PHE D 18 20.67 3.19 82.96
N VAL D 19 19.83 4.24 83.03
CA VAL D 19 20.30 5.60 83.21
C VAL D 19 21.04 5.82 84.54
N ASN D 20 22.11 6.62 84.51
CA ASN D 20 22.88 7.04 85.67
C ASN D 20 22.09 8.03 86.54
N ASN D 21 21.08 7.51 87.28
CA ASN D 21 20.13 8.31 88.03
C ASN D 21 20.78 9.24 89.07
N PRO D 22 20.41 10.54 89.14
CA PRO D 22 20.91 11.39 90.20
C PRO D 22 20.26 11.09 91.52
N LEU D 23 19.17 10.29 91.58
CA LEU D 23 18.36 10.10 92.77
C LEU D 23 19.11 9.46 93.93
N ALA D 24 19.73 8.27 93.72
CA ALA D 24 20.46 7.60 94.77
C ALA D 24 21.83 8.24 95.01
N GLN D 25 22.34 8.98 94.01
CA GLN D 25 23.52 9.81 94.17
C GLN D 25 23.27 11.03 95.03
N ALA D 26 22.13 11.73 94.87
CA ALA D 26 21.71 12.86 95.68
C ALA D 26 21.38 12.48 97.12
N ASP D 27 20.69 11.33 97.29
CA ASP D 27 20.27 10.74 98.54
C ASP D 27 21.46 10.48 99.47
N TRP D 28 22.67 10.20 98.90
CA TRP D 28 23.95 10.11 99.60
C TRP D 28 24.26 11.16 100.64
N SER D 29 23.57 12.32 100.64
CA SER D 29 23.59 13.38 101.63
C SER D 29 23.16 12.89 102.99
N ALA D 30 22.25 11.90 103.04
CA ALA D 30 21.93 11.13 104.22
C ALA D 30 23.08 10.17 104.56
N LYS D 31 24.26 10.71 104.91
CA LYS D 31 25.47 9.96 105.27
C LYS D 31 25.38 9.51 106.72
N LYS D 32 24.16 9.50 107.23
CA LYS D 32 23.75 8.99 108.50
C LYS D 32 22.85 7.78 108.30
N LEU D 33 22.66 7.31 107.05
CA LEU D 33 22.11 5.99 106.74
C LEU D 33 22.92 4.84 107.32
N VAL D 34 22.21 3.88 107.91
CA VAL D 34 22.74 2.75 108.63
C VAL D 34 21.73 1.64 108.55
N TRP D 35 22.13 0.41 108.89
CA TRP D 35 21.22 -0.69 109.07
C TRP D 35 20.91 -0.84 110.56
N VAL D 36 19.64 -1.05 110.92
CA VAL D 36 19.20 -1.26 112.29
C VAL D 36 18.54 -2.63 112.38
N PRO D 37 18.56 -3.34 113.52
CA PRO D 37 18.02 -4.70 113.61
C PRO D 37 16.50 -4.75 113.46
N SER D 38 15.99 -5.82 112.85
CA SER D 38 14.58 -5.95 112.51
C SER D 38 14.12 -7.37 112.74
N GLU D 39 13.00 -7.57 113.44
CA GLU D 39 12.35 -8.86 113.61
C GLU D 39 11.93 -9.55 112.31
N LYS D 40 11.32 -8.80 111.38
CA LYS D 40 10.87 -9.31 110.10
C LYS D 40 12.01 -9.46 109.11
N HIS D 41 12.89 -8.44 109.01
CA HIS D 41 13.81 -8.31 107.89
C HIS D 41 15.24 -8.68 108.23
N GLY D 42 15.53 -8.97 109.52
CA GLY D 42 16.88 -9.20 110.05
C GLY D 42 17.52 -7.88 110.34
N PHE D 43 17.67 -7.06 109.29
CA PHE D 43 18.12 -5.70 109.36
C PHE D 43 17.31 -4.92 108.33
N GLU D 44 16.96 -3.67 108.69
CA GLU D 44 16.20 -2.75 107.84
C GLU D 44 16.95 -1.43 107.80
N ALA D 45 16.67 -0.56 106.81
CA ALA D 45 17.46 0.62 106.56
C ALA D 45 16.89 1.83 107.32
N ALA D 46 17.78 2.66 107.90
CA ALA D 46 17.35 3.72 108.76
C ALA D 46 18.41 4.81 108.81
N SER D 47 18.06 6.03 109.22
CA SER D 47 18.96 7.16 109.17
C SER D 47 19.11 7.80 110.54
N ILE D 48 20.36 7.97 111.03
CA ILE D 48 20.69 8.59 112.31
C ILE D 48 20.31 10.06 112.36
N LYS D 49 19.58 10.47 113.43
CA LYS D 49 19.07 11.82 113.56
C LYS D 49 19.67 12.56 114.73
N GLU D 50 20.37 11.85 115.64
CA GLU D 50 21.22 12.46 116.64
C GLU D 50 22.10 11.35 117.16
N GLU D 51 23.26 11.65 117.77
CA GLU D 51 24.04 10.66 118.49
C GLU D 51 24.24 11.22 119.87
N LYS D 52 23.97 10.41 120.93
CA LYS D 52 23.78 10.88 122.29
C LYS D 52 24.95 10.48 123.16
N GLY D 53 26.04 10.03 122.50
CA GLY D 53 27.16 9.36 123.10
C GLY D 53 26.99 7.90 122.81
N ASP D 54 26.73 7.12 123.86
CA ASP D 54 26.48 5.70 123.90
C ASP D 54 25.25 5.27 123.11
N GLU D 55 24.11 6.01 123.22
CA GLU D 55 22.92 5.77 122.43
C GLU D 55 22.84 6.68 121.21
N VAL D 56 21.99 6.32 120.24
CA VAL D 56 21.86 6.97 118.96
C VAL D 56 20.37 7.03 118.62
N THR D 57 19.83 8.23 118.27
CA THR D 57 18.44 8.32 117.81
C THR D 57 18.40 8.11 116.30
N VAL D 58 17.57 7.17 115.83
CA VAL D 58 17.56 6.72 114.45
C VAL D 58 16.13 6.83 113.95
N GLU D 59 15.91 7.11 112.65
CA GLU D 59 14.59 7.08 112.04
C GLU D 59 14.58 6.07 110.92
N LEU D 60 13.65 5.08 110.97
CA LEU D 60 13.45 4.12 109.90
C LEU D 60 13.06 4.83 108.62
N GLN D 61 13.77 4.62 107.49
CA GLN D 61 13.39 5.25 106.24
C GLN D 61 12.08 4.67 105.72
N GLU D 62 11.96 3.34 105.84
CA GLU D 62 10.88 2.49 105.39
C GLU D 62 9.50 2.84 105.93
N ASN D 63 9.46 3.28 107.21
CA ASN D 63 8.25 3.34 108.01
C ASN D 63 8.12 4.67 108.72
N GLY D 64 9.13 5.58 108.62
CA GLY D 64 9.06 6.93 109.20
C GLY D 64 9.22 7.01 110.68
N LYS D 65 9.51 5.88 111.34
CA LYS D 65 9.36 5.72 112.76
C LYS D 65 10.68 5.99 113.48
N LYS D 66 10.74 7.10 114.25
CA LYS D 66 11.84 7.42 115.14
C LYS D 66 11.98 6.38 116.27
N VAL D 67 13.23 5.99 116.56
CA VAL D 67 13.59 5.04 117.58
C VAL D 67 14.84 5.62 118.24
N THR D 68 15.22 5.12 119.43
CA THR D 68 16.54 5.31 120.02
C THR D 68 17.07 3.90 120.15
N LEU D 69 18.33 3.68 119.77
CA LEU D 69 18.99 2.39 119.75
C LEU D 69 20.43 2.63 120.19
N SER D 70 21.24 1.58 120.37
CA SER D 70 22.64 1.73 120.73
C SER D 70 23.51 2.24 119.58
N LYS D 71 24.71 2.76 119.91
CA LYS D 71 25.76 3.09 118.97
C LYS D 71 26.39 1.86 118.34
N ASP D 72 26.27 0.67 118.98
CA ASP D 72 26.72 -0.58 118.39
C ASP D 72 25.63 -1.41 117.70
N ASP D 73 24.32 -1.10 117.88
CA ASP D 73 23.21 -1.65 117.10
C ASP D 73 23.38 -1.36 115.60
N ILE D 74 23.70 -0.08 115.30
CA ILE D 74 23.78 0.45 113.96
C ILE D 74 24.93 -0.09 113.10
N GLN D 75 24.62 -0.84 112.02
CA GLN D 75 25.62 -1.38 111.11
C GLN D 75 25.75 -0.49 109.88
N LYS D 76 26.89 -0.58 109.14
CA LYS D 76 27.33 0.51 108.27
C LYS D 76 26.91 0.26 106.83
N MET D 77 25.92 1.05 106.35
CA MET D 77 25.32 0.94 105.03
C MET D 77 26.30 1.24 103.89
N ASN D 78 26.28 0.40 102.82
CA ASN D 78 27.20 0.53 101.71
C ASN D 78 26.63 1.47 100.63
N PRO D 79 27.44 2.24 99.90
CA PRO D 79 27.00 2.99 98.72
C PRO D 79 26.20 2.23 97.66
N PRO D 80 25.29 2.85 96.88
CA PRO D 80 24.41 2.16 95.93
C PRO D 80 25.14 1.56 94.73
N LYS D 81 26.44 1.83 94.60
CA LYS D 81 27.39 1.21 93.68
C LYS D 81 27.43 -0.31 93.86
N PHE D 82 27.34 -0.79 95.12
CA PHE D 82 27.57 -2.18 95.49
C PHE D 82 26.29 -3.02 95.41
N SER D 83 25.20 -2.48 94.79
CA SER D 83 23.95 -3.21 94.63
C SER D 83 24.07 -4.46 93.76
N LYS D 84 23.93 -5.66 94.37
CA LYS D 84 23.98 -6.95 93.72
C LYS D 84 25.38 -7.36 93.25
N VAL D 85 26.40 -7.00 94.02
CA VAL D 85 27.80 -7.31 93.74
C VAL D 85 28.13 -8.81 93.66
N GLU D 86 28.98 -9.22 92.68
CA GLU D 86 29.35 -10.59 92.39
C GLU D 86 30.06 -11.31 93.51
N ASP D 87 30.98 -10.60 94.20
CA ASP D 87 31.78 -11.10 95.30
C ASP D 87 31.53 -10.22 96.51
N MET D 88 31.42 -10.84 97.69
CA MET D 88 31.33 -10.18 98.96
C MET D 88 32.64 -9.51 99.39
N ALA D 89 33.78 -9.94 98.84
CA ALA D 89 35.09 -9.37 99.16
C ALA D 89 35.27 -7.93 98.67
N GLU D 90 34.47 -7.50 97.68
CA GLU D 90 34.52 -6.15 97.14
C GLU D 90 33.83 -5.11 98.03
N LEU D 91 32.96 -5.56 98.96
CA LEU D 91 32.21 -4.69 99.85
C LEU D 91 33.09 -3.93 100.86
N THR D 92 33.08 -2.58 100.78
CA THR D 92 33.81 -1.71 101.70
C THR D 92 33.35 -1.84 103.15
N CYS D 93 32.02 -1.92 103.37
CA CYS D 93 31.46 -2.27 104.64
C CYS D 93 31.05 -3.74 104.63
N LEU D 94 31.87 -4.59 105.27
CA LEU D 94 31.54 -5.98 105.53
C LEU D 94 30.78 -6.05 106.84
N ASN D 95 29.44 -5.94 106.74
CA ASN D 95 28.58 -6.06 107.89
C ASN D 95 27.64 -7.21 107.65
N GLU D 96 27.14 -7.80 108.74
CA GLU D 96 26.21 -8.92 108.77
C GLU D 96 24.93 -8.59 108.02
N ALA D 97 24.41 -7.38 108.24
CA ALA D 97 23.33 -6.79 107.50
C ALA D 97 23.59 -6.64 106.00
N SER D 98 24.77 -6.15 105.60
CA SER D 98 25.17 -5.97 104.21
C SER D 98 25.30 -7.25 103.42
N VAL D 99 25.90 -8.29 104.02
CA VAL D 99 25.98 -9.64 103.43
C VAL D 99 24.59 -10.24 103.27
N LEU D 100 23.71 -10.10 104.28
CA LEU D 100 22.30 -10.48 104.19
C LEU D 100 21.55 -9.74 103.09
N HIS D 101 21.70 -8.42 103.00
CA HIS D 101 21.12 -7.59 101.94
C HIS D 101 21.62 -7.98 100.55
N ASN D 102 22.91 -8.20 100.33
CA ASN D 102 23.42 -8.55 99.02
C ASN D 102 22.97 -9.94 98.56
N LEU D 103 22.96 -10.94 99.47
CA LEU D 103 22.36 -12.24 99.18
C LEU D 103 20.87 -12.18 98.92
N ARG D 104 20.11 -11.42 99.73
CA ARG D 104 18.68 -11.27 99.58
C ARG D 104 18.26 -10.62 98.26
N GLU D 105 18.88 -9.48 97.89
CA GLU D 105 18.48 -8.78 96.67
C GLU D 105 19.00 -9.50 95.43
N ARG D 106 20.13 -10.26 95.54
CA ARG D 106 20.54 -11.22 94.52
C ARG D 106 19.57 -12.39 94.37
N TYR D 107 19.13 -13.02 95.48
CA TYR D 107 18.21 -14.16 95.50
C TYR D 107 16.88 -13.83 94.85
N PHE D 108 16.28 -12.66 95.20
CA PHE D 108 15.02 -12.23 94.62
C PHE D 108 15.17 -11.72 93.18
N SER D 109 16.41 -11.44 92.72
CA SER D 109 16.70 -11.17 91.32
C SER D 109 17.09 -12.46 90.60
N GLY D 110 17.10 -13.60 91.33
CA GLY D 110 17.38 -14.93 90.80
C GLY D 110 18.81 -15.37 90.69
N LEU D 111 19.77 -14.58 91.18
CA LEU D 111 21.20 -14.83 91.09
C LEU D 111 21.65 -15.61 92.32
N ILE D 112 21.60 -16.96 92.27
CA ILE D 112 21.72 -17.78 93.47
C ILE D 112 23.14 -18.14 93.85
N TYR D 113 24.13 -17.85 92.96
CA TYR D 113 25.54 -18.06 93.24
C TYR D 113 26.15 -16.69 93.49
N THR D 114 26.86 -16.54 94.61
CA THR D 114 27.59 -15.29 94.91
C THR D 114 28.94 -15.73 95.44
N TYR D 115 30.05 -15.15 94.94
CA TYR D 115 31.36 -15.40 95.51
C TYR D 115 31.47 -14.77 96.90
N SER D 116 32.36 -15.30 97.74
CA SER D 116 32.64 -14.72 99.03
C SER D 116 34.11 -14.94 99.30
N GLY D 117 34.96 -14.27 98.49
CA GLY D 117 36.41 -14.31 98.59
C GLY D 117 37.09 -15.48 97.92
N LEU D 118 37.13 -16.64 98.60
CA LEU D 118 37.84 -17.83 98.12
C LEU D 118 36.92 -19.04 98.23
N PHE D 119 35.63 -18.80 98.49
CA PHE D 119 34.61 -19.81 98.60
C PHE D 119 33.36 -19.12 98.08
N CYS D 120 32.23 -19.83 97.94
CA CYS D 120 31.03 -19.18 97.43
C CYS D 120 29.86 -19.48 98.34
N VAL D 121 28.81 -18.67 98.23
CA VAL D 121 27.53 -18.90 98.88
C VAL D 121 26.54 -19.24 97.78
N VAL D 122 25.81 -20.36 97.93
CA VAL D 122 24.80 -20.81 96.98
C VAL D 122 23.49 -20.95 97.73
N ILE D 123 22.44 -20.19 97.39
CA ILE D 123 21.15 -20.33 98.05
C ILE D 123 20.28 -21.26 97.19
N ASN D 124 19.59 -22.26 97.80
CA ASN D 124 18.68 -23.12 97.04
C ASN D 124 17.51 -22.33 96.41
N PRO D 125 17.20 -22.40 95.11
CA PRO D 125 16.14 -21.59 94.52
C PRO D 125 14.79 -22.24 94.72
N TYR D 126 14.73 -23.57 94.91
CA TYR D 126 13.54 -24.40 94.85
C TYR D 126 12.76 -24.26 93.53
N LYS D 127 13.44 -23.86 92.43
CA LYS D 127 12.83 -23.50 91.17
C LYS D 127 13.78 -23.98 90.10
N GLN D 128 13.28 -24.59 89.02
CA GLN D 128 14.06 -24.87 87.82
C GLN D 128 14.53 -23.55 87.20
N LEU D 129 15.86 -23.38 87.06
CA LEU D 129 16.47 -22.19 86.50
C LEU D 129 17.15 -22.62 85.21
N PRO D 130 17.25 -21.80 84.16
CA PRO D 130 17.77 -22.22 82.85
C PRO D 130 19.28 -22.36 82.83
N ILE D 131 19.97 -21.98 83.93
CA ILE D 131 21.41 -21.79 84.03
C ILE D 131 22.23 -23.08 83.86
N TYR D 132 21.56 -24.24 83.93
CA TYR D 132 22.16 -25.54 83.70
C TYR D 132 21.81 -26.07 82.31
N SER D 133 22.62 -25.76 81.28
CA SER D 133 22.31 -26.09 79.90
C SER D 133 23.59 -26.13 79.08
N GLU D 134 23.61 -26.88 77.97
CA GLU D 134 24.80 -27.16 77.18
C GLU D 134 25.38 -25.96 76.42
N LYS D 135 24.58 -24.89 76.26
CA LYS D 135 25.03 -23.54 75.91
C LYS D 135 25.99 -22.94 76.95
N ILE D 136 25.65 -23.10 78.23
CA ILE D 136 26.33 -22.48 79.35
C ILE D 136 27.70 -23.13 79.59
N ILE D 137 27.83 -24.44 79.32
CA ILE D 137 29.08 -25.17 79.48
C ILE D 137 30.24 -24.60 78.66
N ASP D 138 30.02 -24.38 77.35
CA ASP D 138 31.06 -23.88 76.46
C ASP D 138 31.31 -22.38 76.66
N MET D 139 30.38 -21.64 77.29
CA MET D 139 30.65 -20.30 77.80
C MET D 139 31.66 -20.26 78.96
N TYR D 140 31.56 -21.19 79.93
CA TYR D 140 32.48 -21.23 81.08
C TYR D 140 33.78 -21.97 80.79
N LYS D 141 33.82 -22.84 79.77
CA LYS D 141 34.95 -23.69 79.41
C LYS D 141 36.24 -22.94 79.08
N GLY D 142 37.24 -23.00 79.98
CA GLY D 142 38.50 -22.27 79.79
C GLY D 142 38.44 -20.80 80.15
N LYS D 143 37.32 -20.32 80.68
CA LYS D 143 37.03 -18.91 80.81
C LYS D 143 37.21 -18.45 82.25
N LYS D 144 38.05 -17.39 82.45
CA LYS D 144 38.47 -16.89 83.75
C LYS D 144 37.37 -16.47 84.74
N ARG D 145 37.74 -16.44 86.06
CA ARG D 145 36.84 -16.31 87.21
C ARG D 145 36.12 -14.97 87.33
N HIS D 146 36.64 -13.93 86.64
CA HIS D 146 36.10 -12.59 86.58
C HIS D 146 35.69 -12.24 85.16
N GLU D 147 35.68 -13.22 84.22
CA GLU D 147 35.21 -12.99 82.86
C GLU D 147 33.76 -13.46 82.69
N MET D 148 33.21 -14.13 83.72
CA MET D 148 31.86 -14.63 83.71
C MET D 148 31.35 -14.45 85.13
N PRO D 149 30.04 -14.26 85.37
CA PRO D 149 29.48 -14.20 86.71
C PRO D 149 29.65 -15.52 87.46
N PRO D 150 29.66 -15.57 88.79
CA PRO D 150 29.82 -16.79 89.56
C PRO D 150 28.82 -17.90 89.26
N HIS D 151 29.31 -19.12 89.07
CA HIS D 151 28.43 -20.27 88.85
C HIS D 151 29.14 -21.58 89.21
N ILE D 152 28.42 -22.67 89.48
CA ILE D 152 29.03 -23.96 89.85
C ILE D 152 30.00 -24.48 88.81
N TYR D 153 29.71 -24.24 87.53
CA TYR D 153 30.57 -24.50 86.39
C TYR D 153 31.89 -23.73 86.46
N ALA D 154 31.87 -22.46 86.92
CA ALA D 154 33.07 -21.67 87.15
C ALA D 154 34.04 -22.24 88.19
N ILE D 155 33.48 -22.74 89.30
CA ILE D 155 34.21 -23.44 90.36
C ILE D 155 34.78 -24.76 89.86
N ALA D 156 33.97 -25.53 89.10
CA ALA D 156 34.38 -26.77 88.49
C ALA D 156 35.53 -26.62 87.48
N ASP D 157 35.47 -25.59 86.56
CA ASP D 157 36.61 -25.28 85.70
C ASP D 157 37.82 -24.80 86.49
N THR D 158 37.62 -23.94 87.50
CA THR D 158 38.67 -23.40 88.36
C THR D 158 39.47 -24.44 89.09
N ALA D 159 38.82 -25.48 89.67
CA ALA D 159 39.51 -26.61 90.26
C ALA D 159 40.27 -27.45 89.23
N TYR D 160 39.62 -27.77 88.09
CA TYR D 160 40.21 -28.52 86.98
C TYR D 160 41.46 -27.85 86.42
N ARG D 161 41.40 -26.52 86.25
CA ARG D 161 42.42 -25.69 85.65
C ARG D 161 43.35 -25.06 86.69
N SER D 162 43.23 -25.39 88.00
CA SER D 162 44.32 -25.17 88.96
C SER D 162 45.17 -26.42 89.02
N MET D 163 44.51 -27.61 89.13
CA MET D 163 45.13 -28.93 89.21
C MET D 163 46.16 -29.19 88.11
N LEU D 164 45.89 -28.68 86.89
CA LEU D 164 46.80 -28.81 85.77
C LEU D 164 47.75 -27.61 85.63
N GLN D 165 47.85 -26.75 86.66
CA GLN D 165 48.77 -25.63 86.70
C GLN D 165 49.73 -25.73 87.86
N ASP D 166 49.29 -26.09 89.05
CA ASP D 166 50.16 -26.35 90.20
C ASP D 166 50.66 -27.80 90.19
N ARG D 167 49.70 -28.75 90.05
CA ARG D 167 49.82 -30.19 90.06
C ARG D 167 49.52 -30.77 91.43
N GLU D 168 48.53 -30.18 92.13
CA GLU D 168 48.00 -30.67 93.39
C GLU D 168 46.57 -31.20 93.19
N ASP D 169 46.29 -32.40 93.73
CA ASP D 169 44.97 -33.00 93.71
C ASP D 169 43.91 -32.14 94.41
N GLN D 170 42.68 -32.13 93.88
CA GLN D 170 41.68 -31.15 94.25
C GLN D 170 40.50 -31.82 94.90
N SER D 171 39.84 -31.18 95.87
CA SER D 171 38.53 -31.57 96.35
C SER D 171 37.56 -30.41 96.22
N ILE D 172 36.32 -30.69 95.78
CA ILE D 172 35.22 -29.77 95.80
C ILE D 172 34.29 -30.21 96.92
N LEU D 173 34.14 -29.36 97.94
CA LEU D 173 33.50 -29.71 99.18
C LEU D 173 32.19 -28.98 99.33
N CYS D 174 31.07 -29.71 99.23
CA CYS D 174 29.75 -29.11 99.36
C CYS D 174 29.30 -29.11 100.83
N THR D 175 29.10 -27.91 101.43
CA THR D 175 28.68 -27.77 102.82
C THR D 175 27.24 -27.30 102.90
N GLY D 176 26.62 -27.33 104.10
CA GLY D 176 25.26 -26.83 104.30
C GLY D 176 24.43 -27.86 105.04
N GLU D 177 23.35 -27.37 105.69
CA GLU D 177 22.34 -28.15 106.41
C GLU D 177 21.54 -29.13 105.52
N SER D 178 20.57 -29.88 106.06
CA SER D 178 19.89 -30.95 105.32
C SER D 178 18.69 -30.50 104.48
N GLY D 179 18.94 -30.28 103.18
CA GLY D 179 17.95 -29.75 102.21
C GLY D 179 18.56 -28.61 101.44
N ALA D 180 19.82 -28.24 101.77
CA ALA D 180 20.49 -27.09 101.22
C ALA D 180 20.87 -27.15 99.73
N GLY D 181 21.03 -28.35 99.13
CA GLY D 181 21.24 -28.46 97.68
C GLY D 181 22.60 -28.93 97.23
N LYS D 182 23.36 -29.55 98.14
CA LYS D 182 24.69 -30.09 97.94
C LYS D 182 24.74 -31.19 96.88
N THR D 183 23.76 -32.11 96.92
CA THR D 183 23.63 -33.22 95.97
C THR D 183 23.45 -32.74 94.54
N GLU D 184 22.60 -31.74 94.31
CA GLU D 184 22.40 -31.11 93.02
C GLU D 184 23.63 -30.41 92.47
N ASN D 185 24.36 -29.64 93.31
CA ASN D 185 25.65 -29.05 92.95
C ASN D 185 26.71 -30.11 92.66
N THR D 186 26.75 -31.22 93.43
CA THR D 186 27.61 -32.38 93.18
C THR D 186 27.37 -32.99 91.81
N LYS D 187 26.09 -33.19 91.44
CA LYS D 187 25.70 -33.59 90.11
C LYS D 187 26.03 -32.58 89.00
N LYS D 188 25.93 -31.26 89.26
CA LYS D 188 26.41 -30.22 88.34
C LYS D 188 27.92 -30.22 88.11
N VAL D 189 28.76 -30.45 89.14
CA VAL D 189 30.21 -30.60 88.96
C VAL D 189 30.57 -31.81 88.09
N ILE D 190 29.95 -32.98 88.34
CA ILE D 190 30.11 -34.17 87.50
C ILE D 190 29.61 -33.93 86.08
N GLN D 191 28.44 -33.25 85.90
CA GLN D 191 27.95 -32.91 84.56
C GLN D 191 28.95 -32.06 83.79
N TYR D 192 29.53 -31.03 84.42
CA TYR D 192 30.50 -30.17 83.79
C TYR D 192 31.75 -30.91 83.32
N LEU D 193 32.39 -31.73 84.17
CA LEU D 193 33.60 -32.42 83.76
C LEU D 193 33.35 -33.60 82.84
N ALA D 194 32.12 -34.14 82.80
CA ALA D 194 31.73 -35.22 81.89
C ALA D 194 31.66 -34.77 80.42
N VAL D 195 31.75 -33.46 80.14
CA VAL D 195 31.79 -32.92 78.80
C VAL D 195 33.00 -32.01 78.57
N VAL D 196 33.54 -31.36 79.62
CA VAL D 196 34.75 -30.55 79.51
C VAL D 196 36.05 -31.35 79.50
N ALA D 197 36.16 -32.39 80.33
CA ALA D 197 37.37 -33.15 80.52
C ALA D 197 37.24 -34.54 79.90
N SER D 198 36.22 -34.72 79.04
CA SER D 198 35.94 -35.98 78.38
C SER D 198 36.62 -36.13 77.04
N SER D 199 36.88 -37.41 76.68
CA SER D 199 37.49 -37.72 75.39
C SER D 199 36.34 -37.90 74.38
N HIS D 200 36.58 -37.31 73.22
CA HIS D 200 35.54 -37.12 72.22
C HIS D 200 35.74 -38.05 71.03
N LYS D 201 34.66 -38.65 70.54
CA LYS D 201 34.74 -39.61 69.44
C LYS D 201 33.86 -39.25 68.26
N GLY D 202 33.07 -38.16 68.39
CA GLY D 202 32.25 -37.65 67.31
C GLY D 202 30.89 -37.17 67.78
N LYS D 203 30.40 -36.13 67.09
CA LYS D 203 29.14 -35.45 67.29
C LYS D 203 28.00 -36.10 66.49
N LYS D 204 26.75 -36.09 67.04
CA LYS D 204 25.50 -36.65 66.53
C LYS D 204 25.12 -37.94 67.31
N ASP D 205 24.01 -37.31 66.99
CA ASP D 205 22.60 -37.60 67.28
C ASP D 205 22.01 -36.93 68.51
N THR D 206 20.81 -36.37 68.39
CA THR D 206 20.15 -35.19 68.93
C THR D 206 18.70 -35.47 69.33
N SER D 207 18.14 -36.67 69.02
CA SER D 207 16.73 -36.99 69.24
C SER D 207 15.67 -35.97 68.82
N ILE D 208 14.56 -35.87 69.59
CA ILE D 208 13.41 -35.02 69.30
C ILE D 208 12.89 -34.51 70.65
N THR D 209 13.79 -34.56 71.65
CA THR D 209 13.52 -34.37 73.07
C THR D 209 13.94 -32.94 73.47
N GLN D 210 14.38 -32.69 74.72
CA GLN D 210 15.05 -31.44 75.09
C GLN D 210 16.50 -31.47 74.70
N GLY D 211 17.24 -30.35 74.86
CA GLY D 211 18.64 -30.25 74.43
C GLY D 211 19.74 -30.26 75.47
N PRO D 212 20.08 -31.32 76.20
CA PRO D 212 21.44 -31.55 76.65
C PRO D 212 22.24 -32.13 75.49
N SER D 213 22.45 -31.33 74.42
CA SER D 213 22.71 -31.83 73.07
C SER D 213 24.13 -32.25 72.78
N PHE D 214 24.69 -33.20 73.56
CA PHE D 214 26.08 -33.62 73.39
C PHE D 214 26.24 -35.12 73.49
N SER D 215 26.99 -35.72 72.55
CA SER D 215 27.29 -37.13 72.53
C SER D 215 28.44 -37.54 73.44
N TYR D 216 28.27 -37.34 74.77
CA TYR D 216 29.19 -37.75 75.85
C TYR D 216 29.91 -39.10 75.62
N GLY D 217 31.19 -39.23 75.98
CA GLY D 217 32.00 -40.45 75.79
C GLY D 217 31.47 -41.74 76.39
N GLU D 218 32.11 -42.90 76.08
CA GLU D 218 31.66 -44.19 76.58
C GLU D 218 31.73 -44.34 78.09
N LEU D 219 32.84 -43.92 78.73
CA LEU D 219 32.99 -43.97 80.17
C LEU D 219 32.12 -42.90 80.84
N GLU D 220 32.09 -41.71 80.22
CA GLU D 220 31.41 -40.52 80.62
C GLU D 220 29.90 -40.64 80.64
N LYS D 221 29.29 -41.41 79.72
CA LYS D 221 27.90 -41.86 79.80
C LYS D 221 27.61 -42.67 81.07
N GLN D 222 28.46 -43.64 81.40
CA GLN D 222 28.33 -44.46 82.59
C GLN D 222 28.48 -43.66 83.88
N LEU D 223 29.48 -42.74 83.91
CA LEU D 223 29.71 -41.82 85.02
C LEU D 223 28.56 -40.85 85.25
N LEU D 224 27.94 -40.34 84.17
CA LEU D 224 26.73 -39.51 84.23
C LEU D 224 25.57 -40.26 84.89
N GLN D 225 25.38 -41.55 84.53
CA GLN D 225 24.26 -42.37 84.97
C GLN D 225 24.48 -43.09 86.30
N ALA D 226 25.66 -42.96 86.93
CA ALA D 226 25.97 -43.53 88.22
C ALA D 226 25.10 -43.03 89.39
N ASN D 227 24.85 -41.70 89.41
CA ASN D 227 24.06 -41.03 90.45
C ASN D 227 22.60 -41.49 90.53
N PRO D 228 21.75 -41.60 89.49
CA PRO D 228 20.35 -42.02 89.65
C PRO D 228 20.20 -43.42 90.22
N ILE D 229 21.11 -44.37 89.91
CA ILE D 229 21.08 -45.70 90.48
C ILE D 229 21.24 -45.68 92.00
N LEU D 230 22.18 -44.87 92.51
CA LEU D 230 22.36 -44.70 93.94
C LEU D 230 21.28 -43.86 94.59
N GLU D 231 20.67 -42.90 93.86
CA GLU D 231 19.47 -42.20 94.31
C GLU D 231 18.27 -43.16 94.44
N ALA D 232 18.09 -44.11 93.51
CA ALA D 232 17.11 -45.18 93.63
C ALA D 232 17.27 -46.13 94.81
N PHE D 233 18.51 -46.62 95.04
CA PHE D 233 18.80 -47.60 96.08
C PHE D 233 19.20 -46.92 97.38
N GLY D 234 18.99 -45.58 97.49
CA GLY D 234 19.56 -44.83 98.59
C GLY D 234 18.91 -43.54 99.01
N ASN D 235 18.16 -42.85 98.13
CA ASN D 235 17.44 -41.66 98.54
C ASN D 235 16.02 -42.00 99.00
N ALA D 236 15.52 -41.19 99.95
CA ALA D 236 14.19 -41.36 100.50
C ALA D 236 13.66 -40.01 100.91
N LYS D 237 12.35 -39.75 100.73
CA LYS D 237 11.70 -38.57 101.31
C LYS D 237 11.71 -38.54 102.83
N THR D 238 12.11 -37.37 103.37
CA THR D 238 11.97 -37.01 104.77
C THR D 238 11.00 -35.85 104.87
N VAL D 239 10.74 -35.32 106.08
CA VAL D 239 10.04 -34.05 106.25
C VAL D 239 10.79 -32.87 105.59
N LYS D 240 12.12 -32.77 105.81
CA LYS D 240 12.94 -31.71 105.22
C LYS D 240 13.14 -31.82 103.71
N ASN D 241 13.45 -32.99 103.14
CA ASN D 241 13.81 -33.07 101.74
C ASN D 241 13.14 -34.30 101.13
N ASP D 242 12.48 -34.13 99.97
CA ASP D 242 11.65 -35.15 99.37
C ASP D 242 12.46 -36.14 98.53
N ASN D 243 13.72 -35.78 98.21
CA ASN D 243 14.72 -36.68 97.67
C ASN D 243 15.93 -36.50 98.59
N SER D 244 15.79 -36.91 99.87
CA SER D 244 16.85 -36.70 100.85
C SER D 244 17.92 -37.77 100.73
N SER D 245 19.20 -37.35 100.58
CA SER D 245 20.35 -38.24 100.61
C SER D 245 20.47 -38.99 101.92
N ARG D 246 20.24 -40.32 101.88
CA ARG D 246 20.17 -41.16 103.07
C ARG D 246 21.42 -41.99 103.23
N PHE D 247 22.47 -41.55 102.51
CA PHE D 247 23.81 -42.05 102.54
C PHE D 247 24.71 -40.88 102.15
N GLY D 248 25.96 -40.86 102.61
CA GLY D 248 26.94 -39.88 102.15
C GLY D 248 27.91 -40.52 101.19
N LYS D 249 28.53 -39.71 100.32
CA LYS D 249 29.31 -40.23 99.21
C LYS D 249 30.45 -39.30 98.86
N PHE D 250 31.63 -39.89 98.55
CA PHE D 250 32.79 -39.16 98.08
C PHE D 250 33.13 -39.72 96.71
N ILE D 251 33.03 -38.88 95.66
CA ILE D 251 33.26 -39.26 94.30
C ILE D 251 34.67 -38.79 93.95
N ARG D 252 35.59 -39.71 93.65
CA ARG D 252 36.93 -39.40 93.20
C ARG D 252 36.97 -39.61 91.70
N ILE D 253 37.16 -38.53 90.92
CA ILE D 253 37.34 -38.62 89.48
C ILE D 253 38.83 -38.61 89.18
N ASN D 254 39.35 -39.60 88.44
CA ASN D 254 40.75 -39.76 88.10
C ASN D 254 41.06 -39.23 86.70
N PHE D 255 42.23 -38.59 86.51
CA PHE D 255 42.64 -38.01 85.23
C PHE D 255 43.92 -38.63 84.69
N ASP D 256 44.24 -38.46 83.42
CA ASP D 256 45.54 -38.82 82.87
C ASP D 256 46.62 -37.76 83.18
N VAL D 257 47.66 -37.64 82.32
CA VAL D 257 48.72 -36.65 82.46
C VAL D 257 48.48 -35.50 81.50
N THR D 258 47.70 -35.75 80.43
CA THR D 258 47.19 -34.77 79.49
C THR D 258 46.07 -33.94 80.12
N GLY D 259 45.25 -34.60 80.96
CA GLY D 259 44.17 -34.00 81.73
C GLY D 259 42.80 -34.52 81.39
N TYR D 260 42.70 -35.68 80.72
CA TYR D 260 41.45 -36.30 80.34
C TYR D 260 41.00 -37.34 81.35
N ILE D 261 39.66 -37.51 81.53
CA ILE D 261 39.07 -38.47 82.46
C ILE D 261 39.44 -39.91 82.11
N VAL D 262 39.86 -40.71 83.10
CA VAL D 262 40.33 -42.08 82.86
C VAL D 262 39.72 -43.08 83.83
N GLY D 263 39.19 -42.64 84.99
CA GLY D 263 38.52 -43.54 85.92
C GLY D 263 37.75 -42.76 86.94
N ALA D 264 36.84 -43.41 87.69
CA ALA D 264 36.21 -42.76 88.84
C ALA D 264 35.76 -43.75 89.92
N ASN D 265 36.00 -43.38 91.18
CA ASN D 265 35.77 -44.23 92.33
C ASN D 265 34.81 -43.55 93.33
N ILE D 266 33.78 -44.27 93.81
CA ILE D 266 32.80 -43.74 94.76
C ILE D 266 32.90 -44.49 96.09
N GLU D 267 33.39 -43.79 97.14
CA GLU D 267 33.39 -44.25 98.53
C GLU D 267 32.09 -43.83 99.21
N THR D 268 31.59 -44.63 100.17
CA THR D 268 30.30 -44.34 100.80
C THR D 268 30.22 -44.71 102.28
N TYR D 269 29.57 -43.81 103.02
CA TYR D 269 29.60 -43.69 104.45
C TYR D 269 28.32 -44.24 105.09
N LEU D 270 27.68 -43.45 105.95
CA LEU D 270 26.49 -43.80 106.71
C LEU D 270 25.22 -44.01 105.92
N LEU D 271 24.80 -45.27 105.68
CA LEU D 271 23.49 -45.58 105.11
C LEU D 271 22.46 -45.72 106.23
N GLU D 272 21.35 -44.95 106.19
CA GLU D 272 20.27 -45.08 107.16
C GLU D 272 19.39 -46.32 106.89
N LYS D 273 19.98 -47.54 106.97
CA LYS D 273 19.32 -48.81 106.66
C LYS D 273 18.20 -49.15 107.62
N SER D 274 18.19 -48.49 108.79
CA SER D 274 17.12 -48.48 109.77
C SER D 274 15.77 -48.03 109.24
N ARG D 275 15.69 -47.15 108.21
CA ARG D 275 14.39 -46.72 107.74
C ARG D 275 13.77 -47.65 106.71
N ALA D 276 14.47 -48.74 106.31
CA ALA D 276 13.93 -49.75 105.42
C ALA D 276 12.73 -50.49 106.00
N ILE D 277 12.81 -50.82 107.29
CA ILE D 277 11.79 -51.53 108.05
C ILE D 277 10.62 -50.67 108.53
N ARG D 278 10.87 -49.42 108.98
CA ARG D 278 9.85 -48.55 109.56
C ARG D 278 10.26 -47.13 109.25
N GLN D 279 9.30 -46.24 108.98
CA GLN D 279 9.58 -44.89 108.52
C GLN D 279 9.02 -43.94 109.59
N ALA D 280 9.49 -42.69 109.64
CA ALA D 280 8.93 -41.70 110.54
C ALA D 280 7.63 -41.12 109.95
N LYS D 281 6.86 -40.38 110.76
CA LYS D 281 5.57 -39.84 110.36
C LYS D 281 5.68 -38.86 109.17
N ASP D 282 4.94 -39.16 108.07
CA ASP D 282 4.87 -38.42 106.81
C ASP D 282 6.10 -38.61 105.92
N GLU D 283 6.92 -39.66 106.18
CA GLU D 283 8.12 -39.93 105.43
C GLU D 283 8.00 -41.16 104.54
N ARG D 284 8.89 -41.27 103.52
CA ARG D 284 8.93 -42.42 102.63
C ARG D 284 10.17 -43.26 102.95
N THR D 285 10.12 -44.52 102.51
CA THR D 285 11.24 -45.46 102.45
C THR D 285 12.13 -45.14 101.27
N PHE D 286 13.29 -45.81 101.14
CA PHE D 286 14.09 -45.90 99.93
C PHE D 286 13.28 -46.01 98.64
N HIS D 287 13.38 -45.00 97.79
CA HIS D 287 12.58 -44.87 96.58
C HIS D 287 12.33 -46.12 95.74
N ILE D 288 13.34 -46.94 95.48
CA ILE D 288 13.16 -48.22 94.78
C ILE D 288 11.98 -49.07 95.25
N PHE D 289 11.57 -48.99 96.54
CA PHE D 289 10.38 -49.67 97.04
C PHE D 289 9.09 -49.19 96.37
N TYR D 290 8.94 -47.85 96.21
CA TYR D 290 7.80 -47.24 95.53
C TYR D 290 7.85 -47.50 94.04
N TYR D 291 9.04 -47.36 93.42
CA TYR D 291 9.24 -47.59 92.00
C TYR D 291 8.90 -49.01 91.60
N LEU D 292 9.39 -50.02 92.36
CA LEU D 292 9.15 -51.42 92.07
C LEU D 292 7.71 -51.87 92.29
N ILE D 293 7.02 -51.44 93.35
CA ILE D 293 5.62 -51.78 93.58
C ILE D 293 4.70 -51.16 92.53
N ALA D 294 4.92 -49.87 92.16
CA ALA D 294 4.13 -49.22 91.12
C ALA D 294 4.45 -49.66 89.68
N GLY D 295 5.76 -49.66 89.29
CA GLY D 295 6.15 -49.72 87.89
C GLY D 295 6.43 -51.10 87.32
N ALA D 296 6.42 -52.16 88.15
CA ALA D 296 6.70 -53.51 87.68
C ALA D 296 5.66 -54.08 86.69
N SER D 297 6.12 -54.59 85.54
CA SER D 297 5.25 -55.19 84.53
C SER D 297 4.50 -56.44 84.98
N GLU D 298 3.27 -56.70 84.44
CA GLU D 298 2.39 -57.73 84.99
C GLU D 298 3.00 -59.15 85.09
N GLN D 299 3.83 -59.56 84.11
CA GLN D 299 4.57 -60.82 84.20
C GLN D 299 5.56 -60.89 85.37
N MET D 300 6.36 -59.84 85.62
CA MET D 300 7.34 -59.88 86.70
C MET D 300 6.69 -59.65 88.06
N ARG D 301 5.49 -59.04 88.09
CA ARG D 301 4.75 -58.77 89.30
C ARG D 301 4.35 -60.03 90.06
N ASN D 302 3.93 -61.11 89.34
CA ASN D 302 3.78 -62.44 89.92
C ASN D 302 5.11 -63.19 90.18
N ASP D 303 6.11 -63.14 89.27
CA ASP D 303 7.41 -63.80 89.39
C ASP D 303 8.15 -63.38 90.67
N LEU D 304 8.18 -62.07 90.99
CA LEU D 304 8.90 -61.58 92.16
C LEU D 304 8.02 -61.48 93.39
N LEU D 305 6.74 -61.92 93.27
CA LEU D 305 5.70 -61.91 94.30
C LEU D 305 5.45 -60.54 94.90
N LEU D 306 5.32 -59.52 94.04
CA LEU D 306 5.08 -58.16 94.47
C LEU D 306 3.60 -57.97 94.77
N GLU D 307 3.29 -57.69 96.05
CA GLU D 307 1.98 -57.39 96.55
C GLU D 307 1.80 -55.87 96.61
N GLY D 308 0.56 -55.36 96.76
CA GLY D 308 0.28 -53.95 96.56
C GLY D 308 0.68 -53.00 97.68
N PHE D 309 0.47 -51.69 97.47
CA PHE D 309 0.61 -50.71 98.53
C PHE D 309 -0.37 -50.95 99.67
N ASN D 310 0.15 -50.90 100.92
CA ASN D 310 -0.54 -51.22 102.17
C ASN D 310 -0.70 -52.73 102.37
N ASN D 311 0.00 -53.58 101.58
CA ASN D 311 0.02 -55.02 101.80
C ASN D 311 1.38 -55.43 102.32
N TYR D 312 2.28 -54.46 102.59
CA TYR D 312 3.58 -54.69 103.17
C TYR D 312 3.69 -53.92 104.46
N THR D 313 4.03 -54.61 105.59
CA THR D 313 4.08 -54.00 106.92
C THR D 313 5.28 -53.08 107.09
N PHE D 314 6.28 -53.18 106.18
CA PHE D 314 7.46 -52.32 106.18
C PHE D 314 7.24 -51.04 105.36
N LEU D 315 5.98 -50.75 104.99
CA LEU D 315 5.59 -49.44 104.49
C LEU D 315 4.61 -48.82 105.49
N SER D 316 5.10 -47.84 106.26
CA SER D 316 4.33 -47.09 107.24
C SER D 316 3.98 -45.75 106.62
N ASN D 317 2.83 -45.16 107.04
CA ASN D 317 2.20 -43.97 106.49
C ASN D 317 1.38 -44.26 105.23
N GLY D 318 1.15 -45.56 104.92
CA GLY D 318 0.51 -45.98 103.67
C GLY D 318 1.26 -45.57 102.42
N HIS D 319 0.61 -44.88 101.47
CA HIS D 319 1.18 -44.65 100.15
C HIS D 319 1.58 -43.20 99.95
N VAL D 320 2.55 -42.70 100.72
CA VAL D 320 2.94 -41.30 100.70
C VAL D 320 3.44 -40.95 99.30
N PRO D 321 2.81 -40.07 98.52
CA PRO D 321 3.32 -39.66 97.22
C PRO D 321 4.40 -38.62 97.38
N ILE D 322 5.05 -38.22 96.27
CA ILE D 322 6.19 -37.33 96.27
C ILE D 322 5.88 -36.14 95.32
N PRO D 323 6.18 -34.88 95.63
CA PRO D 323 5.65 -33.78 94.82
C PRO D 323 6.60 -33.38 93.71
N ALA D 324 6.15 -33.49 92.44
CA ALA D 324 6.87 -33.20 91.21
C ALA D 324 7.65 -34.41 90.74
N GLN D 325 7.19 -35.62 91.13
CA GLN D 325 7.78 -36.88 90.75
C GLN D 325 6.67 -37.90 90.62
N GLN D 326 6.75 -38.81 89.63
CA GLN D 326 5.82 -39.91 89.44
C GLN D 326 6.63 -41.19 89.52
N ASP D 327 6.33 -42.07 90.50
CA ASP D 327 7.17 -43.19 90.86
C ASP D 327 7.15 -44.29 89.79
N ASP D 328 6.05 -44.37 89.01
CA ASP D 328 5.76 -45.27 87.93
C ASP D 328 6.77 -45.17 86.77
N GLU D 329 7.08 -43.93 86.30
CA GLU D 329 8.03 -43.68 85.24
C GLU D 329 9.47 -43.61 85.74
N MET D 330 9.66 -43.35 87.05
CA MET D 330 10.98 -43.40 87.68
C MET D 330 11.53 -44.83 87.78
N PHE D 331 10.64 -45.86 87.80
CA PHE D 331 11.05 -47.23 87.61
C PHE D 331 11.69 -47.47 86.25
N GLN D 332 11.06 -46.97 85.16
CA GLN D 332 11.63 -47.02 83.83
C GLN D 332 12.94 -46.24 83.72
N GLU D 333 13.01 -45.03 84.34
CA GLU D 333 14.24 -44.24 84.38
C GLU D 333 15.41 -44.97 85.01
N THR D 334 15.18 -45.58 86.19
CA THR D 334 16.23 -46.26 86.94
C THR D 334 16.61 -47.60 86.34
N LEU D 335 15.69 -48.28 85.62
CA LEU D 335 16.01 -49.40 84.74
C LEU D 335 16.89 -48.99 83.56
N GLU D 336 16.57 -47.87 82.87
CA GLU D 336 17.40 -47.30 81.82
C GLU D 336 18.77 -46.81 82.31
N ALA D 337 18.86 -46.30 83.55
CA ALA D 337 20.12 -46.03 84.19
C ALA D 337 21.01 -47.26 84.40
N MET D 338 20.44 -48.40 84.86
CA MET D 338 21.15 -49.65 85.03
C MET D 338 21.66 -50.28 83.73
N THR D 339 20.85 -50.26 82.65
CA THR D 339 21.29 -50.73 81.32
C THR D 339 22.44 -49.91 80.74
N ILE D 340 22.36 -48.56 80.81
CA ILE D 340 23.42 -47.65 80.39
C ILE D 340 24.71 -47.80 81.18
N MET D 341 24.63 -47.97 82.51
CA MET D 341 25.79 -48.16 83.35
C MET D 341 26.53 -49.48 83.11
N GLY D 342 25.78 -50.61 82.93
CA GLY D 342 26.38 -51.86 82.52
C GLY D 342 25.87 -53.05 83.26
N PHE D 343 24.56 -53.11 83.56
CA PHE D 343 23.98 -54.26 84.25
C PHE D 343 23.23 -55.13 83.25
N THR D 344 23.41 -56.46 83.34
CA THR D 344 22.83 -57.50 82.47
C THR D 344 21.32 -57.61 82.61
N GLU D 345 20.56 -58.08 81.59
CA GLU D 345 19.10 -58.12 81.67
C GLU D 345 18.56 -59.03 82.81
N GLU D 346 19.09 -60.26 82.98
CA GLU D 346 18.75 -61.14 84.10
C GLU D 346 19.24 -60.62 85.44
N GLU D 347 20.45 -60.02 85.45
CA GLU D 347 21.17 -59.50 86.59
C GLU D 347 20.32 -58.45 87.31
N GLN D 348 19.68 -57.56 86.52
CA GLN D 348 18.71 -56.60 87.01
C GLN D 348 17.48 -57.20 87.68
N THR D 349 16.88 -58.29 87.15
CA THR D 349 15.76 -58.97 87.81
C THR D 349 16.14 -59.57 89.15
N SER D 350 17.38 -60.11 89.25
CA SER D 350 17.96 -60.65 90.46
C SER D 350 18.05 -59.61 91.57
N ILE D 351 18.44 -58.37 91.24
CA ILE D 351 18.44 -57.21 92.13
C ILE D 351 17.05 -56.90 92.70
N LEU D 352 16.02 -56.90 91.83
CA LEU D 352 14.64 -56.63 92.21
C LEU D 352 13.98 -57.67 93.14
N ARG D 353 14.27 -58.99 92.97
CA ARG D 353 13.74 -59.99 93.91
C ARG D 353 14.42 -59.97 95.28
N VAL D 354 15.63 -59.37 95.40
CA VAL D 354 16.15 -58.97 96.71
C VAL D 354 15.32 -57.85 97.34
N VAL D 355 14.91 -56.82 96.57
CA VAL D 355 14.03 -55.76 97.07
C VAL D 355 12.66 -56.28 97.50
N SER D 356 12.00 -57.15 96.70
CA SER D 356 10.71 -57.73 97.09
C SER D 356 10.80 -58.62 98.32
N SER D 357 11.82 -59.48 98.43
CA SER D 357 12.05 -60.26 99.65
C SER D 357 12.32 -59.44 100.90
N VAL D 358 13.08 -58.32 100.82
CA VAL D 358 13.25 -57.38 101.93
C VAL D 358 11.91 -56.81 102.41
N LEU D 359 10.99 -56.42 101.49
CA LEU D 359 9.62 -56.07 101.81
C LEU D 359 8.81 -57.21 102.43
N GLN D 360 8.87 -58.41 101.83
CA GLN D 360 8.13 -59.60 102.19
C GLN D 360 8.40 -60.17 103.59
N LEU D 361 9.65 -60.01 104.10
CA LEU D 361 10.03 -60.33 105.47
C LEU D 361 9.19 -59.59 106.50
N GLY D 362 8.65 -58.41 106.15
CA GLY D 362 7.79 -57.62 107.04
C GLY D 362 6.39 -58.15 107.18
N ASN D 363 6.02 -59.16 106.37
CA ASN D 363 4.69 -59.75 106.43
C ASN D 363 4.73 -61.08 107.19
N ILE D 364 5.89 -61.43 107.78
CA ILE D 364 6.03 -62.62 108.61
C ILE D 364 5.60 -62.29 110.04
N VAL D 365 4.57 -62.98 110.58
CA VAL D 365 3.92 -62.55 111.82
C VAL D 365 4.05 -63.51 112.97
N PHE D 366 4.87 -63.15 113.99
CA PHE D 366 4.99 -63.91 115.21
C PHE D 366 3.92 -63.52 116.22
N LYS D 367 3.23 -64.55 116.75
CA LYS D 367 2.09 -64.40 117.63
C LYS D 367 2.46 -65.10 118.91
N LYS D 368 2.43 -64.39 120.08
CA LYS D 368 2.87 -64.97 121.34
C LYS D 368 1.94 -66.10 121.77
N GLU D 369 2.52 -67.30 122.02
CA GLU D 369 1.74 -68.44 122.45
C GLU D 369 1.81 -68.57 123.96
N ARG D 370 0.63 -68.66 124.59
CA ARG D 370 0.42 -68.64 126.02
C ARG D 370 1.00 -69.86 126.73
N ASN D 371 0.92 -71.06 126.12
CA ASN D 371 1.25 -72.30 126.85
C ASN D 371 2.74 -72.60 126.98
N THR D 372 3.61 -72.00 126.16
CA THR D 372 5.06 -72.17 126.33
C THR D 372 5.76 -70.86 126.68
N ASP D 373 5.08 -69.71 126.42
CA ASP D 373 5.60 -68.34 126.41
C ASP D 373 6.57 -68.04 125.24
N GLN D 374 6.65 -68.92 124.22
CA GLN D 374 7.39 -68.58 123.02
C GLN D 374 6.45 -67.99 121.96
N ALA D 375 6.80 -68.12 120.69
CA ALA D 375 5.93 -67.75 119.60
C ALA D 375 6.08 -68.89 118.64
N SER D 376 5.15 -68.99 117.69
CA SER D 376 5.25 -69.98 116.62
C SER D 376 4.81 -69.22 115.38
N MET D 377 4.99 -69.85 114.20
CA MET D 377 4.73 -69.28 112.90
C MET D 377 3.30 -69.67 112.48
N PRO D 378 2.26 -68.83 112.46
CA PRO D 378 0.89 -69.36 112.45
C PRO D 378 0.32 -69.26 111.05
N ASP D 379 1.18 -69.09 110.05
CA ASP D 379 0.86 -69.05 108.65
C ASP D 379 2.04 -69.79 108.02
N ASN D 380 1.92 -70.24 106.76
CA ASN D 380 3.04 -70.74 106.01
C ASN D 380 3.33 -69.85 104.82
N THR D 381 2.35 -69.04 104.35
CA THR D 381 2.49 -68.28 103.11
C THR D 381 3.55 -67.20 103.15
N ALA D 382 3.64 -66.44 104.26
CA ALA D 382 4.62 -65.39 104.44
C ALA D 382 6.07 -65.89 104.38
N ALA D 383 6.37 -66.98 105.11
CA ALA D 383 7.64 -67.67 105.04
C ALA D 383 7.89 -68.35 103.69
N GLN D 384 6.86 -68.97 103.08
CA GLN D 384 6.94 -69.63 101.79
C GLN D 384 7.35 -68.69 100.66
N LYS D 385 6.74 -67.49 100.58
CA LYS D 385 7.11 -66.46 99.63
C LYS D 385 8.55 -65.98 99.82
N VAL D 386 8.95 -65.71 101.09
CA VAL D 386 10.29 -65.29 101.45
C VAL D 386 11.36 -66.32 101.10
N CYS D 387 11.14 -67.61 101.43
CA CYS D 387 12.07 -68.68 101.15
C CYS D 387 12.27 -68.95 99.67
N HIS D 388 11.22 -68.85 98.87
CA HIS D 388 11.27 -69.01 97.41
C HIS D 388 12.13 -67.89 96.83
N LEU D 389 12.01 -66.64 97.27
CA LEU D 389 12.75 -65.50 96.74
C LEU D 389 14.10 -65.28 97.43
N MET D 390 14.46 -66.14 98.39
CA MET D 390 15.79 -66.21 98.95
C MET D 390 16.50 -67.50 98.52
N GLY D 391 15.80 -68.39 97.77
CA GLY D 391 16.34 -69.67 97.30
C GLY D 391 16.72 -70.67 98.36
N ILE D 392 15.97 -70.70 99.49
CA ILE D 392 16.29 -71.50 100.66
C ILE D 392 15.05 -72.30 101.07
N ASN D 393 15.17 -73.12 102.14
CA ASN D 393 14.13 -74.04 102.58
C ASN D 393 13.24 -73.49 103.70
N VAL D 394 11.91 -73.71 103.61
CA VAL D 394 10.91 -73.28 104.59
C VAL D 394 11.07 -73.85 105.99
N THR D 395 11.29 -75.17 106.14
CA THR D 395 11.45 -75.82 107.45
C THR D 395 12.73 -75.47 108.15
N ASP D 396 13.87 -75.45 107.44
CA ASP D 396 15.14 -75.01 108.00
C ASP D 396 15.14 -73.52 108.39
N PHE D 397 14.51 -72.64 107.58
CA PHE D 397 14.26 -71.25 107.94
C PHE D 397 13.37 -71.09 109.16
N THR D 398 12.22 -71.83 109.22
CA THR D 398 11.26 -71.78 110.32
C THR D 398 11.87 -72.24 111.63
N ARG D 399 12.66 -73.34 111.61
CA ARG D 399 13.44 -73.76 112.75
C ARG D 399 14.49 -72.74 113.18
N SER D 400 15.21 -72.13 112.21
CA SER D 400 16.24 -71.13 112.50
C SER D 400 15.73 -69.85 113.13
N ILE D 401 14.58 -69.32 112.65
CA ILE D 401 13.96 -68.11 113.18
C ILE D 401 13.34 -68.30 114.56
N LEU D 402 12.63 -69.43 114.82
CA LEU D 402 11.99 -69.68 116.10
C LEU D 402 12.88 -70.35 117.14
N THR D 403 13.66 -71.36 116.73
CA THR D 403 14.33 -72.31 117.63
C THR D 403 15.77 -72.55 117.16
N PRO D 404 16.67 -71.58 117.21
CA PRO D 404 17.99 -71.71 116.63
C PRO D 404 18.89 -72.67 117.41
N ARG D 405 19.80 -73.34 116.69
CA ARG D 405 20.70 -74.34 117.21
C ARG D 405 22.11 -73.73 117.27
N ILE D 406 22.30 -72.72 118.14
CA ILE D 406 23.55 -71.98 118.20
C ILE D 406 24.63 -72.72 118.99
N LYS D 407 25.87 -72.22 118.90
CA LYS D 407 26.99 -72.76 119.65
C LYS D 407 27.65 -71.63 120.41
N VAL D 408 27.70 -71.71 121.77
CA VAL D 408 28.37 -70.70 122.58
C VAL D 408 29.75 -71.20 123.00
N GLY D 409 30.81 -70.91 122.20
CA GLY D 409 32.16 -71.33 122.54
C GLY D 409 32.40 -72.82 122.39
N ARG D 410 32.03 -73.59 123.43
CA ARG D 410 32.24 -75.01 123.52
C ARG D 410 30.95 -75.79 123.39
N ASP D 411 29.82 -75.28 123.94
CA ASP D 411 28.55 -75.96 124.05
C ASP D 411 27.74 -75.86 122.76
N VAL D 412 26.58 -76.53 122.72
CA VAL D 412 25.60 -76.36 121.66
C VAL D 412 24.34 -76.02 122.41
N VAL D 413 23.77 -74.82 122.15
CA VAL D 413 22.62 -74.33 122.86
C VAL D 413 21.49 -74.34 121.84
N GLN D 414 20.54 -75.26 122.01
CA GLN D 414 19.37 -75.37 121.17
C GLN D 414 18.21 -74.89 122.03
N LYS D 415 17.60 -73.77 121.65
CA LYS D 415 16.68 -73.05 122.51
C LYS D 415 15.50 -72.62 121.70
N ALA D 416 14.50 -71.98 122.33
CA ALA D 416 13.39 -71.36 121.66
C ALA D 416 13.40 -69.87 121.97
N GLN D 417 13.18 -69.02 120.93
CA GLN D 417 13.15 -67.58 121.07
C GLN D 417 11.73 -67.08 121.26
N THR D 418 11.57 -65.94 121.96
CA THR D 418 10.26 -65.35 122.21
C THR D 418 9.77 -64.53 121.04
N LYS D 419 8.52 -64.05 121.08
CA LYS D 419 7.86 -63.35 120.00
C LYS D 419 8.56 -62.07 119.58
N GLU D 420 9.02 -61.32 120.60
CA GLU D 420 9.76 -60.09 120.54
C GLU D 420 11.12 -60.29 119.89
N GLN D 421 11.80 -61.40 120.25
CA GLN D 421 13.04 -61.85 119.64
C GLN D 421 12.91 -62.31 118.19
N ALA D 422 11.86 -63.10 117.87
CA ALA D 422 11.58 -63.56 116.52
C ALA D 422 11.25 -62.39 115.58
N ASP D 423 10.45 -61.40 116.04
CA ASP D 423 10.24 -60.14 115.35
C ASP D 423 11.55 -59.38 115.11
N PHE D 424 12.41 -59.27 116.14
CA PHE D 424 13.72 -58.62 116.04
C PHE D 424 14.66 -59.32 115.03
N ALA D 425 14.69 -60.66 115.04
CA ALA D 425 15.48 -61.45 114.11
C ALA D 425 15.09 -61.27 112.65
N ILE D 426 13.78 -61.29 112.33
CA ILE D 426 13.28 -61.05 110.98
C ILE D 426 13.49 -59.59 110.56
N GLU D 427 13.30 -58.63 111.49
CA GLU D 427 13.58 -57.21 111.29
C GLU D 427 15.04 -56.90 110.95
N ALA D 428 15.98 -57.49 111.72
CA ALA D 428 17.40 -57.37 111.50
C ALA D 428 17.86 -57.98 110.18
N LEU D 429 17.32 -59.17 109.82
CA LEU D 429 17.63 -59.82 108.57
C LEU D 429 17.23 -59.01 107.33
N ALA D 430 16.03 -58.36 107.37
CA ALA D 430 15.56 -57.51 106.31
C ALA D 430 16.41 -56.26 106.03
N LYS D 431 16.77 -55.50 107.09
CA LYS D 431 17.64 -54.34 106.96
C LYS D 431 19.06 -54.72 106.52
N ALA D 432 19.60 -55.85 107.04
CA ALA D 432 20.90 -56.35 106.68
C ALA D 432 21.01 -56.76 105.22
N LYS D 433 20.01 -57.50 104.69
CA LYS D 433 19.93 -57.85 103.28
C LYS D 433 19.79 -56.63 102.37
N PHE D 434 19.04 -55.59 102.81
CA PHE D 434 19.00 -54.31 102.13
C PHE D 434 20.36 -53.60 102.04
N GLU D 435 21.10 -53.52 103.16
CA GLU D 435 22.43 -52.95 103.23
C GLU D 435 23.45 -53.70 102.39
N ARG D 436 23.37 -55.05 102.35
CA ARG D 436 24.16 -55.88 101.45
C ARG D 436 23.90 -55.59 99.97
N LEU D 437 22.62 -55.39 99.57
CA LEU D 437 22.27 -55.01 98.21
C LEU D 437 22.87 -53.67 97.79
N PHE D 438 22.79 -52.63 98.65
CA PHE D 438 23.38 -51.31 98.39
C PHE D 438 24.90 -51.37 98.21
N ARG D 439 25.61 -52.11 99.10
CA ARG D 439 27.05 -52.30 98.96
C ARG D 439 27.44 -53.08 97.70
N TRP D 440 26.67 -54.13 97.33
CA TRP D 440 26.86 -54.84 96.06
C TRP D 440 26.68 -53.94 94.84
N ILE D 441 25.58 -53.15 94.81
CA ILE D 441 25.28 -52.18 93.75
C ILE D 441 26.39 -51.15 93.61
N LEU D 442 26.89 -50.61 94.75
CA LEU D 442 28.00 -49.67 94.74
C LEU D 442 29.29 -50.26 94.16
N THR D 443 29.68 -51.50 94.52
CA THR D 443 30.84 -52.16 93.90
C THR D 443 30.62 -52.49 92.43
N ARG D 444 29.38 -52.87 92.03
CA ARG D 444 28.98 -53.05 90.64
C ARG D 444 29.10 -51.78 89.80
N VAL D 445 28.74 -50.61 90.36
CA VAL D 445 28.95 -49.31 89.75
C VAL D 445 30.44 -48.97 89.61
N ASN D 446 31.23 -49.12 90.70
CA ASN D 446 32.68 -48.87 90.68
C ASN D 446 33.44 -49.76 89.68
N LYS D 447 32.96 -51.01 89.48
CA LYS D 447 33.50 -51.99 88.55
C LYS D 447 33.60 -51.49 87.10
N ALA D 448 32.65 -50.64 86.67
CA ALA D 448 32.60 -50.17 85.31
C ALA D 448 33.14 -48.75 85.15
N LEU D 449 33.37 -48.02 86.26
CA LEU D 449 33.80 -46.62 86.17
C LEU D 449 35.29 -46.44 86.41
N ASP D 450 36.18 -47.42 86.63
CA ASP D 450 37.39 -47.25 87.41
CA ALA D 457 47.69 -39.35 87.49
C ALA D 457 47.42 -38.33 88.57
N SER D 458 46.43 -37.46 88.41
CA SER D 458 45.77 -36.63 89.41
C SER D 458 44.30 -36.94 89.61
N PHE D 459 43.68 -36.37 90.65
CA PHE D 459 42.24 -36.55 90.89
C PHE D 459 41.48 -35.30 91.34
N LEU D 460 40.15 -35.34 91.09
CA LEU D 460 39.18 -34.39 91.60
C LEU D 460 38.24 -35.13 92.53
N GLY D 461 38.27 -34.82 93.83
CA GLY D 461 37.31 -35.32 94.80
C GLY D 461 36.08 -34.45 94.88
N ILE D 462 34.88 -35.04 94.99
CA ILE D 462 33.65 -34.30 95.16
C ILE D 462 32.89 -34.92 96.31
N LEU D 463 32.53 -34.12 97.34
CA LEU D 463 31.96 -34.66 98.56
C LEU D 463 30.52 -34.23 98.76
N ASP D 464 29.59 -35.22 98.80
CA ASP D 464 28.20 -35.01 99.17
C ASP D 464 27.96 -35.75 100.48
N ILE D 465 27.79 -34.99 101.57
CA ILE D 465 27.53 -35.53 102.89
C ILE D 465 26.13 -35.15 103.32
N ALA D 466 25.39 -36.13 103.88
CA ALA D 466 24.16 -35.92 104.66
C ALA D 466 24.27 -34.66 105.51
N GLY D 467 23.30 -33.72 105.40
CA GLY D 467 23.47 -32.42 106.05
C GLY D 467 23.22 -32.49 107.52
N PHE D 468 23.31 -31.35 108.21
CA PHE D 468 22.86 -31.27 109.58
C PHE D 468 21.35 -31.46 109.66
N GLU D 469 20.88 -32.49 110.40
CA GLU D 469 19.47 -32.82 110.42
C GLU D 469 19.00 -33.14 111.82
N ILE D 470 17.74 -32.75 112.08
CA ILE D 470 17.12 -32.84 113.38
C ILE D 470 15.64 -33.10 113.14
N PHE D 471 15.06 -33.98 113.95
CA PHE D 471 13.72 -34.50 113.82
C PHE D 471 13.17 -34.61 115.24
N GLU D 472 11.90 -35.06 115.41
CA GLU D 472 11.39 -35.43 116.73
C GLU D 472 12.14 -36.60 117.38
N ILE D 473 12.49 -37.62 116.59
CA ILE D 473 13.32 -38.72 117.08
C ILE D 473 14.71 -38.60 116.48
N ASN D 474 15.70 -38.20 117.30
CA ASN D 474 17.09 -38.13 116.88
C ASN D 474 17.82 -39.33 117.44
N SER D 475 18.28 -40.21 116.54
CA SER D 475 18.84 -41.52 116.87
C SER D 475 20.34 -41.51 116.60
N PHE D 476 21.04 -42.64 116.84
CA PHE D 476 22.46 -42.84 116.65
C PHE D 476 22.95 -42.55 115.22
N GLU D 477 22.14 -42.89 114.20
CA GLU D 477 22.36 -42.58 112.82
C GLU D 477 22.45 -41.07 112.56
N GLN D 478 21.50 -40.27 113.12
CA GLN D 478 21.56 -38.81 113.15
C GLN D 478 22.75 -38.28 113.95
N LEU D 479 23.15 -38.96 115.05
CA LEU D 479 24.32 -38.59 115.82
C LEU D 479 25.59 -38.65 114.99
N CYS D 480 25.78 -39.75 114.24
CA CYS D 480 26.88 -39.93 113.30
C CYS D 480 26.83 -38.98 112.12
N ILE D 481 25.62 -38.70 111.57
CA ILE D 481 25.43 -37.69 110.51
C ILE D 481 25.83 -36.29 110.97
N ASN D 482 25.33 -35.82 112.12
CA ASN D 482 25.63 -34.49 112.63
C ASN D 482 27.10 -34.31 113.04
N TYR D 483 27.73 -35.36 113.61
CA TYR D 483 29.15 -35.48 113.90
C TYR D 483 30.05 -35.23 112.69
N THR D 484 29.64 -35.77 111.53
CA THR D 484 30.30 -35.56 110.24
C THR D 484 30.23 -34.12 109.77
N ASN D 485 29.08 -33.42 109.99
CA ASN D 485 28.93 -31.99 109.73
C ASN D 485 29.79 -31.12 110.65
N GLU D 486 29.90 -31.48 111.96
CA GLU D 486 30.81 -30.83 112.92
C GLU D 486 32.26 -30.87 112.43
N LYS D 487 32.69 -32.05 111.93
CA LYS D 487 33.98 -32.23 111.28
C LYS D 487 34.19 -31.42 110.01
N LEU D 488 33.18 -31.32 109.13
CA LEU D 488 33.27 -30.55 107.90
C LEU D 488 33.41 -29.04 108.14
N GLN D 489 32.64 -28.46 109.08
CA GLN D 489 32.85 -27.07 109.48
C GLN D 489 34.22 -26.84 110.12
N GLN D 490 34.67 -27.75 111.01
CA GLN D 490 36.01 -27.73 111.58
C GLN D 490 37.13 -27.80 110.55
N LEU D 491 36.96 -28.58 109.46
CA LEU D 491 37.89 -28.60 108.33
C LEU D 491 38.03 -27.23 107.68
N PHE D 492 36.90 -26.52 107.44
CA PHE D 492 36.91 -25.12 106.97
C PHE D 492 37.60 -24.19 107.96
N ASN D 493 37.31 -24.31 109.27
CA ASN D 493 37.93 -23.47 110.29
C ASN D 493 39.45 -23.62 110.32
N HIS D 494 39.90 -24.87 110.20
CA HIS D 494 41.32 -25.22 110.20
C HIS D 494 42.01 -24.76 108.93
N THR D 495 41.47 -24.97 107.72
CA THR D 495 42.11 -24.50 106.49
C THR D 495 42.09 -22.99 106.33
N MET D 496 40.93 -22.34 106.56
CA MET D 496 40.74 -20.93 106.31
C MET D 496 41.48 -20.01 107.27
N PHE D 497 41.48 -20.33 108.58
CA PHE D 497 41.99 -19.40 109.57
C PHE D 497 43.30 -19.83 110.18
N ILE D 498 43.51 -21.15 110.38
CA ILE D 498 44.68 -21.62 111.12
C ILE D 498 45.84 -21.87 110.18
N LEU D 499 45.68 -22.76 109.17
CA LEU D 499 46.72 -23.14 108.23
C LEU D 499 47.26 -21.96 107.40
N GLU D 500 46.34 -21.05 107.00
CA GLU D 500 46.68 -19.81 106.30
C GLU D 500 47.64 -18.91 107.08
N GLN D 501 47.36 -18.68 108.39
CA GLN D 501 48.21 -17.92 109.27
C GLN D 501 49.49 -18.62 109.66
N GLU D 502 49.50 -19.96 109.84
CA GLU D 502 50.73 -20.69 110.09
C GLU D 502 51.77 -20.46 108.98
N GLU D 503 51.31 -20.49 107.71
CA GLU D 503 52.16 -20.28 106.55
C GLU D 503 52.80 -18.89 106.54
N TYR D 504 52.06 -17.86 107.01
CA TYR D 504 52.62 -16.53 107.23
C TYR D 504 53.72 -16.49 108.29
N GLN D 505 53.52 -17.18 109.44
CA GLN D 505 54.53 -17.33 110.49
C GLN D 505 55.76 -18.12 110.00
N ARG D 506 55.57 -19.23 109.26
CA ARG D 506 56.65 -20.03 108.70
C ARG D 506 57.54 -19.28 107.72
N GLU D 507 56.95 -18.50 106.79
CA GLU D 507 57.70 -17.73 105.83
C GLU D 507 58.22 -16.43 106.39
N GLY D 508 57.68 -15.96 107.55
CA GLY D 508 58.25 -14.84 108.30
C GLY D 508 57.86 -13.48 107.81
N ILE D 509 56.74 -13.38 107.07
CA ILE D 509 56.21 -12.11 106.61
C ILE D 509 55.71 -11.21 107.75
N GLU D 510 55.72 -9.88 107.52
CA GLU D 510 55.05 -8.88 108.35
C GLU D 510 53.56 -9.18 108.51
N TRP D 511 53.19 -9.68 109.72
CA TRP D 511 51.85 -10.12 110.04
C TRP D 511 51.67 -10.06 111.56
N ASN D 512 50.43 -9.92 112.03
CA ASN D 512 50.07 -10.12 113.42
C ASN D 512 48.89 -11.09 113.39
N PHE D 513 48.84 -12.08 114.30
CA PHE D 513 47.75 -13.04 114.34
C PHE D 513 46.38 -12.42 114.57
N ILE D 514 45.36 -12.91 113.84
CA ILE D 514 43.98 -12.54 114.03
C ILE D 514 43.29 -13.79 114.50
N ASP D 515 42.81 -13.81 115.78
CA ASP D 515 41.80 -14.77 116.18
C ASP D 515 40.50 -14.42 115.40
N PHE D 516 39.83 -15.48 114.91
CA PHE D 516 38.55 -15.36 114.25
C PHE D 516 37.51 -16.03 115.14
N GLY D 517 37.96 -16.71 116.23
CA GLY D 517 37.12 -17.29 117.26
C GLY D 517 36.47 -18.60 116.92
N LEU D 518 36.78 -19.16 115.74
CA LEU D 518 36.08 -20.32 115.22
C LEU D 518 36.91 -21.58 115.33
N ASP D 519 36.70 -22.36 116.42
CA ASP D 519 37.15 -23.72 116.52
C ASP D 519 36.05 -24.51 117.27
N LEU D 520 35.76 -25.75 116.79
CA LEU D 520 34.66 -26.58 117.27
C LEU D 520 35.19 -27.76 118.07
N GLN D 521 36.52 -27.85 118.31
CA GLN D 521 37.12 -29.04 118.90
C GLN D 521 36.54 -29.60 120.21
N PRO D 522 36.15 -28.87 121.26
CA PRO D 522 35.55 -29.49 122.45
C PRO D 522 34.23 -30.20 122.15
N CYS D 523 33.46 -29.79 121.13
CA CYS D 523 32.27 -30.52 120.69
C CYS D 523 32.65 -31.86 120.06
N ILE D 524 33.71 -31.86 119.25
CA ILE D 524 34.26 -33.04 118.62
C ILE D 524 34.86 -34.03 119.60
N GLU D 525 35.66 -33.57 120.59
CA GLU D 525 36.21 -34.41 121.67
C GLU D 525 35.12 -35.05 122.50
N LEU D 526 34.02 -34.31 122.78
CA LEU D 526 32.83 -34.78 123.48
C LEU D 526 32.25 -36.07 122.87
N ILE D 527 32.17 -36.18 121.54
CA ILE D 527 31.73 -37.40 120.89
C ILE D 527 32.84 -38.39 120.55
N GLU D 528 34.00 -37.91 120.06
CA GLU D 528 35.04 -38.72 119.46
C GLU D 528 35.99 -39.46 120.40
N ARG D 529 36.36 -38.82 121.54
CA ARG D 529 37.51 -39.19 122.36
C ARG D 529 37.54 -40.64 122.89
N PRO D 530 38.62 -41.42 122.78
CA PRO D 530 38.54 -42.84 123.13
C PRO D 530 39.17 -43.15 124.48
N THR D 531 40.12 -42.33 124.96
CA THR D 531 40.83 -42.57 126.22
C THR D 531 41.19 -41.21 126.78
N ASN D 532 41.47 -41.15 128.10
CA ASN D 532 41.68 -39.95 128.90
C ASN D 532 40.29 -39.52 129.39
N PRO D 533 39.57 -38.41 129.13
CA PRO D 533 38.15 -38.34 129.50
C PRO D 533 37.31 -38.83 128.30
N PRO D 534 36.58 -39.95 128.30
CA PRO D 534 36.05 -40.53 127.06
C PRO D 534 34.83 -39.84 126.49
N GLY D 535 34.56 -40.03 125.17
CA GLY D 535 33.41 -39.47 124.50
C GLY D 535 32.22 -40.36 124.34
N VAL D 536 31.13 -39.81 123.74
CA VAL D 536 29.82 -40.46 123.53
C VAL D 536 29.93 -41.79 122.79
N LEU D 537 30.74 -41.85 121.70
CA LEU D 537 31.00 -43.09 121.00
C LEU D 537 31.74 -44.13 121.83
N ALA D 538 32.76 -43.70 122.59
CA ALA D 538 33.60 -44.60 123.36
C ALA D 538 32.87 -45.33 124.49
N LEU D 539 32.00 -44.62 125.24
CA LEU D 539 31.15 -45.20 126.25
C LEU D 539 30.11 -46.15 125.68
N LEU D 540 29.52 -45.78 124.51
CA LEU D 540 28.61 -46.64 123.78
C LEU D 540 29.28 -47.92 123.28
N ASP D 541 30.58 -47.85 122.88
CA ASP D 541 31.39 -49.00 122.51
C ASP D 541 31.63 -50.02 123.64
N GLU D 542 31.91 -49.57 124.88
CA GLU D 542 32.24 -50.46 126.01
C GLU D 542 31.04 -50.96 126.81
N GLU D 543 30.02 -50.11 127.11
CA GLU D 543 28.77 -50.50 127.79
C GLU D 543 28.08 -51.65 127.03
N CYS D 544 28.23 -51.64 125.70
CA CYS D 544 27.78 -52.65 124.75
C CYS D 544 28.20 -54.08 125.07
N TRP D 545 29.33 -54.28 125.77
CA TRP D 545 29.85 -55.61 126.09
C TRP D 545 29.66 -56.02 127.54
N PHE D 546 28.73 -55.39 128.29
CA PHE D 546 28.47 -55.74 129.68
C PHE D 546 27.07 -56.37 129.88
N PRO D 547 26.90 -57.54 130.51
CA PRO D 547 25.61 -58.22 130.59
C PRO D 547 24.59 -57.58 131.50
N LYS D 548 24.94 -56.53 132.29
CA LYS D 548 23.92 -55.78 133.02
C LYS D 548 23.77 -54.33 132.56
N ALA D 549 24.30 -53.99 131.36
CA ALA D 549 24.05 -52.71 130.74
C ALA D 549 22.75 -52.67 129.96
N THR D 550 22.20 -51.46 129.78
CA THR D 550 21.02 -51.19 128.95
C THR D 550 21.30 -49.85 128.29
N ASP D 551 20.47 -49.41 127.34
CA ASP D 551 20.60 -48.06 126.77
C ASP D 551 20.49 -46.95 127.84
N THR D 552 19.68 -47.21 128.89
CA THR D 552 19.54 -46.35 130.06
C THR D 552 20.81 -46.21 130.90
N SER D 553 21.56 -47.31 131.15
CA SER D 553 22.84 -47.24 131.89
C SER D 553 23.88 -46.42 131.16
N PHE D 554 23.94 -46.55 129.82
CA PHE D 554 24.79 -45.76 128.95
C PHE D 554 24.60 -44.25 129.15
N VAL D 555 23.35 -43.76 129.24
CA VAL D 555 23.10 -42.35 129.54
C VAL D 555 23.50 -41.95 130.95
N GLU D 556 23.19 -42.76 131.99
CA GLU D 556 23.64 -42.43 133.34
C GLU D 556 25.15 -42.44 133.54
N LYS D 557 25.87 -43.34 132.84
CA LYS D 557 27.33 -43.28 132.67
C LYS D 557 27.81 -42.04 131.90
N LEU D 558 27.09 -41.62 130.84
CA LEU D 558 27.37 -40.42 130.07
C LEU D 558 27.31 -39.12 130.87
N ILE D 559 26.38 -39.00 131.84
CA ILE D 559 26.40 -37.92 132.83
C ILE D 559 27.64 -37.95 133.71
N GLN D 560 28.09 -39.16 134.12
CA GLN D 560 29.27 -39.35 134.95
C GLN D 560 30.57 -38.86 134.31
N GLU D 561 30.84 -39.23 133.04
CA GLU D 561 32.00 -38.73 132.31
C GLU D 561 31.85 -37.30 131.80
N GLN D 562 30.66 -36.95 131.25
CA GLN D 562 30.51 -35.72 130.48
C GLN D 562 29.86 -34.59 131.27
N GLY D 563 28.59 -34.78 131.70
CA GLY D 563 27.82 -33.95 132.66
C GLY D 563 27.96 -32.44 132.70
N ASN D 564 29.08 -31.95 133.26
CA ASN D 564 29.42 -30.56 133.40
C ASN D 564 30.01 -29.98 132.10
N HIS D 565 30.39 -30.81 131.13
CA HIS D 565 31.22 -30.45 129.98
C HIS D 565 30.51 -29.25 129.33
N ALA D 566 31.27 -28.34 128.72
CA ALA D 566 30.76 -27.09 128.19
C ALA D 566 30.23 -27.10 126.75
N LYS D 567 29.72 -28.26 126.30
CA LYS D 567 28.98 -28.45 125.06
C LYS D 567 27.91 -29.52 125.27
N PHE D 568 27.69 -29.96 126.54
CA PHE D 568 26.77 -31.02 126.90
C PHE D 568 25.62 -30.42 127.70
N GLN D 569 24.41 -30.98 127.61
CA GLN D 569 23.32 -30.58 128.48
C GLN D 569 22.40 -31.77 128.72
N LYS D 570 21.89 -32.02 129.96
CA LYS D 570 20.85 -33.04 130.13
C LYS D 570 19.44 -32.65 129.69
N SER D 571 18.62 -33.66 129.35
CA SER D 571 17.26 -33.55 128.81
C SER D 571 16.27 -32.72 129.61
N LYS D 572 14.99 -32.66 129.16
CA LYS D 572 13.92 -31.98 129.86
C LYS D 572 13.35 -32.81 131.03
N GLN D 573 14.22 -33.66 131.61
CA GLN D 573 13.95 -34.60 132.69
C GLN D 573 13.41 -35.94 132.19
N LEU D 574 13.75 -36.31 130.95
CA LEU D 574 13.36 -37.60 130.36
C LEU D 574 14.53 -38.55 130.48
N LYS D 575 14.36 -39.50 131.42
CA LYS D 575 15.31 -40.48 131.91
C LYS D 575 14.65 -41.86 131.89
N ASP D 576 13.50 -41.91 131.20
CA ASP D 576 12.54 -42.98 131.10
C ASP D 576 12.63 -43.51 129.67
N LYS D 577 12.50 -42.57 128.72
CA LYS D 577 12.89 -42.66 127.32
C LYS D 577 14.41 -42.72 127.18
N THR D 578 15.07 -41.97 128.08
CA THR D 578 16.51 -41.73 128.19
C THR D 578 17.05 -40.90 127.03
N GLU D 579 17.31 -39.61 127.28
CA GLU D 579 17.77 -38.70 126.26
C GLU D 579 18.70 -37.67 126.85
N PHE D 580 19.55 -37.06 126.00
CA PHE D 580 20.54 -36.07 126.39
C PHE D 580 20.59 -35.02 125.29
N CYS D 581 21.25 -33.88 125.52
CA CYS D 581 21.40 -32.84 124.51
C CYS D 581 22.85 -32.46 124.35
N ILE D 582 23.28 -32.16 123.10
CA ILE D 582 24.61 -31.64 122.84
C ILE D 582 24.51 -30.39 122.00
N LEU D 583 25.42 -29.43 122.25
CA LEU D 583 25.44 -28.13 121.57
C LEU D 583 26.38 -28.21 120.36
N HIS D 584 25.83 -28.47 119.18
CA HIS D 584 26.55 -28.49 117.92
C HIS D 584 26.63 -27.12 117.25
N TYR D 585 27.59 -26.93 116.35
CA TYR D 585 27.81 -25.65 115.67
C TYR D 585 26.53 -25.04 115.09
N ALA D 586 25.63 -25.88 114.54
CA ALA D 586 24.38 -25.48 113.95
C ALA D 586 23.19 -25.74 114.89
N GLY D 587 23.42 -25.88 116.22
CA GLY D 587 22.33 -25.90 117.19
C GLY D 587 22.35 -27.03 118.20
N LYS D 588 21.40 -27.00 119.14
CA LYS D 588 21.32 -27.96 120.23
C LYS D 588 20.38 -29.11 119.87
N VAL D 589 20.91 -30.31 119.65
CA VAL D 589 20.10 -31.47 119.31
C VAL D 589 19.77 -32.26 120.56
N THR D 590 18.51 -32.74 120.71
CA THR D 590 18.15 -33.71 121.76
C THR D 590 18.27 -35.09 121.16
N TYR D 591 19.15 -35.94 121.71
CA TYR D 591 19.35 -37.30 121.23
C TYR D 591 18.72 -38.26 122.20
N ASN D 592 17.98 -39.25 121.66
CA ASN D 592 17.23 -40.22 122.42
C ASN D 592 17.95 -41.54 122.25
N ALA D 593 18.47 -42.11 123.36
CA ALA D 593 19.47 -43.15 123.31
C ALA D 593 18.90 -44.56 123.33
N SER D 594 17.54 -44.70 123.35
CA SER D 594 16.89 -46.01 123.34
C SER D 594 17.19 -46.83 122.08
N ALA D 595 17.64 -48.09 122.27
CA ALA D 595 18.11 -49.00 121.24
C ALA D 595 19.36 -48.52 120.50
N TRP D 596 20.38 -48.03 121.24
CA TRP D 596 21.64 -47.60 120.67
C TRP D 596 22.72 -48.64 120.91
N LEU D 597 22.66 -49.42 122.01
CA LEU D 597 23.58 -50.55 122.18
C LEU D 597 23.34 -51.61 121.11
N THR D 598 22.06 -51.88 120.78
CA THR D 598 21.68 -52.75 119.68
C THR D 598 22.15 -52.26 118.33
N LYS D 599 22.07 -50.94 118.05
CA LYS D 599 22.55 -50.35 116.81
C LYS D 599 24.07 -50.31 116.71
N ASN D 600 24.79 -50.00 117.80
CA ASN D 600 26.24 -50.02 117.83
C ASN D 600 26.82 -51.44 117.68
N MET D 601 26.16 -52.44 118.29
CA MET D 601 26.48 -53.85 118.13
C MET D 601 26.23 -54.44 116.72
N ASP D 602 25.05 -54.12 116.15
CA ASP D 602 24.46 -54.70 114.95
C ASP D 602 24.40 -56.25 114.90
N PRO D 603 23.71 -56.92 115.85
CA PRO D 603 23.67 -58.38 115.94
C PRO D 603 22.69 -58.98 114.95
N LEU D 604 22.86 -60.28 114.60
CA LEU D 604 21.96 -60.96 113.68
C LEU D 604 21.91 -62.42 114.08
N ASN D 605 20.80 -63.13 113.79
CA ASN D 605 20.70 -64.57 113.95
C ASN D 605 21.64 -65.29 112.95
N ASP D 606 22.73 -65.91 113.44
CA ASP D 606 23.72 -66.54 112.61
C ASP D 606 23.26 -67.86 111.97
N ASN D 607 22.31 -68.57 112.63
CA ASN D 607 21.74 -69.81 112.14
C ASN D 607 20.99 -69.62 110.82
N VAL D 608 20.14 -68.59 110.70
CA VAL D 608 19.47 -68.27 109.44
C VAL D 608 20.44 -67.72 108.39
N THR D 609 21.48 -66.98 108.83
CA THR D 609 22.49 -66.37 107.96
C THR D 609 23.32 -67.39 107.19
N SER D 610 23.69 -68.51 107.84
CA SER D 610 24.45 -69.60 107.22
C SER D 610 23.62 -70.40 106.21
N LEU D 611 22.27 -70.36 106.33
CA LEU D 611 21.34 -70.90 105.35
C LEU D 611 21.41 -70.13 104.02
N LEU D 612 21.51 -68.80 104.09
CA LEU D 612 21.70 -67.92 102.93
C LEU D 612 23.02 -68.11 102.20
N ASN D 613 24.12 -68.38 102.96
CA ASN D 613 25.46 -68.63 102.44
C ASN D 613 25.52 -69.79 101.43
N GLN D 614 24.64 -70.79 101.64
CA GLN D 614 24.59 -72.04 100.91
C GLN D 614 23.28 -72.21 100.16
N SER D 615 22.60 -71.10 99.82
CA SER D 615 21.33 -71.05 99.12
C SER D 615 21.37 -71.51 97.65
N SER D 616 20.19 -71.80 97.07
CA SER D 616 20.09 -72.31 95.66
C SER D 616 19.90 -71.17 94.68
N ASP D 617 19.90 -69.90 95.14
CA ASP D 617 20.06 -68.74 94.27
C ASP D 617 21.52 -68.29 94.43
N LYS D 618 22.20 -68.25 93.28
CA LYS D 618 23.55 -67.76 93.04
C LYS D 618 23.74 -66.32 93.48
N PHE D 619 22.70 -65.46 93.27
CA PHE D 619 22.78 -64.05 93.60
C PHE D 619 22.73 -63.85 95.10
N VAL D 620 21.83 -64.58 95.80
CA VAL D 620 21.74 -64.59 97.25
C VAL D 620 22.98 -65.16 97.90
N ALA D 621 23.53 -66.25 97.34
CA ALA D 621 24.81 -66.84 97.75
C ALA D 621 26.04 -65.95 97.58
N ASP D 622 26.12 -65.15 96.48
CA ASP D 622 27.13 -64.10 96.32
C ASP D 622 26.96 -62.97 97.35
N LEU D 623 25.70 -62.48 97.53
CA LEU D 623 25.38 -61.45 98.51
C LEU D 623 25.66 -61.80 99.97
N TRP D 624 25.55 -63.09 100.31
CA TRP D 624 25.81 -63.62 101.63
C TRP D 624 27.06 -64.46 101.63
N LYS D 625 28.03 -64.19 100.73
CA LYS D 625 29.27 -64.95 100.66
C LYS D 625 30.16 -64.79 101.89
N ASP D 626 30.33 -63.57 102.41
CA ASP D 626 31.04 -63.31 103.64
C ASP D 626 30.11 -63.44 104.87
N VAL D 627 30.17 -64.60 105.57
CA VAL D 627 29.45 -64.82 106.82
C VAL D 627 30.42 -64.83 107.99
N ASP D 628 31.75 -64.74 107.71
CA ASP D 628 32.85 -64.86 108.64
C ASP D 628 32.90 -63.83 109.79
N ARG D 629 32.10 -62.76 109.70
CA ARG D 629 32.07 -61.66 110.64
C ARG D 629 30.66 -61.37 111.17
N ILE D 630 29.70 -62.30 110.93
CA ILE D 630 28.37 -62.24 111.56
C ILE D 630 28.52 -62.54 113.06
N VAL D 631 27.95 -61.67 113.93
CA VAL D 631 28.22 -61.73 115.36
C VAL D 631 26.99 -62.18 116.11
N GLY D 632 27.02 -63.42 116.65
CA GLY D 632 25.98 -63.92 117.53
C GLY D 632 26.12 -63.42 118.95
N LEU D 633 25.01 -63.02 119.59
CA LEU D 633 25.02 -62.62 120.99
C LEU D 633 23.98 -63.39 121.78
N ASP D 634 22.83 -63.71 121.15
CA ASP D 634 21.68 -64.30 121.83
C ASP D 634 21.13 -63.37 122.94
N GLN D 635 20.87 -62.10 122.56
CA GLN D 635 20.47 -61.07 123.49
C GLN D 635 18.96 -60.99 123.69
N MET D 636 18.51 -60.97 124.96
CA MET D 636 17.11 -60.94 125.30
C MET D 636 16.65 -59.49 125.43
N ALA D 637 16.11 -58.93 124.33
CA ALA D 637 15.36 -57.70 124.34
C ALA D 637 14.07 -57.85 125.15
N LYS D 638 14.05 -57.23 126.34
CA LYS D 638 12.98 -57.33 127.30
C LYS D 638 13.06 -55.98 127.97
N MET D 639 12.02 -55.13 127.88
CA MET D 639 12.11 -53.78 128.42
C MET D 639 12.37 -53.74 129.92
N THR D 640 13.09 -52.69 130.38
CA THR D 640 13.60 -52.54 131.75
C THR D 640 14.87 -53.35 131.93
N GLU D 641 14.75 -54.69 131.86
CA GLU D 641 15.87 -55.61 132.02
C GLU D 641 16.28 -56.24 130.71
N SER D 642 16.85 -55.46 129.76
CA SER D 642 17.55 -56.04 128.61
C SER D 642 18.72 -56.89 129.08
N SER D 643 18.91 -58.09 128.53
CA SER D 643 19.91 -59.01 129.06
C SER D 643 20.82 -59.40 127.94
N LEU D 644 22.14 -59.14 128.09
CA LEU D 644 23.12 -59.37 127.03
C LEU D 644 24.05 -60.56 127.31
N PRO D 645 23.67 -61.83 127.12
CA PRO D 645 24.62 -62.93 126.86
C PRO D 645 25.60 -62.70 125.73
N SER D 646 26.61 -63.59 125.60
CA SER D 646 27.55 -63.54 124.50
C SER D 646 27.71 -64.88 123.85
N ALA D 647 27.48 -64.95 122.53
CA ALA D 647 27.50 -66.16 121.75
C ALA D 647 28.39 -65.94 120.54
N SER D 648 29.49 -65.17 120.71
CA SER D 648 30.37 -64.71 119.63
C SER D 648 30.88 -65.79 118.68
N LYS D 649 31.24 -65.42 117.43
CA LYS D 649 31.41 -66.41 116.39
C LYS D 649 32.36 -66.00 115.26
N THR D 650 33.08 -64.86 115.40
CA THR D 650 33.88 -64.34 114.30
C THR D 650 35.24 -64.98 114.09
N LYS D 651 35.71 -65.08 112.83
CA LYS D 651 37.05 -65.58 112.53
C LYS D 651 38.17 -64.82 113.26
N LYS D 652 39.11 -65.56 113.88
CA LYS D 652 40.24 -65.01 114.62
C LYS D 652 39.92 -64.03 115.78
N GLY D 653 38.64 -63.87 116.18
CA GLY D 653 38.26 -62.91 117.23
C GLY D 653 38.48 -61.44 116.89
N MET D 654 38.27 -61.00 115.64
CA MET D 654 38.61 -59.65 115.21
C MET D 654 37.45 -58.66 115.12
N PHE D 655 36.30 -58.93 115.76
CA PHE D 655 35.11 -58.10 115.68
C PHE D 655 35.28 -56.62 116.11
N ARG D 656 34.45 -55.74 115.54
CA ARG D 656 34.57 -54.30 115.71
C ARG D 656 33.18 -53.71 115.89
N THR D 657 33.00 -52.87 116.92
CA THR D 657 31.83 -52.02 117.18
C THR D 657 31.62 -50.99 116.03
N VAL D 658 30.33 -50.69 115.70
CA VAL D 658 29.97 -49.88 114.54
C VAL D 658 30.45 -48.44 114.63
N GLY D 659 30.34 -47.79 115.81
CA GLY D 659 30.90 -46.47 116.10
C GLY D 659 32.34 -46.28 115.75
N GLN D 660 33.19 -47.23 116.20
CA GLN D 660 34.58 -47.31 115.83
C GLN D 660 34.80 -47.60 114.35
N LEU D 661 34.01 -48.53 113.77
CA LEU D 661 34.08 -48.91 112.37
C LEU D 661 33.81 -47.75 111.39
N TYR D 662 32.78 -46.91 111.66
CA TYR D 662 32.55 -45.68 110.90
C TYR D 662 33.70 -44.67 111.08
N LYS D 663 34.17 -44.46 112.33
CA LYS D 663 35.22 -43.50 112.66
C LYS D 663 36.52 -43.76 111.90
N GLU D 664 36.87 -45.05 111.78
CA GLU D 664 38.00 -45.62 111.05
C GLU D 664 38.00 -45.25 109.56
N GLN D 665 36.83 -45.26 108.87
CA GLN D 665 36.79 -44.75 107.50
C GLN D 665 36.65 -43.22 107.40
N LEU D 666 36.13 -42.55 108.44
CA LEU D 666 36.02 -41.10 108.49
C LEU D 666 37.37 -40.40 108.58
N THR D 667 38.31 -40.93 109.40
CA THR D 667 39.71 -40.49 109.44
C THR D 667 40.42 -40.75 108.13
N LYS D 668 40.12 -41.89 107.45
CA LYS D 668 40.61 -42.18 106.11
C LYS D 668 40.20 -41.10 105.09
N LEU D 669 38.91 -40.68 105.07
CA LEU D 669 38.44 -39.58 104.25
C LEU D 669 39.10 -38.25 104.59
N MET D 670 39.15 -37.92 105.90
CA MET D 670 39.74 -36.68 106.40
C MET D 670 41.21 -36.54 106.10
N THR D 671 41.96 -37.67 106.12
CA THR D 671 43.36 -37.72 105.69
C THR D 671 43.52 -37.34 104.23
N THR D 672 42.70 -37.92 103.31
CA THR D 672 42.73 -37.50 101.90
C THR D 672 42.34 -36.04 101.68
N LEU D 673 41.32 -35.51 102.40
CA LEU D 673 40.90 -34.11 102.23
C LEU D 673 41.87 -33.10 102.81
N ARG D 674 42.85 -33.53 103.63
CA ARG D 674 43.91 -32.68 104.14
C ARG D 674 45.17 -32.81 103.30
N ASN D 675 45.13 -33.65 102.25
CA ASN D 675 46.20 -33.85 101.29
C ASN D 675 45.65 -33.50 99.92
N THR D 676 44.60 -32.64 99.87
CA THR D 676 44.02 -32.15 98.63
C THR D 676 43.69 -30.69 98.81
N ASN D 677 43.86 -29.89 97.75
CA ASN D 677 43.40 -28.52 97.71
C ASN D 677 41.85 -28.43 97.86
N PRO D 678 41.17 -27.53 98.57
CA PRO D 678 39.78 -27.85 98.96
C PRO D 678 38.87 -26.66 98.71
N ASN D 679 38.04 -26.76 97.64
CA ASN D 679 37.18 -25.69 97.18
C ASN D 679 35.80 -25.81 97.85
N PHE D 680 35.44 -24.86 98.73
CA PHE D 680 34.20 -24.95 99.50
C PHE D 680 33.00 -24.33 98.80
N VAL D 681 32.03 -25.19 98.39
CA VAL D 681 30.76 -24.78 97.83
C VAL D 681 29.75 -24.77 98.95
N ARG D 682 29.37 -23.57 99.45
CA ARG D 682 28.57 -23.50 100.65
C ARG D 682 27.12 -23.29 100.33
N CYS D 683 26.32 -24.38 100.43
CA CYS D 683 24.92 -24.38 100.08
C CYS D 683 24.08 -23.96 101.27
N ILE D 684 23.15 -23.01 101.07
CA ILE D 684 22.31 -22.41 102.10
C ILE D 684 20.85 -22.72 101.81
N ILE D 685 20.11 -23.09 102.87
CA ILE D 685 18.69 -23.40 102.81
C ILE D 685 17.89 -22.09 103.01
N PRO D 686 16.89 -21.70 102.21
CA PRO D 686 16.35 -20.33 102.32
C PRO D 686 15.15 -20.29 103.24
N ASN D 687 14.44 -21.43 103.39
CA ASN D 687 13.25 -21.53 104.21
C ASN D 687 12.92 -23.00 104.43
N HIS D 688 12.32 -23.36 105.56
CA HIS D 688 11.84 -24.71 105.85
C HIS D 688 10.47 -25.08 105.30
N GLU D 689 9.77 -24.12 104.69
CA GLU D 689 8.37 -24.23 104.29
C GLU D 689 8.30 -24.76 102.87
N LYS D 690 9.48 -24.87 102.22
CA LYS D 690 9.72 -25.41 100.91
C LYS D 690 9.02 -24.56 99.85
N ARG D 691 9.25 -23.25 99.94
CA ARG D 691 8.68 -22.27 99.04
C ARG D 691 9.75 -21.78 98.09
N ALA D 692 9.55 -21.90 96.76
CA ALA D 692 10.25 -21.08 95.80
C ALA D 692 9.89 -19.60 95.99
N GLY D 693 10.88 -18.69 95.94
CA GLY D 693 10.62 -17.25 96.08
C GLY D 693 10.46 -16.73 97.48
N LYS D 694 10.66 -17.55 98.52
CA LYS D 694 10.59 -17.08 99.89
C LYS D 694 11.95 -17.16 100.55
N LEU D 695 12.34 -16.11 101.29
CA LEU D 695 13.59 -16.11 102.01
C LEU D 695 13.33 -15.71 103.45
N ASP D 696 13.70 -16.57 104.42
CA ASP D 696 13.55 -16.24 105.83
C ASP D 696 14.85 -15.66 106.35
N ALA D 697 14.87 -14.33 106.65
CA ALA D 697 16.07 -13.54 106.87
C ALA D 697 16.97 -14.02 108.00
N HIS D 698 16.42 -14.26 109.19
CA HIS D 698 17.14 -14.78 110.34
C HIS D 698 17.65 -16.20 110.12
N LEU D 699 16.89 -17.06 109.45
CA LEU D 699 17.26 -18.43 109.14
C LEU D 699 18.50 -18.54 108.27
N VAL D 700 18.59 -17.70 107.22
CA VAL D 700 19.82 -17.53 106.43
C VAL D 700 20.93 -16.82 107.20
N LEU D 701 20.62 -15.79 108.01
CA LEU D 701 21.57 -15.04 108.80
C LEU D 701 22.32 -15.90 109.82
N GLU D 702 21.60 -16.81 110.50
CA GLU D 702 22.22 -17.81 111.37
C GLU D 702 23.14 -18.75 110.59
N GLN D 703 22.74 -19.24 109.40
CA GLN D 703 23.60 -20.03 108.55
C GLN D 703 24.89 -19.31 108.12
N LEU D 704 24.84 -17.99 107.87
CA LEU D 704 26.03 -17.16 107.70
C LEU D 704 26.92 -17.13 108.93
N ARG D 705 26.32 -17.00 110.14
CA ARG D 705 27.02 -17.08 111.41
C ARG D 705 27.68 -18.43 111.68
N CYS D 706 26.94 -19.55 111.64
CA CYS D 706 27.47 -20.84 112.03
C CYS D 706 28.42 -21.46 111.00
N ASN D 707 28.35 -21.03 109.72
CA ASN D 707 29.32 -21.45 108.72
C ASN D 707 30.56 -20.53 108.74
N GLY D 708 30.53 -19.38 109.43
CA GLY D 708 31.67 -18.47 109.58
C GLY D 708 31.99 -17.66 108.36
N VAL D 709 30.95 -17.20 107.64
CA VAL D 709 31.10 -16.50 106.37
C VAL D 709 31.77 -15.14 106.48
N LEU D 710 31.39 -14.30 107.47
CA LEU D 710 31.93 -12.96 107.65
C LEU D 710 33.45 -12.99 107.95
N GLU D 711 33.83 -13.89 108.85
CA GLU D 711 35.20 -14.24 109.22
C GLU D 711 35.99 -14.78 108.05
N GLY D 712 35.38 -15.64 107.19
CA GLY D 712 36.03 -16.09 105.97
C GLY D 712 36.30 -15.02 104.93
N ILE D 713 35.41 -14.02 104.81
CA ILE D 713 35.60 -12.88 103.92
C ILE D 713 36.61 -11.89 104.51
N ARG D 714 36.82 -11.89 105.86
CA ARG D 714 37.77 -10.99 106.49
C ARG D 714 39.20 -11.16 105.98
N ILE D 715 39.68 -12.37 105.76
CA ILE D 715 41.00 -12.66 105.20
C ILE D 715 41.04 -12.49 103.68
N CYS D 716 39.90 -12.40 103.00
CA CYS D 716 39.78 -12.47 101.54
C CYS D 716 40.40 -11.40 100.66
N ARG D 717 40.67 -10.20 101.17
CA ARG D 717 40.78 -8.74 101.02
C ARG D 717 41.72 -8.06 102.02
N GLN D 718 42.30 -8.79 103.01
CA GLN D 718 43.49 -8.24 103.69
C GLN D 718 44.58 -9.28 103.99
N GLY D 719 44.41 -10.55 103.56
CA GLY D 719 45.54 -11.40 103.16
C GLY D 719 45.97 -11.07 101.74
N PHE D 720 46.44 -12.28 102.03
CA PHE D 720 47.71 -12.87 101.62
C PHE D 720 47.47 -14.22 100.94
N PRO D 721 46.55 -14.65 100.08
CA PRO D 721 46.37 -16.08 99.83
C PRO D 721 47.39 -16.61 98.85
N ASN D 722 48.38 -15.86 98.37
CA ASN D 722 49.06 -16.07 97.10
C ASN D 722 50.35 -16.88 97.03
N ARG D 723 51.19 -16.64 96.02
CA ARG D 723 51.70 -17.64 96.95
C ARG D 723 52.60 -17.88 95.74
N ILE D 724 53.79 -17.28 95.67
CA ILE D 724 54.67 -17.61 94.58
C ILE D 724 56.13 -17.62 94.99
N VAL D 725 56.82 -18.76 94.77
CA VAL D 725 58.24 -18.94 95.02
C VAL D 725 59.10 -18.00 94.16
N PHE D 726 60.29 -17.60 94.66
CA PHE D 726 61.16 -16.64 93.98
C PHE D 726 61.55 -17.05 92.56
N GLN D 727 61.80 -18.37 92.33
CA GLN D 727 62.16 -18.88 91.03
C GLN D 727 61.08 -18.74 89.96
N GLU D 728 59.84 -19.18 90.22
CA GLU D 728 58.69 -19.03 89.33
C GLU D 728 58.31 -17.58 89.05
N PHE D 729 58.35 -16.71 90.07
CA PHE D 729 58.21 -15.27 89.89
C PHE D 729 59.29 -14.68 89.01
N ARG D 730 60.59 -15.05 89.22
CA ARG D 730 61.64 -14.63 88.31
C ARG D 730 61.43 -15.13 86.89
N GLN D 731 61.12 -16.43 86.73
CA GLN D 731 60.97 -17.08 85.45
C GLN D 731 59.84 -16.58 84.58
N ARG D 732 58.65 -16.32 85.16
CA ARG D 732 57.49 -15.98 84.35
C ARG D 732 57.33 -14.47 84.13
N TYR D 733 58.10 -13.63 84.84
CA TYR D 733 57.84 -12.20 84.92
C TYR D 733 59.04 -11.38 84.46
N GLU D 734 60.21 -12.02 84.17
CA GLU D 734 61.44 -11.36 83.73
C GLU D 734 61.25 -10.51 82.49
N ILE D 735 60.38 -10.98 81.57
CA ILE D 735 59.95 -10.29 80.36
C ILE D 735 59.40 -8.87 80.62
N LEU D 736 58.77 -8.63 81.77
CA LEU D 736 58.25 -7.32 82.17
C LEU D 736 59.33 -6.35 82.65
N ALA D 737 60.50 -6.84 83.05
CA ALA D 737 61.46 -6.07 83.82
C ALA D 737 62.88 -6.39 83.39
N ALA D 738 63.08 -6.67 82.09
CA ALA D 738 64.26 -7.31 81.52
C ALA D 738 65.62 -6.64 81.67
N ASN D 739 65.69 -5.39 82.18
CA ASN D 739 66.95 -4.73 82.47
C ASN D 739 67.15 -4.56 83.96
N ALA D 740 66.21 -5.05 84.80
CA ALA D 740 66.29 -4.97 86.25
C ALA D 740 67.36 -5.86 86.86
N ILE D 741 67.52 -7.10 86.33
CA ILE D 741 68.50 -8.04 86.82
C ILE D 741 69.73 -8.02 85.90
N PRO D 742 70.95 -7.70 86.36
CA PRO D 742 72.14 -7.72 85.53
C PRO D 742 72.53 -9.03 84.85
N LYS D 743 73.36 -8.95 83.79
CA LYS D 743 73.87 -10.09 83.04
C LYS D 743 75.11 -10.71 83.74
N GLY D 744 74.93 -11.09 85.00
CA GLY D 744 75.84 -11.82 85.87
C GLY D 744 74.92 -12.55 86.82
N PHE D 745 75.32 -13.69 87.40
CA PHE D 745 74.48 -14.42 88.32
C PHE D 745 74.17 -13.68 89.63
N MET D 746 72.99 -13.92 90.22
CA MET D 746 72.53 -13.15 91.37
C MET D 746 71.59 -13.99 92.21
N ASP D 747 71.45 -13.67 93.52
CA ASP D 747 70.53 -14.30 94.45
C ASP D 747 69.07 -14.23 93.95
N GLY D 748 68.28 -15.27 94.26
CA GLY D 748 66.87 -15.38 93.86
C GLY D 748 65.98 -14.43 94.61
N LYS D 749 66.22 -14.22 95.92
CA LYS D 749 65.47 -13.24 96.69
C LYS D 749 65.79 -11.83 96.26
N GLN D 750 67.09 -11.48 96.14
CA GLN D 750 67.54 -10.18 95.67
C GLN D 750 67.07 -9.85 94.26
N ALA D 751 67.15 -10.81 93.32
CA ALA D 751 66.66 -10.65 91.96
C ALA D 751 65.16 -10.40 91.88
N CYS D 752 64.33 -11.12 92.67
CA CYS D 752 62.91 -10.84 92.72
C CYS D 752 62.56 -9.46 93.29
N ILE D 753 63.28 -8.98 94.33
CA ILE D 753 63.13 -7.63 94.87
C ILE D 753 63.46 -6.56 93.83
N LEU D 754 64.54 -6.73 93.03
CA LEU D 754 64.90 -5.81 91.96
C LEU D 754 63.84 -5.68 90.87
N MET D 755 63.23 -6.79 90.38
CA MET D 755 62.09 -6.67 89.47
C MET D 755 60.82 -6.09 90.08
N ILE D 756 60.51 -6.36 91.38
CA ILE D 756 59.41 -5.72 92.11
C ILE D 756 59.58 -4.20 92.19
N LYS D 757 60.81 -3.70 92.42
CA LYS D 757 61.09 -2.28 92.39
C LYS D 757 61.29 -1.69 91.00
N ALA D 758 61.56 -2.50 89.96
CA ALA D 758 61.47 -2.07 88.57
C ALA D 758 60.05 -1.83 88.08
N LEU D 759 59.08 -2.60 88.58
CA LEU D 759 57.68 -2.50 88.20
C LEU D 759 56.91 -1.57 89.13
N GLU D 760 57.65 -0.86 90.01
CA GLU D 760 57.15 -0.02 91.09
C GLU D 760 55.94 -0.54 91.85
N LEU D 761 56.02 -1.80 92.32
CA LEU D 761 54.99 -2.36 93.17
C LEU D 761 54.93 -1.64 94.51
N ASP D 762 53.71 -1.26 94.95
CA ASP D 762 53.43 -0.77 96.28
C ASP D 762 53.79 -1.83 97.35
N PRO D 763 54.34 -1.48 98.52
CA PRO D 763 54.71 -2.44 99.54
C PRO D 763 53.54 -2.94 100.38
N ASN D 764 52.30 -2.42 100.22
CA ASN D 764 51.12 -3.03 100.82
C ASN D 764 50.71 -4.27 100.02
N LEU D 765 50.79 -4.21 98.67
CA LEU D 765 50.41 -5.25 97.75
C LEU D 765 51.16 -6.58 97.87
N TYR D 766 52.43 -6.56 98.34
CA TYR D 766 53.23 -7.77 98.47
C TYR D 766 53.85 -7.88 99.85
N ARG D 767 54.31 -9.09 100.21
CA ARG D 767 55.13 -9.29 101.40
C ARG D 767 56.14 -10.38 101.11
N ILE D 768 57.39 -10.23 101.59
CA ILE D 768 58.49 -11.10 101.20
C ILE D 768 58.75 -12.11 102.30
N GLY D 769 58.57 -13.42 102.00
CA GLY D 769 58.86 -14.50 102.93
C GLY D 769 60.31 -14.95 102.88
N GLN D 770 60.53 -16.26 103.08
CA GLN D 770 61.85 -16.88 103.08
C GLN D 770 62.13 -17.69 101.83
N SER D 771 61.09 -18.14 101.12
CA SER D 771 61.24 -18.78 99.81
C SER D 771 60.26 -18.19 98.83
N LYS D 772 59.18 -17.54 99.33
CA LYS D 772 58.11 -17.09 98.46
C LYS D 772 57.64 -15.68 98.74
N ILE D 773 57.12 -15.02 97.69
CA ILE D 773 56.51 -13.71 97.75
C ILE D 773 55.03 -13.94 97.97
N PHE D 774 54.47 -13.24 98.95
CA PHE D 774 53.06 -13.28 99.25
C PHE D 774 52.44 -12.08 98.55
N PHE D 775 51.33 -12.29 97.82
CA PHE D 775 50.66 -11.22 97.09
C PHE D 775 49.24 -11.06 97.59
N ARG D 776 48.78 -9.81 97.64
CA ARG D 776 47.39 -9.41 97.79
C ARG D 776 46.51 -9.87 96.64
N THR D 777 45.24 -10.21 96.95
CA THR D 777 44.18 -10.55 95.99
C THR D 777 44.12 -9.63 94.77
N GLY D 778 44.19 -10.19 93.53
CA GLY D 778 44.12 -9.44 92.27
C GLY D 778 45.45 -9.02 91.71
N VAL D 779 46.50 -8.88 92.55
CA VAL D 779 47.78 -8.35 92.10
C VAL D 779 48.52 -9.30 91.17
N LEU D 780 48.56 -10.59 91.51
CA LEU D 780 49.20 -11.60 90.67
C LEU D 780 48.48 -11.83 89.35
N ALA D 781 47.13 -11.64 89.31
CA ALA D 781 46.37 -11.59 88.07
C ALA D 781 46.82 -10.43 87.21
N HIS D 782 46.98 -9.20 87.68
CA HIS D 782 47.52 -8.07 86.94
C HIS D 782 48.90 -8.33 86.35
N LEU D 783 49.80 -8.95 87.11
CA LEU D 783 51.12 -9.33 86.65
C LEU D 783 51.07 -10.35 85.52
N GLU D 784 50.05 -11.24 85.45
CA GLU D 784 49.73 -12.03 84.27
C GLU D 784 48.96 -11.28 83.17
N GLU D 785 47.88 -10.55 83.53
CA GLU D 785 46.83 -10.01 82.67
C GLU D 785 47.21 -8.73 81.94
N GLU D 786 48.29 -8.03 82.38
CA GLU D 786 48.86 -6.93 81.59
C GLU D 786 50.07 -7.43 80.80
N ARG D 787 50.51 -8.66 81.07
CA ARG D 787 51.47 -9.44 80.30
C ARG D 787 50.74 -10.18 79.18
N ASP D 788 49.39 -10.21 79.25
CA ASP D 788 48.53 -10.27 78.09
C ASP D 788 48.41 -8.82 77.58
N LEU D 789 49.23 -8.42 76.55
CA LEU D 789 49.41 -7.07 75.95
C LEU D 789 50.82 -6.50 75.63
N LYS D 790 51.24 -7.51 76.39
CA LYS D 790 52.52 -8.16 76.66
C LYS D 790 52.70 -9.18 75.54
N ILE D 791 52.06 -10.34 75.55
CA ILE D 791 52.14 -11.25 74.40
C ILE D 791 51.90 -10.51 73.10
N THR D 792 51.05 -9.49 73.07
CA THR D 792 50.97 -8.58 71.93
C THR D 792 52.17 -8.41 71.01
N ASP D 793 52.67 -7.20 70.77
CA ASP D 793 54.04 -7.07 70.26
C ASP D 793 54.86 -8.32 69.95
N VAL D 794 55.14 -9.25 70.85
CA VAL D 794 55.52 -10.64 70.67
C VAL D 794 55.02 -11.15 69.32
N ILE D 795 53.81 -10.77 68.92
CA ILE D 795 53.10 -11.25 67.73
C ILE D 795 53.74 -10.56 66.53
N ILE D 796 54.99 -10.16 66.78
CA ILE D 796 55.74 -9.15 66.03
C ILE D 796 56.15 -10.01 64.84
N ALA D 797 56.72 -11.20 64.73
CA ALA D 797 56.63 -11.10 63.28
C ALA D 797 55.56 -12.14 62.90
N PHE D 798 54.90 -12.88 63.78
CA PHE D 798 53.85 -13.85 63.42
C PHE D 798 52.47 -13.23 63.17
N GLN D 799 52.39 -12.08 62.49
CA GLN D 799 51.40 -11.55 61.55
C GLN D 799 52.01 -11.40 60.16
N ALA D 800 53.19 -10.79 60.07
CA ALA D 800 53.94 -10.67 58.83
C ALA D 800 54.21 -12.00 58.13
N GLN D 801 54.50 -13.11 58.86
CA GLN D 801 54.63 -14.45 58.27
C GLN D 801 53.34 -14.94 57.60
N CYS D 802 52.19 -14.78 58.26
CA CYS D 802 50.88 -15.14 57.75
C CYS D 802 50.44 -14.27 56.58
N ARG D 803 50.60 -12.93 56.70
CA ARG D 803 50.37 -11.99 55.62
C ARG D 803 51.30 -12.22 54.44
N GLY D 804 52.61 -12.43 54.71
CA GLY D 804 53.64 -12.85 53.78
C GLY D 804 53.24 -14.06 52.97
N TYR D 805 52.80 -15.14 53.65
CA TYR D 805 52.27 -16.35 53.08
C TYR D 805 51.03 -16.13 52.21
N LEU D 806 50.02 -15.39 52.73
CA LEU D 806 48.77 -15.11 52.05
C LEU D 806 48.96 -14.29 50.78
N ALA D 807 49.79 -13.23 50.84
CA ALA D 807 50.09 -12.37 49.71
C ALA D 807 50.69 -13.11 48.52
N ARG D 808 51.74 -14.00 48.78
CA ARG D 808 52.35 -14.76 47.69
C ARG D 808 51.52 -15.97 47.21
N LYS D 809 50.64 -16.54 48.06
CA LYS D 809 49.61 -17.47 47.59
C LYS D 809 48.54 -16.81 46.74
N ALA D 810 48.05 -15.62 47.15
CA ALA D 810 47.10 -14.81 46.39
C ALA D 810 47.69 -14.34 45.06
N PHE D 811 49.05 -13.96 45.00
CA PHE D 811 49.83 -13.75 43.80
C PHE D 811 49.85 -15.00 42.91
N ALA D 812 50.15 -16.18 43.49
CA ALA D 812 50.08 -17.47 42.81
C ALA D 812 48.66 -17.83 42.29
N LYS D 813 47.58 -17.46 42.99
CA LYS D 813 46.23 -17.57 42.48
C LYS D 813 45.88 -16.60 41.36
N ARG D 814 46.44 -15.41 41.44
CA ARG D 814 46.07 -14.41 40.45
C ARG D 814 47.00 -14.53 39.22
N GLN D 815 47.97 -15.49 39.24
CA GLN D 815 48.66 -15.94 38.05
C GLN D 815 47.98 -17.16 37.41
N GLN D 816 46.83 -17.62 37.94
CA GLN D 816 46.07 -18.76 37.43
C GLN D 816 45.44 -18.68 36.02
N GLN D 817 45.23 -17.42 36.39
CA GLN D 817 44.74 -16.20 35.76
C GLN D 817 45.73 -15.65 34.74
N LEU D 818 47.03 -15.89 34.85
CA LEU D 818 48.32 -15.44 34.35
C LEU D 818 48.02 -15.38 32.86
N THR D 819 48.21 -16.48 32.13
CA THR D 819 48.26 -17.47 31.04
C THR D 819 46.94 -18.25 30.76
N ALA D 820 46.51 -17.11 31.28
CA ALA D 820 45.25 -16.60 31.82
C ALA D 820 44.89 -15.14 31.55
N MET D 821 45.80 -14.35 30.99
CA MET D 821 46.31 -12.97 30.92
C MET D 821 44.94 -12.31 31.07
N LYS D 822 44.08 -12.48 30.08
CA LYS D 822 43.11 -12.04 29.07
C LYS D 822 42.58 -12.99 28.00
N VAL D 823 42.96 -14.27 27.94
CA VAL D 823 42.49 -15.15 26.86
C VAL D 823 41.20 -14.59 26.24
N ILE D 824 40.33 -14.03 27.12
CA ILE D 824 39.16 -13.29 26.69
C ILE D 824 39.45 -12.07 25.82
N GLN D 825 40.45 -11.22 26.18
CA GLN D 825 40.80 -10.02 25.42
C GLN D 825 41.16 -10.28 23.97
N ARG D 826 42.06 -11.28 23.68
CA ARG D 826 42.46 -11.59 22.31
C ARG D 826 41.30 -12.10 21.46
N ASN D 827 40.39 -12.90 22.05
CA ASN D 827 39.17 -13.33 21.41
C ASN D 827 38.14 -12.23 21.22
N CYS D 828 38.00 -11.28 22.18
CA CYS D 828 37.22 -10.07 21.98
C CYS D 828 37.78 -9.22 20.85
N ALA D 829 39.13 -9.03 20.81
CA ALA D 829 39.84 -8.34 19.73
C ALA D 829 39.70 -9.05 18.39
N ALA D 830 39.75 -10.39 18.34
CA ALA D 830 39.58 -11.17 17.14
C ALA D 830 38.10 -11.52 16.87
N TYR D 831 37.18 -10.83 17.55
CA TYR D 831 35.77 -10.81 17.22
C TYR D 831 35.48 -9.37 16.69
N LEU D 832 36.48 -8.43 16.65
CA LEU D 832 36.25 -6.98 16.59
C LEU D 832 36.75 -6.19 15.35
N LYS D 833 37.18 -6.76 14.22
CA LYS D 833 38.56 -7.13 13.96
C LYS D 833 38.63 -8.64 13.78
N LEU D 834 38.57 -9.07 12.50
CA LEU D 834 37.47 -9.89 12.03
C LEU D 834 36.39 -8.89 11.67
N ARG D 835 35.30 -8.77 12.45
CA ARG D 835 34.19 -7.85 12.14
C ARG D 835 34.54 -6.42 11.72
N ASN D 836 33.66 -5.85 10.88
CA ASN D 836 33.96 -4.78 9.95
C ASN D 836 34.22 -6.00 9.07
N TRP D 837 35.17 -5.92 8.15
CA TRP D 837 35.43 -7.18 7.44
C TRP D 837 35.10 -7.24 5.95
N GLN D 838 34.06 -6.65 5.37
CA GLN D 838 33.52 -7.11 4.09
C GLN D 838 33.15 -8.45 3.46
N TRP D 839 33.84 -9.56 3.69
CA TRP D 839 33.42 -10.92 3.35
C TRP D 839 32.55 -11.66 4.39
N TRP D 840 32.85 -11.55 5.69
CA TRP D 840 31.78 -11.60 6.70
C TRP D 840 31.37 -10.16 6.91
N ARG D 841 30.83 -9.13 6.26
CA ARG D 841 29.51 -8.67 6.70
C ARG D 841 28.60 -9.16 5.57
N LEU D 842 29.17 -9.58 4.44
CA LEU D 842 28.56 -10.30 3.34
C LEU D 842 27.96 -11.65 3.74
N PHE D 843 28.72 -12.59 4.34
CA PHE D 843 28.16 -13.90 4.69
C PHE D 843 27.10 -13.81 5.81
N THR D 844 27.18 -12.77 6.67
CA THR D 844 26.16 -12.53 7.68
C THR D 844 25.04 -11.60 7.22
N LYS D 845 25.08 -11.13 5.95
CA LYS D 845 23.90 -10.76 5.19
C LYS D 845 23.30 -11.99 4.49
N VAL D 846 24.14 -12.87 3.86
CA VAL D 846 23.73 -14.09 3.15
C VAL D 846 23.04 -15.13 4.02
N LYS D 847 23.54 -15.38 5.25
CA LYS D 847 22.93 -16.38 6.12
C LYS D 847 21.44 -16.17 6.47
N PRO D 848 20.87 -14.98 6.73
CA PRO D 848 19.42 -14.79 6.71
C PRO D 848 18.76 -14.91 5.34
N LEU D 849 19.44 -14.67 4.19
CA LEU D 849 18.87 -14.95 2.86
C LEU D 849 18.57 -16.44 2.67
N LEU D 850 19.49 -17.29 3.15
CA LEU D 850 19.37 -18.74 3.12
C LEU D 850 18.12 -19.26 3.81
N GLN D 851 17.60 -18.53 4.81
CA GLN D 851 16.30 -18.81 5.43
C GLN D 851 15.14 -18.70 4.45
N VAL D 852 15.15 -17.71 3.54
CA VAL D 852 14.18 -17.58 2.45
C VAL D 852 14.29 -18.74 1.47
N THR D 853 15.52 -19.10 0.96
CA THR D 853 15.71 -20.23 0.05
C THR D 853 15.36 -21.57 0.67
N ARG D 854 15.63 -21.77 1.97
CA ARG D 854 15.21 -22.98 2.66
C ARG D 854 13.67 -23.08 2.82
N GLN D 855 12.95 -21.94 2.72
CA GLN D 855 11.50 -21.92 2.62
C GLN D 855 11.02 -21.98 1.16
N GLU D 856 11.81 -21.54 0.21
CA GLU D 856 11.57 -21.71 -1.22
C GLU D 856 11.58 -23.19 -1.62
N GLU D 857 12.53 -23.97 -1.04
CA GLU D 857 12.51 -25.42 -1.08
C GLU D 857 11.27 -26.03 -0.43
N GLU D 858 10.80 -25.47 0.73
CA GLU D 858 9.60 -25.90 1.43
C GLU D 858 8.34 -25.71 0.60
N MET D 859 8.14 -24.57 -0.08
CA MET D 859 7.05 -24.31 -1.02
C MET D 859 7.04 -25.24 -2.23
N GLN D 860 8.21 -25.56 -2.82
CA GLN D 860 8.32 -26.55 -3.87
C GLN D 860 7.96 -27.97 -3.40
N ALA D 861 8.45 -28.36 -2.21
CA ALA D 861 8.10 -29.62 -1.56
C ALA D 861 6.61 -29.73 -1.23
N LYS D 862 6.00 -28.68 -0.72
CA LYS D 862 4.58 -28.55 -0.52
C LYS D 862 3.77 -28.78 -1.78
N ASP D 863 3.98 -28.00 -2.87
CA ASP D 863 3.01 -28.02 -3.95
C ASP D 863 3.11 -29.25 -4.85
N GLU D 864 4.22 -30.03 -4.78
CA GLU D 864 4.28 -31.38 -5.34
C GLU D 864 3.19 -32.28 -4.78
N GLU D 865 3.12 -32.46 -3.47
CA GLU D 865 2.05 -33.16 -2.79
C GLU D 865 0.71 -32.45 -2.88
N LEU D 866 0.67 -31.12 -2.69
CA LEU D 866 -0.59 -30.38 -2.75
C LEU D 866 -1.26 -30.43 -4.11
N GLN D 867 -0.53 -30.51 -5.25
CA GLN D 867 -1.13 -30.80 -6.55
C GLN D 867 -1.83 -32.15 -6.62
N ARG D 868 -1.25 -33.22 -6.07
CA ARG D 868 -1.93 -34.49 -5.90
C ARG D 868 -3.09 -34.41 -4.90
N THR D 869 -2.92 -33.72 -3.75
CA THR D 869 -3.99 -33.48 -2.78
C THR D 869 -5.18 -32.70 -3.34
N LYS D 870 -4.95 -31.72 -4.24
CA LYS D 870 -5.98 -31.10 -5.09
C LYS D 870 -6.64 -32.09 -6.04
N GLU D 871 -5.89 -33.00 -6.70
CA GLU D 871 -6.40 -34.07 -7.55
C GLU D 871 -7.36 -35.01 -6.83
N ARG D 872 -7.02 -35.42 -5.59
CA ARG D 872 -7.85 -36.25 -4.75
C ARG D 872 -9.18 -35.60 -4.39
N GLN D 873 -9.18 -34.27 -4.11
CA GLN D 873 -10.41 -33.50 -3.95
C GLN D 873 -11.23 -33.41 -5.22
N GLN D 874 -10.54 -33.15 -6.42
CA GLN D 874 -11.19 -33.10 -7.72
C GLN D 874 -11.87 -34.41 -8.10
N LYS D 875 -11.22 -35.56 -7.84
CA LYS D 875 -11.79 -36.89 -8.00
C LYS D 875 -13.01 -37.08 -7.13
N ALA D 876 -12.93 -36.70 -5.84
CA ALA D 876 -14.04 -36.83 -4.91
C ALA D 876 -15.26 -35.99 -5.25
N GLU D 877 -15.05 -34.72 -5.62
CA GLU D 877 -16.12 -33.81 -6.04
C GLU D 877 -16.81 -34.26 -7.32
N ALA D 878 -16.05 -34.73 -8.33
CA ALA D 878 -16.59 -35.28 -9.57
C ALA D 878 -17.43 -36.56 -9.37
N GLU D 879 -16.96 -37.48 -8.50
CA GLU D 879 -17.68 -38.68 -8.09
C GLU D 879 -18.95 -38.35 -7.32
N LEU D 880 -18.91 -37.37 -6.38
CA LEU D 880 -20.04 -36.77 -5.70
C LEU D 880 -21.03 -36.12 -6.67
N LYS D 881 -20.55 -35.41 -7.71
CA LYS D 881 -21.35 -34.75 -8.74
C LYS D 881 -22.24 -35.68 -9.53
N GLU D 882 -21.73 -36.87 -9.88
CA GLU D 882 -22.46 -37.93 -10.55
C GLU D 882 -23.64 -38.41 -9.71
N LEU D 883 -23.42 -38.57 -8.40
CA LEU D 883 -24.45 -38.79 -7.38
C LEU D 883 -25.35 -37.60 -7.07
N GLU D 884 -24.80 -36.36 -7.02
CA GLU D 884 -25.47 -35.11 -6.70
C GLU D 884 -26.60 -34.78 -7.67
N GLN D 885 -26.37 -34.95 -9.00
CA GLN D 885 -27.42 -34.84 -10.00
C GLN D 885 -28.52 -35.89 -9.80
N LYS D 886 -28.11 -37.10 -9.54
CA LYS D 886 -29.06 -38.17 -9.32
C LYS D 886 -29.87 -38.04 -8.04
N HIS D 887 -29.28 -37.66 -6.91
CA HIS D 887 -30.06 -37.33 -5.73
C HIS D 887 -30.89 -36.07 -5.93
N THR D 888 -30.45 -35.08 -6.69
CA THR D 888 -31.30 -33.93 -7.02
C THR D 888 -32.58 -34.38 -7.72
N GLN D 889 -32.44 -35.25 -8.70
CA GLN D 889 -33.64 -35.86 -9.30
C GLN D 889 -34.45 -36.64 -8.29
N LEU D 890 -33.80 -37.47 -7.46
CA LEU D 890 -34.47 -38.26 -6.44
C LEU D 890 -34.98 -37.45 -5.26
N CYS D 891 -34.63 -36.16 -5.12
CA CYS D 891 -35.39 -35.25 -4.28
C CYS D 891 -36.73 -34.90 -4.90
N GLU D 892 -36.74 -34.52 -6.16
CA GLU D 892 -37.96 -34.20 -6.88
C GLU D 892 -38.94 -35.37 -6.95
N GLU D 893 -38.43 -36.57 -7.30
CA GLU D 893 -39.20 -37.83 -7.29
C GLU D 893 -39.77 -38.15 -5.92
N LYS D 894 -38.94 -38.04 -4.84
CA LYS D 894 -39.40 -38.27 -3.48
C LYS D 894 -40.42 -37.26 -3.00
N ASN D 895 -40.20 -35.87 -3.26
CA ASN D 895 -41.13 -34.85 -2.79
C ASN D 895 -42.54 -35.05 -3.30
N LEU D 896 -42.71 -35.26 -4.62
CA LEU D 896 -44.02 -35.48 -5.23
C LEU D 896 -44.66 -36.80 -4.80
N LEU D 897 -43.87 -37.90 -4.70
CA LEU D 897 -44.36 -39.14 -4.15
C LEU D 897 -44.77 -39.03 -2.68
N GLN D 898 -43.95 -38.30 -1.81
CA GLN D 898 -44.29 -38.03 -0.41
C GLN D 898 -45.58 -37.24 -0.23
N GLU D 899 -45.78 -36.19 -1.05
CA GLU D 899 -47.01 -35.42 -1.12
C GLU D 899 -48.22 -36.26 -1.48
N LYS D 900 -48.10 -37.09 -2.54
CA LYS D 900 -49.14 -38.01 -2.96
C LYS D 900 -49.45 -39.08 -1.92
N LEU D 901 -48.37 -39.71 -1.31
CA LEU D 901 -48.49 -40.71 -0.27
C LEU D 901 -49.16 -40.21 0.99
N GLN D 902 -48.87 -38.97 1.43
CA GLN D 902 -49.56 -38.34 2.54
C GLN D 902 -51.03 -38.06 2.22
N ALA D 903 -51.29 -37.38 1.07
CA ALA D 903 -52.62 -36.95 0.66
C ALA D 903 -53.61 -38.10 0.45
N GLU D 904 -53.08 -39.25 -0.07
CA GLU D 904 -53.86 -40.47 -0.22
C GLU D 904 -54.37 -41.01 1.11
N THR D 905 -53.56 -40.87 2.19
CA THR D 905 -53.92 -41.29 3.54
C THR D 905 -54.81 -40.33 4.32
N GLU D 906 -54.80 -39.02 4.00
CA GLU D 906 -55.54 -38.01 4.77
C GLU D 906 -57.05 -38.21 4.78
N LEU D 907 -57.58 -38.67 3.67
CA LEU D 907 -59.01 -38.94 3.59
C LEU D 907 -59.47 -40.13 4.45
N TYR D 908 -58.52 -40.99 4.90
CA TYR D 908 -58.83 -42.05 5.85
C TYR D 908 -59.08 -41.52 7.26
N ALA D 909 -58.72 -40.24 7.57
CA ALA D 909 -59.04 -39.63 8.84
C ALA D 909 -60.55 -39.51 9.09
N PHE E 1 38.25 -25.82 9.36
CA PHE E 1 36.89 -25.72 9.74
C PHE E 1 36.23 -27.07 9.74
N ASP E 2 35.00 -27.22 10.23
CA ASP E 2 34.30 -28.49 10.29
C ASP E 2 33.59 -28.85 8.98
N GLN E 3 33.04 -30.07 8.91
CA GLN E 3 32.26 -30.56 7.78
C GLN E 3 30.94 -29.81 7.59
N SER E 4 30.26 -29.46 8.70
CA SER E 4 29.03 -28.67 8.70
C SER E 4 29.26 -27.27 8.16
N GLN E 5 30.37 -26.62 8.61
CA GLN E 5 30.84 -25.36 8.09
C GLN E 5 31.16 -25.39 6.60
N ILE E 6 31.77 -26.48 6.09
CA ILE E 6 31.98 -26.68 4.65
C ILE E 6 30.67 -26.71 3.86
N GLN E 7 29.64 -27.42 4.35
CA GLN E 7 28.33 -27.46 3.70
C GLN E 7 27.61 -26.12 3.65
N GLU E 8 27.61 -25.33 4.75
CA GLU E 8 27.12 -23.96 4.73
C GLU E 8 27.91 -23.07 3.77
N PHE E 9 29.25 -23.17 3.82
CA PHE E 9 30.17 -22.38 3.02
C PHE E 9 30.06 -22.67 1.52
N LYS E 10 29.88 -23.95 1.14
CA LYS E 10 29.61 -24.36 -0.23
C LYS E 10 28.29 -23.77 -0.74
N GLU E 11 27.20 -23.81 0.05
CA GLU E 11 25.97 -23.12 -0.31
C GLU E 11 26.09 -21.60 -0.35
N ALA E 12 26.83 -20.96 0.58
CA ALA E 12 27.13 -19.55 0.50
C ALA E 12 27.94 -19.16 -0.73
N PHE E 13 28.97 -19.95 -1.13
CA PHE E 13 29.73 -19.76 -2.37
C PHE E 13 28.81 -19.81 -3.58
N ASN E 14 27.91 -20.82 -3.63
CA ASN E 14 26.88 -21.00 -4.64
C ASN E 14 25.94 -19.78 -4.75
N MET E 15 25.59 -19.12 -3.63
CA MET E 15 24.84 -17.87 -3.69
C MET E 15 25.65 -16.64 -4.10
N ILE E 16 26.94 -16.53 -3.66
CA ILE E 16 27.81 -15.38 -3.97
C ILE E 16 28.23 -15.31 -5.43
N ASP E 17 28.62 -16.46 -6.01
CA ASP E 17 28.80 -16.73 -7.43
C ASP E 17 27.46 -16.53 -8.14
N GLN E 18 27.28 -15.42 -8.89
CA GLN E 18 25.97 -14.99 -9.32
C GLN E 18 25.71 -15.45 -10.74
N ASN E 19 26.75 -15.44 -11.61
CA ASN E 19 26.64 -15.93 -12.97
C ASN E 19 27.24 -17.31 -13.20
N ARG E 20 27.74 -18.00 -12.15
CA ARG E 20 28.45 -19.28 -12.26
C ARG E 20 29.61 -19.38 -13.26
N ASP E 21 29.73 -20.53 -13.96
CA ASP E 21 30.96 -21.14 -14.45
C ASP E 21 31.68 -21.87 -13.32
N GLY E 22 32.36 -21.13 -12.42
CA GLY E 22 33.01 -21.72 -11.26
C GLY E 22 34.06 -20.83 -10.65
N PHE E 23 33.89 -19.51 -10.79
CA PHE E 23 34.76 -18.50 -10.26
C PHE E 23 33.88 -17.34 -9.88
N ILE E 24 34.39 -16.40 -9.07
CA ILE E 24 33.62 -15.24 -8.67
C ILE E 24 34.39 -14.03 -9.17
N ASP E 25 33.76 -13.08 -9.90
CA ASP E 25 34.43 -11.84 -10.29
C ASP E 25 33.75 -10.62 -9.65
N LYS E 26 34.13 -9.39 -10.05
CA LYS E 26 33.63 -8.15 -9.44
C LYS E 26 32.13 -8.00 -9.53
N GLU E 27 31.58 -8.29 -10.73
CA GLU E 27 30.19 -8.16 -11.08
C GLU E 27 29.29 -9.06 -10.25
N ASP E 28 29.74 -10.33 -9.95
CA ASP E 28 29.07 -11.25 -9.07
C ASP E 28 28.84 -10.68 -7.67
N LEU E 29 29.90 -10.09 -7.07
CA LEU E 29 29.77 -9.37 -5.82
C LEU E 29 28.92 -8.13 -5.95
N HIS E 30 29.15 -7.29 -6.98
CA HIS E 30 28.43 -6.03 -7.09
C HIS E 30 26.92 -6.19 -7.26
N ASP E 31 26.47 -7.14 -8.13
CA ASP E 31 25.05 -7.44 -8.26
C ASP E 31 24.45 -8.05 -6.98
N MET E 32 25.10 -9.09 -6.40
CA MET E 32 24.57 -9.78 -5.24
C MET E 32 24.51 -8.89 -3.99
N LEU E 33 25.56 -8.08 -3.74
CA LEU E 33 25.63 -7.14 -2.62
C LEU E 33 24.58 -6.04 -2.66
N ALA E 34 24.20 -5.57 -3.87
CA ALA E 34 23.06 -4.70 -4.12
C ALA E 34 21.73 -5.39 -3.86
N SER E 35 21.55 -6.65 -4.32
CA SER E 35 20.36 -7.45 -4.07
C SER E 35 20.09 -7.75 -2.60
N MET E 36 21.14 -8.07 -1.81
CA MET E 36 20.98 -8.30 -0.38
C MET E 36 21.24 -7.05 0.46
N GLY E 37 21.13 -5.84 -0.13
CA GLY E 37 21.08 -4.61 0.64
C GLY E 37 21.75 -3.44 0.02
N LYS E 38 22.47 -2.64 0.82
CA LYS E 38 23.34 -1.62 0.24
C LYS E 38 24.71 -2.25 0.02
N ASN E 39 25.21 -2.15 -1.22
CA ASN E 39 26.56 -2.42 -1.67
C ASN E 39 27.57 -1.50 -0.94
N PRO E 40 28.78 -1.86 -0.63
CA PRO E 40 29.85 -0.89 -0.36
C PRO E 40 30.35 -0.25 -1.65
N THR E 41 31.21 0.76 -1.54
CA THR E 41 31.96 1.38 -2.65
C THR E 41 32.94 0.45 -3.34
N ASP E 42 33.22 0.75 -4.62
CA ASP E 42 33.98 0.00 -5.61
C ASP E 42 35.42 -0.30 -5.22
N GLU E 43 36.04 0.67 -4.52
CA GLU E 43 37.18 0.55 -3.61
C GLU E 43 37.22 -0.73 -2.77
N TYR E 44 36.11 -1.06 -2.06
CA TYR E 44 35.97 -2.29 -1.29
C TYR E 44 35.75 -3.51 -2.17
N LEU E 45 35.07 -3.37 -3.33
CA LEU E 45 34.94 -4.44 -4.31
C LEU E 45 36.32 -4.86 -4.86
N GLU E 46 37.17 -3.85 -5.18
CA GLU E 46 38.55 -4.10 -5.54
C GLU E 46 39.43 -4.60 -4.39
N GLY E 47 39.32 -3.97 -3.19
CA GLY E 47 40.07 -4.35 -1.99
C GLY E 47 39.78 -5.74 -1.47
N MET E 48 38.56 -6.27 -1.71
CA MET E 48 38.19 -7.59 -1.26
C MET E 48 38.81 -8.71 -2.09
N MET E 49 39.29 -8.43 -3.33
CA MET E 49 39.93 -9.46 -4.12
C MET E 49 41.45 -9.48 -3.99
N SER E 50 42.06 -8.44 -3.39
CA SER E 50 43.51 -8.33 -3.30
C SER E 50 44.03 -8.88 -1.98
N GLU E 51 43.11 -9.33 -1.10
CA GLU E 51 43.38 -10.27 -0.03
C GLU E 51 43.81 -11.64 -0.55
N ALA E 52 43.18 -12.11 -1.66
CA ALA E 52 43.41 -13.42 -2.24
C ALA E 52 44.63 -13.43 -3.18
N PRO E 53 45.68 -14.24 -2.98
CA PRO E 53 46.85 -14.21 -3.89
C PRO E 53 46.60 -14.84 -5.25
N GLY E 54 45.42 -15.46 -5.49
CA GLY E 54 45.08 -16.02 -6.78
C GLY E 54 43.59 -15.86 -7.01
N PRO E 55 43.08 -16.25 -8.18
CA PRO E 55 41.65 -16.22 -8.52
C PRO E 55 40.68 -16.77 -7.46
N ILE E 56 39.55 -16.08 -7.24
CA ILE E 56 38.67 -16.37 -6.11
C ILE E 56 37.68 -17.51 -6.35
N ASN E 57 38.22 -18.70 -6.67
CA ASN E 57 37.48 -19.96 -6.72
C ASN E 57 37.14 -20.48 -5.32
N PHE E 58 36.34 -21.56 -5.25
CA PHE E 58 35.88 -22.15 -3.99
C PHE E 58 37.01 -22.51 -3.04
N THR E 59 38.10 -23.10 -3.53
CA THR E 59 39.30 -23.39 -2.74
C THR E 59 40.03 -22.17 -2.22
N MET E 60 40.20 -21.11 -3.03
CA MET E 60 40.83 -19.88 -2.59
C MET E 60 40.01 -19.14 -1.54
N PHE E 61 38.67 -19.04 -1.74
CA PHE E 61 37.76 -18.46 -0.77
C PHE E 61 37.74 -19.27 0.53
N LEU E 62 37.76 -20.62 0.44
CA LEU E 62 37.87 -21.51 1.59
C LEU E 62 39.19 -21.35 2.35
N THR E 63 40.34 -21.25 1.67
CA THR E 63 41.62 -20.94 2.33
C THR E 63 41.58 -19.57 2.99
N MET E 64 41.06 -18.52 2.28
CA MET E 64 40.97 -17.17 2.80
C MET E 64 40.09 -17.06 4.05
N PHE E 65 38.92 -17.72 4.03
CA PHE E 65 38.04 -17.90 5.17
C PHE E 65 38.66 -18.70 6.30
N GLY E 66 39.28 -19.86 5.99
CA GLY E 66 39.80 -20.77 6.99
C GLY E 66 41.04 -20.27 7.67
N GLU E 67 41.95 -19.56 6.92
CA GLU E 67 43.13 -18.94 7.46
C GLU E 67 42.81 -17.81 8.44
N LYS E 68 41.79 -17.00 8.13
CA LYS E 68 41.45 -15.86 8.96
C LYS E 68 40.50 -16.19 10.09
N LEU E 69 40.05 -17.46 10.21
CA LEU E 69 39.42 -18.01 11.41
C LEU E 69 40.37 -18.91 12.18
N ASN E 70 41.62 -19.18 11.61
CA ASN E 70 42.61 -20.03 12.26
C ASN E 70 43.17 -19.45 13.57
N GLY E 71 43.50 -18.15 13.58
CA GLY E 71 44.06 -17.48 14.76
C GLY E 71 43.01 -17.08 15.77
N THR E 72 42.46 -18.05 16.51
CA THR E 72 41.46 -17.81 17.55
C THR E 72 41.42 -19.02 18.49
N ASP E 73 40.79 -18.94 19.61
CA ASP E 73 40.75 -20.04 20.56
C ASP E 73 39.45 -20.87 20.41
N PRO E 74 39.43 -22.17 20.72
CA PRO E 74 38.21 -22.92 21.00
C PRO E 74 37.28 -22.33 22.08
N GLU E 75 35.95 -22.54 21.98
CA GLU E 75 35.00 -21.97 22.93
C GLU E 75 35.17 -22.43 24.37
N ASP E 76 35.56 -23.71 24.57
CA ASP E 76 35.81 -24.33 25.85
C ASP E 76 36.93 -23.64 26.66
N VAL E 77 37.96 -23.13 25.98
CA VAL E 77 38.99 -22.29 26.56
C VAL E 77 38.42 -20.97 27.10
N ILE E 78 37.49 -20.34 26.36
CA ILE E 78 36.76 -19.14 26.78
C ILE E 78 35.79 -19.43 27.92
N ARG E 79 35.06 -20.56 27.88
CA ARG E 79 34.17 -21.02 28.93
C ARG E 79 34.90 -21.22 30.25
N ASN E 80 36.09 -21.85 30.24
CA ASN E 80 36.93 -22.01 31.41
C ASN E 80 37.92 -20.85 31.58
N ALA E 81 37.70 -19.71 30.89
CA ALA E 81 38.37 -18.46 31.20
C ALA E 81 37.36 -17.44 31.75
N PHE E 82 36.06 -17.55 31.43
CA PHE E 82 35.01 -16.91 32.23
C PHE E 82 34.83 -17.62 33.55
N ALA E 83 34.72 -18.96 33.52
CA ALA E 83 34.65 -19.78 34.71
C ALA E 83 36.07 -20.04 35.20
N CYS E 84 36.54 -19.12 36.04
CA CYS E 84 37.89 -18.74 36.45
C CYS E 84 37.80 -17.27 36.86
N PHE E 85 36.61 -16.82 37.27
CA PHE E 85 36.40 -15.50 37.84
C PHE E 85 35.38 -15.55 38.99
N ASP E 86 34.40 -16.43 38.82
CA ASP E 86 33.43 -17.04 39.72
C ASP E 86 34.11 -17.95 40.73
N GLU E 87 33.61 -17.95 41.99
CA GLU E 87 34.05 -18.86 43.03
C GLU E 87 32.83 -19.36 43.82
N GLU E 88 31.63 -19.32 43.09
CA GLU E 88 30.34 -19.92 43.42
C GLU E 88 29.87 -20.31 42.01
N ALA E 89 28.95 -21.29 41.88
CA ALA E 89 28.63 -21.91 40.61
C ALA E 89 27.65 -21.12 39.75
N SER E 90 27.01 -20.06 40.30
CA SER E 90 26.21 -19.09 39.55
C SER E 90 27.05 -18.22 38.64
N GLY E 91 27.50 -18.82 37.51
CA GLY E 91 28.59 -18.33 36.65
C GLY E 91 28.34 -17.09 35.82
N PHE E 92 27.49 -16.15 36.27
CA PHE E 92 27.28 -14.87 35.61
C PHE E 92 28.33 -13.88 36.10
N ILE E 93 29.28 -13.49 35.22
CA ILE E 93 30.36 -12.59 35.63
C ILE E 93 29.89 -11.17 35.51
N HIS E 94 29.36 -10.61 36.62
CA HIS E 94 28.66 -9.33 36.68
C HIS E 94 29.45 -8.16 36.14
N GLU E 95 28.76 -7.26 35.41
CA GLU E 95 29.30 -5.98 34.98
C GLU E 95 29.74 -5.08 36.14
N ASP E 96 30.56 -4.07 35.82
CA ASP E 96 31.27 -3.24 36.77
C ASP E 96 32.50 -3.98 37.31
N HIS E 97 32.36 -5.27 37.76
CA HIS E 97 33.49 -6.18 37.85
C HIS E 97 34.07 -6.59 36.49
N LEU E 98 33.23 -7.09 35.55
CA LEU E 98 33.67 -7.49 34.22
C LEU E 98 34.11 -6.30 33.38
N ARG E 99 33.54 -5.11 33.68
CA ARG E 99 33.95 -3.84 33.09
C ARG E 99 35.41 -3.52 33.36
N GLU E 100 35.86 -3.59 34.67
CA GLU E 100 37.25 -3.38 35.08
C GLU E 100 38.21 -4.35 34.40
N LEU E 101 37.79 -5.63 34.25
CA LEU E 101 38.60 -6.66 33.61
C LEU E 101 38.80 -6.45 32.11
N LEU E 102 38.01 -5.58 31.46
CA LEU E 102 38.24 -5.19 30.08
C LEU E 102 38.74 -3.76 29.94
N THR E 103 38.47 -2.84 30.92
CA THR E 103 38.80 -1.42 30.75
C THR E 103 40.01 -0.93 31.52
N THR E 104 40.51 -1.66 32.54
CA THR E 104 41.60 -1.14 33.37
C THR E 104 42.58 -2.22 33.84
N MET E 105 42.16 -3.50 33.95
CA MET E 105 42.96 -4.55 34.55
C MET E 105 43.28 -5.67 33.57
N GLY E 106 43.35 -5.36 32.24
CA GLY E 106 43.86 -6.27 31.24
C GLY E 106 44.63 -5.43 30.28
N ASP E 107 44.96 -5.97 29.07
CA ASP E 107 45.14 -5.19 27.85
C ASP E 107 43.81 -4.41 27.66
N ARG E 108 43.89 -3.07 27.78
CA ARG E 108 42.75 -2.31 28.27
C ARG E 108 42.05 -1.61 27.12
N PHE E 109 40.91 -2.20 26.66
CA PHE E 109 40.14 -1.70 25.54
C PHE E 109 39.74 -0.24 25.68
N THR E 110 39.81 0.53 24.57
CA THR E 110 39.39 1.92 24.51
C THR E 110 37.87 1.99 24.38
N ASP E 111 37.29 3.18 24.58
CA ASP E 111 35.88 3.45 24.71
C ASP E 111 35.02 3.01 23.52
N GLU E 112 35.54 3.15 22.27
CA GLU E 112 34.97 2.62 21.04
C GLU E 112 34.84 1.10 20.99
N GLU E 113 35.90 0.37 21.38
CA GLU E 113 35.94 -1.10 21.42
C GLU E 113 34.95 -1.69 22.42
N VAL E 114 34.88 -1.12 23.64
CA VAL E 114 33.92 -1.56 24.64
C VAL E 114 32.47 -1.25 24.27
N ASP E 115 32.18 -0.10 23.59
CA ASP E 115 30.83 0.18 23.15
C ASP E 115 30.31 -0.81 22.12
N GLU E 116 31.14 -1.22 21.13
CA GLU E 116 30.80 -2.28 20.17
C GLU E 116 30.58 -3.63 20.85
N MET E 117 31.50 -4.02 21.77
CA MET E 117 31.42 -5.25 22.54
C MET E 117 30.15 -5.39 23.36
N TYR E 118 29.71 -4.31 24.06
CA TYR E 118 28.51 -4.35 24.87
C TYR E 118 27.27 -3.89 24.08
N ARG E 119 27.41 -3.57 22.77
CA ARG E 119 26.25 -3.37 21.92
C ARG E 119 25.88 -4.64 21.16
N GLU E 120 26.87 -5.46 20.72
CA GLU E 120 26.58 -6.74 20.10
C GLU E 120 26.36 -7.87 21.10
N ALA E 121 26.75 -7.66 22.40
CA ALA E 121 26.43 -8.56 23.50
C ALA E 121 25.44 -7.87 24.45
N PRO E 122 24.18 -8.29 24.56
CA PRO E 122 23.19 -7.58 25.38
C PRO E 122 23.45 -7.42 26.88
N ILE E 123 24.12 -6.32 27.26
CA ILE E 123 23.86 -5.64 28.52
C ILE E 123 22.63 -4.78 28.29
N ASP E 124 21.51 -5.15 28.92
CA ASP E 124 20.17 -4.93 28.41
C ASP E 124 19.63 -3.51 28.16
N LYS E 125 20.30 -2.54 28.78
CA LYS E 125 20.63 -2.22 30.17
C LYS E 125 20.11 -2.65 31.54
N LYS E 126 18.89 -3.12 31.69
CA LYS E 126 18.33 -3.57 32.96
C LYS E 126 18.75 -4.97 33.40
N GLY E 127 18.84 -5.93 32.46
CA GLY E 127 19.41 -7.26 32.68
C GLY E 127 20.91 -7.28 32.72
N ASN E 128 21.47 -8.00 33.69
CA ASN E 128 22.88 -8.12 33.99
C ASN E 128 23.67 -9.07 33.08
N PHE E 129 24.98 -8.79 32.92
CA PHE E 129 25.92 -9.70 32.29
C PHE E 129 26.24 -10.88 33.24
N ASN E 130 26.47 -11.61 32.15
CA ASN E 130 26.39 -12.99 31.68
C ASN E 130 27.66 -13.59 31.11
N TYR E 131 27.59 -14.80 30.56
CA TYR E 131 28.63 -15.81 30.41
C TYR E 131 28.69 -16.44 29.02
N VAL E 132 28.35 -17.76 28.92
CA VAL E 132 28.65 -18.62 27.79
C VAL E 132 27.91 -18.32 26.51
N GLU E 133 26.75 -17.60 26.52
CA GLU E 133 26.14 -17.17 25.26
C GLU E 133 26.90 -16.05 24.58
N PHE E 134 27.72 -15.33 25.36
CA PHE E 134 28.71 -14.37 24.85
C PHE E 134 30.08 -15.02 24.78
N THR E 135 30.09 -16.36 24.66
CA THR E 135 31.20 -17.14 24.14
C THR E 135 30.78 -17.72 22.80
N ARG E 136 29.50 -18.17 22.69
CA ARG E 136 28.93 -18.66 21.44
C ARG E 136 28.79 -17.59 20.36
N ILE E 137 28.32 -16.37 20.73
CA ILE E 137 28.31 -15.16 19.90
C ILE E 137 29.72 -14.75 19.47
N LEU E 138 30.71 -14.83 20.39
CA LEU E 138 32.11 -14.57 20.11
C LEU E 138 32.66 -15.52 19.04
N LYS E 139 32.34 -16.83 19.12
CA LYS E 139 32.90 -17.80 18.20
C LYS E 139 32.18 -18.05 16.87
N HIS E 140 30.88 -18.37 16.95
CA HIS E 140 30.01 -18.90 15.90
C HIS E 140 29.13 -19.99 16.49
N GLY E 141 27.83 -19.94 16.13
CA GLY E 141 26.74 -20.72 16.69
C GLY E 141 25.61 -19.80 17.06
N ALA E 142 25.85 -18.49 16.85
CA ALA E 142 24.91 -17.41 17.02
C ALA E 142 25.49 -16.28 16.18
N LYS E 143 25.24 -14.98 16.31
CA LYS E 143 25.25 -14.03 15.19
C LYS E 143 26.16 -12.81 15.25
N PHE F 1 72.82 -6.99 46.88
CA PHE F 1 72.33 -7.91 45.85
C PHE F 1 73.32 -8.17 44.72
N SER F 2 73.32 -9.34 44.10
CA SER F 2 74.00 -9.63 42.85
C SER F 2 73.08 -9.34 41.66
N GLU F 3 73.63 -9.10 40.45
CA GLU F 3 72.83 -8.88 39.24
C GLU F 3 71.98 -10.09 38.84
N GLU F 4 72.54 -11.30 38.96
CA GLU F 4 71.89 -12.62 38.99
C GLU F 4 70.47 -12.64 39.55
N GLN F 5 70.30 -12.41 40.88
CA GLN F 5 68.98 -12.33 41.49
C GLN F 5 68.26 -11.00 41.23
N THR F 6 68.98 -9.89 40.97
CA THR F 6 68.35 -8.62 40.62
C THR F 6 67.61 -8.71 39.28
N ALA F 7 68.13 -9.50 38.32
CA ALA F 7 67.47 -9.88 37.10
C ALA F 7 66.18 -10.65 37.32
N GLU F 8 66.15 -11.62 38.27
CA GLU F 8 64.94 -12.30 38.68
C GLU F 8 63.88 -11.35 39.25
N PHE F 9 64.33 -10.38 40.08
CA PHE F 9 63.49 -9.34 40.66
C PHE F 9 62.85 -8.44 39.60
N LYS F 10 63.53 -8.20 38.45
CA LYS F 10 62.94 -7.52 37.31
C LYS F 10 61.76 -8.30 36.72
N GLU F 11 61.91 -9.62 36.51
CA GLU F 11 60.86 -10.49 35.99
C GLU F 11 59.64 -10.55 36.91
N ALA F 12 59.86 -10.70 38.22
CA ALA F 12 58.81 -10.64 39.22
C ALA F 12 58.11 -9.29 39.31
N PHE F 13 58.87 -8.17 39.25
CA PHE F 13 58.32 -6.83 39.20
C PHE F 13 57.44 -6.59 37.97
N GLN F 14 57.83 -7.13 36.79
CA GLN F 14 57.00 -7.04 35.59
C GLN F 14 55.72 -7.87 35.69
N LEU F 15 55.68 -8.84 36.62
CA LEU F 15 54.56 -9.75 36.77
C LEU F 15 53.49 -9.22 37.75
N PHE F 16 53.69 -7.97 38.25
CA PHE F 16 52.68 -7.31 39.07
C PHE F 16 52.06 -6.09 38.41
N ASP F 17 52.48 -5.70 37.17
CA ASP F 17 51.67 -4.78 36.38
C ASP F 17 50.42 -5.54 35.92
N ARG F 18 49.29 -4.83 35.82
CA ARG F 18 48.02 -5.36 35.38
C ARG F 18 47.69 -4.78 34.02
N THR F 19 48.59 -3.87 33.51
CA THR F 19 48.27 -3.02 32.37
C THR F 19 49.34 -3.15 31.32
N GLY F 20 50.43 -2.36 31.43
CA GLY F 20 51.57 -2.46 30.53
C GLY F 20 52.43 -1.24 30.47
N ASP F 21 52.46 -0.41 31.53
CA ASP F 21 53.27 0.80 31.53
C ASP F 21 54.33 0.78 32.64
N GLY F 22 54.40 -0.43 33.24
CA GLY F 22 55.61 -0.84 33.96
C GLY F 22 55.66 -0.31 35.35
N LYS F 23 54.49 -0.08 35.97
CA LYS F 23 54.39 0.59 37.25
C LYS F 23 53.61 -0.22 38.28
N ILE F 24 54.20 -0.35 39.49
CA ILE F 24 53.59 -1.03 40.60
C ILE F 24 53.06 0.05 41.53
N LEU F 25 51.80 -0.05 41.94
CA LEU F 25 51.21 0.87 42.90
C LEU F 25 51.79 0.78 44.30
N TYR F 26 51.75 1.88 45.07
CA TYR F 26 52.19 1.91 46.46
C TYR F 26 51.41 0.94 47.34
N SER F 27 50.10 0.77 47.07
CA SER F 27 49.25 -0.29 47.63
C SER F 27 49.73 -1.71 47.35
N GLN F 28 50.30 -1.96 46.18
CA GLN F 28 50.80 -3.28 45.85
C GLN F 28 52.19 -3.55 46.38
N CYS F 29 52.95 -2.51 46.81
CA CYS F 29 54.40 -2.60 47.05
C CYS F 29 54.81 -3.67 48.06
N GLY F 30 54.09 -3.81 49.18
CA GLY F 30 54.42 -4.81 50.21
C GLY F 30 54.34 -6.23 49.72
N ASP F 31 53.44 -6.46 48.84
CA ASP F 31 53.09 -7.81 48.42
C ASP F 31 53.92 -8.21 47.19
N VAL F 32 54.55 -7.23 46.50
CA VAL F 32 55.69 -7.49 45.61
C VAL F 32 56.93 -7.93 46.36
N MET F 33 57.25 -7.24 47.47
CA MET F 33 58.38 -7.59 48.34
C MET F 33 58.20 -8.94 49.00
N ARG F 34 56.98 -9.28 49.45
CA ARG F 34 56.60 -10.60 49.92
C ARG F 34 56.65 -11.70 48.86
N ALA F 35 56.35 -11.40 47.58
CA ALA F 35 56.55 -12.34 46.48
C ALA F 35 58.00 -12.78 46.33
N LEU F 36 58.94 -11.81 46.41
CA LEU F 36 60.38 -12.03 46.47
C LEU F 36 60.83 -12.40 47.89
N GLY F 37 60.13 -13.30 48.44
CA GLY F 37 60.51 -13.99 49.67
C GLY F 37 60.31 -13.28 50.98
N GLN F 38 60.47 -11.94 51.02
CA GLN F 38 60.54 -11.15 52.23
C GLN F 38 59.29 -11.22 53.12
N ASN F 39 59.45 -11.03 54.43
CA ASN F 39 58.32 -11.08 55.37
C ASN F 39 58.17 -9.79 56.17
N PRO F 40 58.00 -8.61 55.59
CA PRO F 40 57.98 -7.36 56.36
C PRO F 40 56.64 -7.11 57.05
N THR F 41 56.70 -6.48 58.23
CA THR F 41 55.58 -5.79 58.86
C THR F 41 55.04 -4.67 57.98
N ASN F 42 53.76 -4.33 58.15
CA ASN F 42 53.13 -3.24 57.43
C ASN F 42 53.81 -1.88 57.72
N ALA F 43 54.14 -1.65 58.91
CA ALA F 43 54.91 -0.49 59.32
C ALA F 43 56.38 -0.45 58.84
N GLU F 44 57.02 -1.58 58.52
CA GLU F 44 58.29 -1.59 57.79
C GLU F 44 58.18 -1.17 56.34
N VAL F 45 57.17 -1.63 55.58
CA VAL F 45 56.93 -1.14 54.21
C VAL F 45 56.54 0.33 54.16
N MET F 46 55.63 0.76 55.00
CA MET F 46 55.04 2.10 55.00
C MET F 46 56.05 3.22 55.15
N LYS F 47 57.05 2.98 56.01
CA LYS F 47 58.19 3.80 56.35
C LYS F 47 59.09 4.12 55.16
N VAL F 48 59.35 3.13 54.27
CA VAL F 48 60.18 3.30 53.09
C VAL F 48 59.41 3.94 51.95
N LEU F 49 58.06 3.93 52.01
CA LEU F 49 57.20 4.64 51.06
C LEU F 49 56.92 6.06 51.56
N GLY F 50 57.51 6.47 52.71
CA GLY F 50 57.42 7.82 53.24
C GLY F 50 56.21 8.15 54.08
N ASN F 51 55.47 7.12 54.53
CA ASN F 51 54.20 7.24 55.24
C ASN F 51 53.04 7.88 54.47
N PRO F 52 52.67 7.44 53.24
CA PRO F 52 51.49 7.96 52.55
C PRO F 52 50.17 7.62 53.22
N LYS F 53 49.11 8.37 52.90
CA LYS F 53 47.74 8.05 53.28
C LYS F 53 47.09 7.01 52.37
N SER F 54 45.93 6.46 52.78
CA SER F 54 45.20 5.42 52.05
C SER F 54 44.75 5.79 50.65
N ASP F 55 44.33 7.06 50.44
CA ASP F 55 43.91 7.57 49.13
C ASP F 55 45.04 7.60 48.08
N GLU F 56 46.19 8.18 48.43
CA GLU F 56 47.36 8.31 47.59
C GLU F 56 48.15 7.00 47.45
N MET F 57 47.94 5.99 48.32
CA MET F 57 48.48 4.65 48.13
C MET F 57 47.99 3.95 46.87
N ASN F 58 46.70 4.16 46.43
CA ASN F 58 46.17 3.72 45.15
C ASN F 58 46.84 4.45 43.97
N LEU F 59 47.04 5.78 44.10
CA LEU F 59 47.41 6.62 42.98
C LEU F 59 48.91 6.80 42.79
N LYS F 60 49.75 6.51 43.81
CA LYS F 60 51.19 6.67 43.67
C LYS F 60 51.85 5.41 43.14
N THR F 61 52.82 5.60 42.19
CA THR F 61 53.38 4.54 41.38
C THR F 61 54.88 4.40 41.56
N LEU F 62 55.39 3.16 41.63
CA LEU F 62 56.80 2.85 41.65
C LEU F 62 57.22 2.17 40.35
N LYS F 63 58.38 2.58 39.80
CA LYS F 63 59.17 1.82 38.86
C LYS F 63 60.17 0.93 39.57
N PHE F 64 60.83 0.01 38.79
CA PHE F 64 61.82 -0.92 39.32
C PHE F 64 63.05 -0.24 39.95
N GLU F 65 63.59 0.84 39.35
CA GLU F 65 64.81 1.46 39.82
C GLU F 65 64.64 2.06 41.21
N GLN F 66 63.46 2.67 41.48
CA GLN F 66 63.08 3.18 42.79
C GLN F 66 62.52 2.14 43.75
N PHE F 67 61.89 1.05 43.28
CA PHE F 67 61.51 -0.10 44.09
C PHE F 67 62.74 -0.85 44.63
N LEU F 68 63.79 -1.03 43.81
CA LEU F 68 64.98 -1.78 44.16
C LEU F 68 65.75 -1.31 45.41
N PRO F 69 66.02 -0.02 45.73
CA PRO F 69 66.59 0.36 47.00
C PRO F 69 65.69 0.06 48.18
N MET F 70 64.33 0.04 48.02
CA MET F 70 63.41 -0.37 49.07
C MET F 70 63.59 -1.84 49.45
N MET F 71 63.77 -2.71 48.44
CA MET F 71 64.16 -4.10 48.62
C MET F 71 65.49 -4.22 49.38
N GLN F 72 66.50 -3.43 49.00
CA GLN F 72 67.77 -3.39 49.69
C GLN F 72 67.70 -2.87 51.13
N THR F 73 66.86 -1.86 51.45
CA THR F 73 66.63 -1.46 52.83
C THR F 73 65.96 -2.52 53.69
N ILE F 74 64.89 -3.19 53.20
CA ILE F 74 64.15 -4.15 54.03
C ILE F 74 64.83 -5.52 54.07
N ALA F 75 65.72 -5.83 53.10
CA ALA F 75 66.50 -7.06 53.08
C ALA F 75 67.41 -7.28 54.29
N LYS F 76 68.17 -6.22 54.71
CA LYS F 76 68.87 -6.29 55.99
C LYS F 76 68.13 -5.53 57.07
N ASN F 77 67.31 -6.29 57.81
CA ASN F 77 66.66 -5.90 59.04
C ASN F 77 67.59 -6.23 60.20
N LYS F 78 67.19 -5.84 61.42
CA LYS F 78 67.99 -5.94 62.63
C LYS F 78 67.62 -7.12 63.52
N ASP F 79 66.72 -7.99 63.00
CA ASP F 79 66.11 -9.08 63.72
C ASP F 79 65.48 -9.94 62.62
N GLN F 80 64.96 -11.13 62.96
CA GLN F 80 64.00 -11.84 62.15
C GLN F 80 63.41 -12.87 63.10
N GLY F 81 62.23 -13.46 62.80
CA GLY F 81 61.63 -14.48 63.65
C GLY F 81 62.22 -15.86 63.61
N CYS F 82 61.76 -16.79 64.43
CA CYS F 82 62.17 -18.18 64.44
C CYS F 82 61.00 -19.11 64.75
N PHE F 83 61.26 -20.31 65.27
CA PHE F 83 60.22 -21.26 65.60
C PHE F 83 59.99 -21.18 67.10
N GLU F 84 61.10 -21.02 67.83
CA GLU F 84 61.30 -21.01 69.25
C GLU F 84 60.49 -19.94 69.98
N ASP F 85 60.47 -18.69 69.43
CA ASP F 85 59.63 -17.63 69.92
C ASP F 85 58.16 -17.80 69.55
N TYR F 86 57.88 -18.12 68.28
CA TYR F 86 56.56 -18.16 67.71
C TYR F 86 55.63 -19.25 68.24
N VAL F 87 56.14 -20.45 68.57
CA VAL F 87 55.35 -21.40 69.33
C VAL F 87 55.07 -20.98 70.77
N GLU F 88 56.02 -20.28 71.41
CA GLU F 88 55.84 -19.84 72.79
C GLU F 88 54.63 -18.92 72.96
N GLY F 89 54.45 -17.96 72.03
CA GLY F 89 53.25 -17.11 72.05
C GLY F 89 51.94 -17.82 71.75
N LEU F 90 51.92 -18.84 70.86
CA LEU F 90 50.71 -19.58 70.58
C LEU F 90 50.37 -20.60 71.66
N ARG F 91 51.37 -21.10 72.40
CA ARG F 91 51.16 -22.09 73.45
C ARG F 91 50.47 -21.51 74.69
N VAL F 92 50.45 -20.18 74.84
CA VAL F 92 49.63 -19.47 75.83
C VAL F 92 48.14 -19.78 75.68
N PHE F 93 47.68 -19.99 74.44
CA PHE F 93 46.29 -20.28 74.13
C PHE F 93 46.02 -21.79 74.03
N ASP F 94 47.01 -22.63 74.42
CA ASP F 94 46.80 -24.06 74.48
C ASP F 94 46.23 -24.37 75.87
N LYS F 95 44.91 -24.65 75.91
CA LYS F 95 44.05 -24.66 77.07
C LYS F 95 44.42 -25.64 78.19
N GLU F 96 44.88 -26.86 77.86
CA GLU F 96 45.39 -27.83 78.82
C GLU F 96 46.87 -28.10 78.60
N GLY F 97 47.43 -27.73 77.45
CA GLY F 97 48.81 -28.13 77.13
C GLY F 97 48.88 -29.19 76.08
N ASN F 98 47.77 -29.37 75.35
CA ASN F 98 47.42 -30.40 74.39
C ASN F 98 48.39 -30.51 73.22
N GLY F 99 48.97 -29.36 72.80
CA GLY F 99 49.69 -29.22 71.55
C GLY F 99 48.80 -28.62 70.49
N THR F 100 47.56 -28.18 70.92
CA THR F 100 46.54 -27.69 70.00
C THR F 100 45.78 -26.50 70.56
N VAL F 101 45.51 -25.49 69.72
CA VAL F 101 44.70 -24.32 70.05
C VAL F 101 43.34 -24.49 69.36
N MET F 102 42.21 -24.07 69.97
CA MET F 102 40.93 -24.14 69.27
C MET F 102 40.87 -23.15 68.11
N GLY F 103 40.32 -23.57 66.93
CA GLY F 103 40.35 -22.78 65.70
C GLY F 103 39.65 -21.44 65.78
N ALA F 104 38.64 -21.33 66.67
CA ALA F 104 38.00 -20.06 67.01
C ALA F 104 38.92 -19.06 67.73
N GLU F 105 39.70 -19.52 68.73
CA GLU F 105 40.65 -18.70 69.48
C GLU F 105 41.77 -18.20 68.59
N ILE F 106 42.34 -19.08 67.69
CA ILE F 106 43.37 -18.71 66.73
C ILE F 106 42.89 -17.69 65.70
N ARG F 107 41.64 -17.85 65.16
CA ARG F 107 41.01 -16.84 64.33
C ARG F 107 40.85 -15.51 65.07
N HIS F 108 40.46 -15.54 66.34
CA HIS F 108 40.19 -14.36 67.15
C HIS F 108 41.42 -13.57 67.59
N VAL F 109 42.55 -14.21 67.87
CA VAL F 109 43.77 -13.53 68.30
C VAL F 109 44.46 -12.75 67.18
N LEU F 110 44.58 -13.35 65.99
CA LEU F 110 45.20 -12.74 64.83
C LEU F 110 44.44 -11.51 64.32
N VAL F 111 43.09 -11.54 64.33
CA VAL F 111 42.26 -10.39 64.06
C VAL F 111 42.34 -9.32 65.15
N THR F 112 42.28 -9.69 66.47
CA THR F 112 42.18 -8.68 67.54
C THR F 112 43.47 -8.01 67.95
N LEU F 113 44.66 -8.65 67.80
CA LEU F 113 45.92 -8.15 68.33
C LEU F 113 46.84 -7.70 67.19
N GLY F 114 47.86 -6.86 67.52
CA GLY F 114 48.90 -6.36 66.62
C GLY F 114 48.53 -5.84 65.27
N GLU F 115 49.15 -6.37 64.10
CA GLU F 115 48.87 -5.95 62.72
C GLU F 115 47.61 -6.55 62.11
N LYS F 116 46.57 -6.71 62.97
CA LYS F 116 45.18 -7.08 62.76
C LYS F 116 44.73 -7.51 61.38
N MET F 117 44.61 -8.83 61.17
CA MET F 117 44.17 -9.42 59.93
C MET F 117 42.67 -9.29 59.73
N THR F 118 42.25 -9.39 58.42
CA THR F 118 40.80 -9.55 58.14
C THR F 118 40.36 -10.96 58.51
N GLU F 119 39.04 -11.17 58.60
CA GLU F 119 38.40 -12.46 58.76
C GLU F 119 38.73 -13.41 57.60
N GLU F 120 38.80 -12.90 56.36
CA GLU F 120 39.22 -13.64 55.18
C GLU F 120 40.67 -14.13 55.23
N GLU F 121 41.59 -13.28 55.73
CA GLU F 121 42.99 -13.65 55.87
C GLU F 121 43.22 -14.80 56.84
N VAL F 122 42.56 -14.78 58.02
CA VAL F 122 42.64 -15.87 58.96
C VAL F 122 41.97 -17.15 58.48
N GLU F 123 40.80 -17.05 57.82
CA GLU F 123 40.09 -18.22 57.29
C GLU F 123 40.90 -18.98 56.24
N GLN F 124 41.53 -18.22 55.26
CA GLN F 124 42.46 -18.77 54.29
C GLN F 124 43.72 -19.39 54.90
N LEU F 125 44.26 -18.80 55.98
CA LEU F 125 45.39 -19.33 56.71
C LEU F 125 45.13 -20.66 57.43
N VAL F 126 44.00 -20.79 58.15
CA VAL F 126 43.86 -21.88 59.11
C VAL F 126 43.09 -23.08 58.56
N ALA F 127 42.29 -22.89 57.48
CA ALA F 127 41.46 -23.94 56.93
C ALA F 127 42.20 -25.19 56.46
N GLY F 128 41.67 -26.38 56.81
CA GLY F 128 42.29 -27.67 56.53
C GLY F 128 43.38 -28.10 57.48
N HIS F 129 43.76 -27.25 58.43
CA HIS F 129 44.65 -27.61 59.53
C HIS F 129 43.92 -27.82 60.85
N GLU F 130 42.62 -27.55 60.90
CA GLU F 130 41.80 -27.74 62.08
C GLU F 130 41.08 -29.06 61.90
N ASP F 131 41.03 -29.90 62.96
CA ASP F 131 40.62 -31.29 62.84
C ASP F 131 39.08 -31.51 62.78
N SER F 132 38.58 -32.64 63.31
CA SER F 132 37.14 -32.84 63.50
C SER F 132 36.56 -32.07 64.68
N ASN F 133 37.42 -31.79 65.70
CA ASN F 133 37.08 -31.03 66.89
C ASN F 133 37.40 -29.55 66.73
N GLY F 134 37.92 -29.16 65.55
CA GLY F 134 38.23 -27.77 65.22
C GLY F 134 39.48 -27.30 65.94
N CYS F 135 40.44 -28.21 66.13
CA CYS F 135 41.64 -27.97 66.90
C CYS F 135 42.88 -27.98 66.01
N ILE F 136 43.79 -26.99 66.20
CA ILE F 136 44.92 -26.73 65.32
C ILE F 136 46.20 -26.91 66.10
N ASN F 137 47.07 -27.82 65.62
CA ASN F 137 48.43 -27.97 66.11
C ASN F 137 49.27 -26.75 65.72
N TYR F 138 49.68 -25.92 66.71
CA TYR F 138 50.45 -24.71 66.47
C TYR F 138 51.84 -24.97 65.90
N GLU F 139 52.54 -26.05 66.38
CA GLU F 139 53.77 -26.59 65.81
C GLU F 139 53.82 -26.62 64.27
N GLU F 140 52.94 -27.41 63.63
CA GLU F 140 52.89 -27.45 62.17
C GLU F 140 52.35 -26.19 61.52
N LEU F 141 51.45 -25.43 62.19
CA LEU F 141 50.98 -24.14 61.70
C LEU F 141 52.11 -23.11 61.56
N VAL F 142 53.07 -23.05 62.56
CA VAL F 142 54.28 -22.25 62.46
C VAL F 142 55.21 -22.73 61.34
N ARG F 143 55.45 -24.06 61.21
CA ARG F 143 56.23 -24.64 60.11
C ARG F 143 55.65 -24.36 58.72
N MET F 144 54.31 -24.39 58.60
CA MET F 144 53.57 -24.03 57.39
C MET F 144 53.80 -22.60 56.90
N VAL F 145 53.78 -21.59 57.82
CA VAL F 145 54.08 -20.21 57.42
C VAL F 145 55.56 -19.95 57.22
N LEU F 146 56.44 -20.43 58.15
CA LEU F 146 57.88 -20.17 58.07
C LEU F 146 58.57 -20.82 56.89
N SER F 147 58.27 -22.10 56.62
CA SER F 147 59.06 -22.92 55.70
C SER F 147 58.38 -23.10 54.37
N GLY F 148 57.09 -22.99 54.06
CA GLY F 148 56.73 -22.40 52.77
C GLY F 148 55.25 -22.69 52.55
#